data_6M2T
#
_entry.id   6M2T
#
_cell.length_a   98.046
_cell.length_b   95.143
_cell.length_c   119.524
_cell.angle_alpha   90.00
_cell.angle_beta   110.58
_cell.angle_gamma   90.00
#
_symmetry.space_group_name_H-M   'P 1 21 1'
#
loop_
_entity.id
_entity.type
_entity.pdbx_description
1 polymer 'Benzoate-coenzyme A ligase'
2 non-polymer 'ADENOSINE MONOPHOSPHATE'
3 non-polymer '2-methyl-1,3-thiazole-5-carboxylic acid'
4 water water
#
_entity_poly.entity_id   1
_entity_poly.type   'polypeptide(L)'
_entity_poly.pdbx_seq_one_letter_code
;MNAAAVTPPPEKFNFAEHLLQTNRVRPDKTAFVDDISSLSFAQLEAQTRQLAAALRAIGVKREERVLLLMLDGTDWPVAF
LGAIYAGIVPVAVNTLLTADDYAYMLEHSRAQAVLVSGALHPVLKAALTKSDHEVQRVIVSRPAAPLEPGEVDFAEFVGA
HAPLEKPAATQADDPAFWLYSSGSTGRPKGVVHTHANPYWTSELYGRNTLHLREDDVCFSAAKLFFAYGLGNALTFPMTV
GATTLLMGERPTPDAVFKRWLGGVGGVKPTVFYGAPTGYAGMLAAPNLPSRDQVALRLASSAGEALPAEIGQRFQRHFGL
DIVDGIGSTEMLAAFLSNLPDRVRYGTTGWPVPGYQIELRGDGGGPVADGEPGDLYIHGPSSATMYWGNRAKSRDTFQGG
WTKSGDKYVRNDDGSYTYAGRTDDMLKVSGIYVSPFEIEATLVQHPGVLEAAVVGVADEHGLTKPKAYVVPRPGQTLSET
ELKTFIKDRLAPYKYPRSTVFVAELPKTATGKIQRFKLREGVLG
;
_entity_poly.pdbx_strand_id   A,B,C,D
#
# COMPACT_ATOMS: atom_id res chain seq x y z
N VAL A 6 7.60 -44.31 -4.73
CA VAL A 6 7.78 -42.91 -5.26
C VAL A 6 7.86 -42.98 -6.79
N THR A 7 6.91 -42.34 -7.48
CA THR A 7 6.89 -42.32 -8.96
C THR A 7 7.96 -41.36 -9.49
N PRO A 8 8.87 -41.87 -10.33
CA PRO A 8 9.94 -41.03 -10.89
C PRO A 8 9.39 -39.74 -11.47
N PRO A 9 10.20 -38.69 -11.55
CA PRO A 9 9.73 -37.47 -12.21
C PRO A 9 9.61 -37.70 -13.70
N PRO A 10 8.70 -37.00 -14.38
CA PRO A 10 8.60 -37.16 -15.84
C PRO A 10 9.90 -36.75 -16.51
N GLU A 11 10.08 -37.21 -17.75
CA GLU A 11 11.36 -36.93 -18.40
C GLU A 11 11.49 -35.47 -18.78
N LYS A 12 10.39 -34.82 -19.15
CA LYS A 12 10.32 -33.37 -19.24
C LYS A 12 9.95 -32.86 -17.86
N PHE A 13 10.86 -32.07 -17.26
CA PHE A 13 10.78 -31.75 -15.84
C PHE A 13 11.65 -30.55 -15.58
N ASN A 14 11.08 -29.54 -14.92
CA ASN A 14 11.80 -28.38 -14.43
C ASN A 14 11.53 -28.30 -12.93
N PHE A 15 12.56 -28.53 -12.13
CA PHE A 15 12.40 -28.55 -10.69
C PHE A 15 11.73 -27.32 -10.11
N ALA A 16 12.14 -26.14 -10.57
CA ALA A 16 11.53 -24.92 -10.03
C ALA A 16 10.04 -24.88 -10.33
N GLU A 17 9.65 -25.16 -11.57
CA GLU A 17 8.23 -25.18 -11.89
C GLU A 17 7.50 -26.22 -11.06
N HIS A 18 8.14 -27.36 -10.80
CA HIS A 18 7.52 -28.40 -9.97
C HIS A 18 7.21 -27.90 -8.56
N LEU A 19 8.16 -27.18 -7.97
CA LEU A 19 7.97 -26.66 -6.63
C LEU A 19 6.87 -25.59 -6.62
N LEU A 20 6.80 -24.79 -7.67
CA LEU A 20 5.78 -23.74 -7.76
C LEU A 20 4.40 -24.36 -7.91
N GLN A 21 4.24 -25.28 -8.87
CA GLN A 21 2.97 -25.96 -9.08
C GLN A 21 2.45 -26.63 -7.81
N THR A 22 3.33 -27.38 -7.13
CA THR A 22 2.96 -28.06 -5.89
C THR A 22 2.25 -27.13 -4.90
N ASN A 23 2.60 -25.85 -4.90
CA ASN A 23 2.08 -24.93 -3.89
C ASN A 23 1.03 -23.97 -4.43
N ARG A 24 0.55 -24.19 -5.65
CA ARG A 24 -0.53 -23.33 -6.13
C ARG A 24 -1.80 -23.54 -5.33
N VAL A 25 -1.88 -24.61 -4.54
CA VAL A 25 -3.04 -24.80 -3.66
C VAL A 25 -2.99 -23.97 -2.39
N ARG A 26 -1.84 -23.36 -2.06
CA ARG A 26 -1.71 -22.62 -0.81
C ARG A 26 -1.09 -21.25 -1.09
N PRO A 27 -1.70 -20.45 -1.96
CA PRO A 27 -1.05 -19.18 -2.37
C PRO A 27 -0.73 -18.25 -1.21
N ASP A 28 -1.55 -18.20 -0.16
CA ASP A 28 -1.37 -17.18 0.87
C ASP A 28 -0.69 -17.69 2.13
N LYS A 29 -0.32 -18.98 2.19
CA LYS A 29 0.53 -19.45 3.27
C LYS A 29 1.94 -18.87 3.15
N THR A 30 2.59 -18.64 4.29
CA THR A 30 3.96 -18.13 4.27
C THR A 30 4.92 -19.20 3.77
N ALA A 31 5.69 -18.88 2.74
CA ALA A 31 6.68 -19.82 2.24
C ALA A 31 8.02 -19.62 2.95
N PHE A 32 8.48 -18.37 3.01
CA PHE A 32 9.74 -18.04 3.66
C PHE A 32 9.57 -16.76 4.45
N VAL A 33 10.22 -16.70 5.61
CA VAL A 33 10.20 -15.49 6.42
C VAL A 33 11.58 -15.36 7.05
N ASP A 34 12.11 -14.13 7.05
CA ASP A 34 13.35 -13.85 7.75
C ASP A 34 13.13 -12.63 8.65
N ASP A 35 14.22 -12.00 9.06
CA ASP A 35 14.17 -10.94 10.07
C ASP A 35 13.34 -9.74 9.61
N ILE A 36 13.33 -9.44 8.32
CA ILE A 36 12.82 -8.16 7.84
C ILE A 36 11.78 -8.32 6.73
N SER A 37 11.33 -9.54 6.45
CA SER A 37 10.55 -9.75 5.24
C SER A 37 9.92 -11.14 5.27
N SER A 38 8.87 -11.32 4.46
CA SER A 38 8.23 -12.62 4.31
C SER A 38 7.68 -12.75 2.89
N LEU A 39 7.49 -13.99 2.46
CA LEU A 39 6.98 -14.26 1.10
C LEU A 39 5.96 -15.40 1.13
N SER A 40 4.70 -15.12 0.83
CA SER A 40 3.74 -16.17 0.59
C SER A 40 4.21 -17.02 -0.59
N PHE A 41 3.59 -18.20 -0.73
CA PHE A 41 3.89 -19.00 -1.92
C PHE A 41 3.53 -18.25 -3.20
N ALA A 42 2.44 -17.46 -3.18
CA ALA A 42 2.08 -16.68 -4.36
C ALA A 42 3.14 -15.62 -4.66
N GLN A 43 3.57 -14.85 -3.64
CA GLN A 43 4.59 -13.82 -3.85
C GLN A 43 5.91 -14.43 -4.29
N LEU A 44 6.30 -15.56 -3.70
CA LEU A 44 7.50 -16.25 -4.12
C LEU A 44 7.40 -16.66 -5.60
N GLU A 45 6.26 -17.22 -6.00
CA GLU A 45 6.12 -17.60 -7.41
C GLU A 45 6.26 -16.39 -8.33
N ALA A 46 5.63 -15.27 -7.97
CA ALA A 46 5.73 -14.07 -8.81
C ALA A 46 7.16 -13.59 -8.93
N GLN A 47 7.87 -13.44 -7.80
CA GLN A 47 9.23 -12.91 -7.85
C GLN A 47 10.18 -13.91 -8.51
N THR A 48 10.00 -15.21 -8.26
CA THR A 48 10.79 -16.22 -8.96
C THR A 48 10.72 -16.04 -10.47
N ARG A 49 9.49 -15.93 -11.01
CA ARG A 49 9.34 -15.85 -12.45
C ARG A 49 9.74 -14.48 -12.99
N GLN A 50 9.57 -13.42 -12.20
CA GLN A 50 10.11 -12.13 -12.62
C GLN A 50 11.64 -12.15 -12.67
N LEU A 51 12.29 -12.75 -11.67
CA LEU A 51 13.75 -12.84 -11.73
C LEU A 51 14.21 -13.69 -12.94
N ALA A 52 13.50 -14.78 -13.22
CA ALA A 52 13.86 -15.57 -14.39
C ALA A 52 13.81 -14.72 -15.66
N ALA A 53 12.77 -13.90 -15.79
CA ALA A 53 12.70 -13.02 -16.95
C ALA A 53 13.82 -12.01 -16.94
N ALA A 54 14.13 -11.43 -15.77
CA ALA A 54 15.19 -10.45 -15.68
C ALA A 54 16.52 -11.04 -16.16
N LEU A 55 16.82 -12.28 -15.74
CA LEU A 55 18.09 -12.89 -16.10
C LEU A 55 18.17 -13.14 -17.60
N ARG A 56 17.09 -13.62 -18.21
CA ARG A 56 17.08 -13.79 -19.66
C ARG A 56 17.18 -12.44 -20.39
N ALA A 57 16.56 -11.40 -19.84
CA ALA A 57 16.60 -10.09 -20.50
C ALA A 57 18.02 -9.57 -20.62
N ILE A 58 18.90 -9.88 -19.66
CA ILE A 58 20.26 -9.36 -19.74
C ILE A 58 21.15 -10.33 -20.49
N GLY A 59 20.55 -11.35 -21.13
CA GLY A 59 21.28 -12.18 -22.05
C GLY A 59 21.83 -13.48 -21.51
N VAL A 60 21.51 -13.80 -20.24
CA VAL A 60 21.94 -15.10 -19.65
C VAL A 60 21.09 -16.19 -20.31
N LYS A 61 21.73 -17.07 -21.10
CA LYS A 61 20.99 -18.13 -21.85
C LYS A 61 20.94 -19.44 -21.06
N ARG A 62 20.04 -20.34 -21.49
CA ARG A 62 19.85 -21.67 -20.91
C ARG A 62 21.17 -22.41 -20.84
N GLU A 63 21.39 -23.05 -19.68
CA GLU A 63 22.53 -23.91 -19.36
C GLU A 63 23.76 -23.10 -18.92
N GLU A 64 23.77 -21.79 -19.10
CA GLU A 64 24.84 -20.98 -18.52
C GLU A 64 24.67 -20.88 -17.01
N ARG A 65 25.78 -20.63 -16.33
CA ARG A 65 25.80 -20.56 -14.86
C ARG A 65 25.64 -19.12 -14.37
N VAL A 66 25.10 -18.96 -13.17
CA VAL A 66 25.24 -17.70 -12.46
C VAL A 66 25.73 -18.02 -11.05
N LEU A 67 26.47 -17.09 -10.46
CA LEU A 67 26.99 -17.30 -9.13
C LEU A 67 25.96 -16.79 -8.13
N LEU A 68 25.63 -17.63 -7.15
CA LEU A 68 24.66 -17.27 -6.12
C LEU A 68 25.41 -17.20 -4.79
N LEU A 69 25.74 -15.98 -4.35
CA LEU A 69 26.56 -15.72 -3.17
C LEU A 69 25.76 -14.86 -2.20
N MET A 70 24.94 -15.51 -1.38
CA MET A 70 23.95 -14.77 -0.61
C MET A 70 23.72 -15.39 0.75
N LEU A 71 23.57 -14.54 1.75
CA LEU A 71 23.16 -14.98 3.07
C LEU A 71 21.74 -15.56 3.00
N ASP A 72 21.43 -16.44 3.95
CA ASP A 72 20.07 -16.95 4.05
C ASP A 72 19.12 -15.77 4.21
N GLY A 73 18.07 -15.74 3.40
CA GLY A 73 17.07 -14.69 3.49
C GLY A 73 16.05 -14.96 2.40
N THR A 74 14.92 -14.24 2.46
CA THR A 74 13.85 -14.51 1.50
C THR A 74 14.28 -14.28 0.07
N ASP A 75 15.33 -13.48 -0.19
CA ASP A 75 15.82 -13.33 -1.56
C ASP A 75 16.50 -14.60 -2.06
N TRP A 76 17.02 -15.42 -1.15
CA TRP A 76 17.80 -16.58 -1.58
C TRP A 76 16.98 -17.56 -2.41
N PRO A 77 15.82 -18.05 -1.96
CA PRO A 77 15.07 -18.97 -2.81
C PRO A 77 14.56 -18.33 -4.10
N VAL A 78 14.27 -17.02 -4.10
CA VAL A 78 13.91 -16.36 -5.35
C VAL A 78 15.05 -16.44 -6.36
N ALA A 79 16.29 -16.18 -5.92
CA ALA A 79 17.44 -16.28 -6.82
C ALA A 79 17.62 -17.70 -7.32
N PHE A 80 17.55 -18.68 -6.41
CA PHE A 80 17.83 -20.06 -6.76
C PHE A 80 16.76 -20.63 -7.70
N LEU A 81 15.48 -20.46 -7.34
CA LEU A 81 14.40 -21.00 -8.17
C LEU A 81 14.22 -20.19 -9.45
N GLY A 82 14.42 -18.87 -9.38
CA GLY A 82 14.32 -18.04 -10.58
C GLY A 82 15.30 -18.46 -11.66
N ALA A 83 16.57 -18.66 -11.30
CA ALA A 83 17.52 -19.16 -12.29
C ALA A 83 17.05 -20.50 -12.83
N ILE A 84 16.72 -21.44 -11.95
CA ILE A 84 16.33 -22.78 -12.40
C ILE A 84 15.09 -22.71 -13.27
N TYR A 85 14.13 -21.86 -12.91
CA TYR A 85 12.94 -21.71 -13.73
C TYR A 85 13.29 -21.27 -15.14
N ALA A 86 14.33 -20.43 -15.29
CA ALA A 86 14.74 -19.99 -16.62
C ALA A 86 15.66 -20.97 -17.33
N GLY A 87 15.93 -22.13 -16.75
CA GLY A 87 16.92 -23.02 -17.32
C GLY A 87 18.35 -22.55 -17.16
N ILE A 88 18.58 -21.61 -16.26
CA ILE A 88 19.91 -21.10 -15.94
C ILE A 88 20.40 -21.85 -14.70
N VAL A 89 21.71 -22.13 -14.65
CA VAL A 89 22.25 -23.00 -13.61
C VAL A 89 22.84 -22.17 -12.48
N PRO A 90 22.17 -22.04 -11.33
CA PRO A 90 22.77 -21.31 -10.20
C PRO A 90 23.86 -22.15 -9.56
N VAL A 91 24.95 -21.50 -9.23
CA VAL A 91 26.08 -22.12 -8.55
C VAL A 91 26.08 -21.52 -7.15
N ALA A 92 25.57 -22.27 -6.17
CA ALA A 92 25.30 -21.73 -4.84
C ALA A 92 26.50 -21.98 -3.94
N VAL A 93 27.07 -20.91 -3.38
CA VAL A 93 28.39 -21.04 -2.74
C VAL A 93 28.38 -20.50 -1.31
N ASN A 94 29.34 -21.03 -0.54
CA ASN A 94 29.62 -20.61 0.82
C ASN A 94 29.86 -19.10 0.90
N THR A 95 29.27 -18.45 1.90
CA THR A 95 29.40 -17.01 2.07
C THR A 95 30.61 -16.60 2.90
N LEU A 96 31.44 -17.54 3.35
CA LEU A 96 32.52 -17.25 4.28
CA LEU A 96 32.53 -17.21 4.26
C LEU A 96 33.88 -17.53 3.65
N LEU A 97 34.01 -17.38 2.34
CA LEU A 97 35.25 -17.67 1.64
C LEU A 97 36.00 -16.38 1.29
N THR A 98 37.19 -16.53 0.76
CA THR A 98 38.03 -15.40 0.41
C THR A 98 37.83 -14.96 -1.03
N ALA A 99 38.34 -13.77 -1.34
CA ALA A 99 38.30 -13.27 -2.71
C ALA A 99 38.94 -14.25 -3.68
N ASP A 100 40.03 -14.88 -3.29
CA ASP A 100 40.70 -15.84 -4.18
C ASP A 100 39.77 -17.01 -4.47
N ASP A 101 39.10 -17.53 -3.44
CA ASP A 101 38.16 -18.63 -3.62
C ASP A 101 37.09 -18.27 -4.66
N TYR A 102 36.49 -17.09 -4.51
CA TYR A 102 35.43 -16.70 -5.43
C TYR A 102 35.99 -16.43 -6.81
N ALA A 103 37.20 -15.84 -6.88
CA ALA A 103 37.85 -15.66 -8.18
C ALA A 103 37.93 -16.97 -8.93
N TYR A 104 38.36 -18.04 -8.26
CA TYR A 104 38.42 -19.33 -8.93
C TYR A 104 37.03 -19.79 -9.35
N MET A 105 36.05 -19.66 -8.47
CA MET A 105 34.72 -20.17 -8.80
C MET A 105 34.11 -19.42 -9.97
N LEU A 106 34.36 -18.11 -10.06
CA LEU A 106 33.85 -17.33 -11.19
C LEU A 106 34.44 -17.84 -12.50
N GLU A 107 35.75 -18.11 -12.52
CA GLU A 107 36.37 -18.61 -13.76
C GLU A 107 35.94 -20.05 -14.03
N HIS A 108 35.97 -20.90 -13.01
CA HIS A 108 35.65 -22.31 -13.24
C HIS A 108 34.21 -22.48 -13.72
N SER A 109 33.27 -21.76 -13.11
CA SER A 109 31.87 -21.83 -13.51
C SER A 109 31.54 -21.02 -14.76
N ARG A 110 32.42 -20.10 -15.17
CA ARG A 110 32.11 -19.15 -16.25
C ARG A 110 30.79 -18.43 -15.97
N ALA A 111 30.55 -18.11 -14.70
CA ALA A 111 29.34 -17.40 -14.30
C ALA A 111 29.15 -16.15 -15.15
N GLN A 112 27.92 -15.98 -15.67
CA GLN A 112 27.58 -14.85 -16.53
C GLN A 112 26.95 -13.71 -15.77
N ALA A 113 26.56 -13.94 -14.53
CA ALA A 113 25.97 -12.93 -13.65
C ALA A 113 26.20 -13.40 -12.23
N VAL A 114 26.15 -12.46 -11.29
CA VAL A 114 26.33 -12.77 -9.89
C VAL A 114 25.17 -12.16 -9.12
N LEU A 115 24.59 -12.95 -8.24
CA LEU A 115 23.54 -12.51 -7.32
C LEU A 115 24.16 -12.53 -5.94
N VAL A 116 24.36 -11.36 -5.34
CA VAL A 116 25.20 -11.23 -4.16
C VAL A 116 24.49 -10.40 -3.11
N SER A 117 24.60 -10.81 -1.85
CA SER A 117 24.15 -9.98 -0.73
C SER A 117 25.08 -8.78 -0.57
N GLY A 118 24.49 -7.62 -0.24
CA GLY A 118 25.30 -6.43 -0.03
C GLY A 118 26.47 -6.63 0.92
N ALA A 119 26.24 -7.33 2.04
CA ALA A 119 27.32 -7.55 2.99
C ALA A 119 28.50 -8.28 2.35
N LEU A 120 28.28 -9.02 1.28
CA LEU A 120 29.32 -9.78 0.62
C LEU A 120 29.84 -9.08 -0.63
N HIS A 121 29.31 -7.90 -0.97
CA HIS A 121 29.81 -7.21 -2.14
C HIS A 121 31.30 -6.89 -2.07
N PRO A 122 31.88 -6.49 -0.93
CA PRO A 122 33.31 -6.20 -0.92
C PRO A 122 34.19 -7.37 -1.32
N VAL A 123 33.96 -8.57 -0.76
CA VAL A 123 34.81 -9.69 -1.15
C VAL A 123 34.56 -10.04 -2.62
N LEU A 124 33.33 -9.89 -3.10
CA LEU A 124 33.08 -10.19 -4.52
C LEU A 124 33.77 -9.17 -5.42
N LYS A 125 33.77 -7.92 -5.00
CA LYS A 125 34.46 -6.88 -5.75
C LYS A 125 35.92 -7.27 -5.90
N ALA A 126 36.54 -7.71 -4.81
CA ALA A 126 37.94 -8.13 -4.89
C ALA A 126 38.11 -9.31 -5.85
N ALA A 127 37.17 -10.26 -5.80
CA ALA A 127 37.26 -11.45 -6.66
C ALA A 127 37.09 -11.07 -8.12
N LEU A 128 36.19 -10.14 -8.43
CA LEU A 128 35.99 -9.70 -9.82
C LEU A 128 37.24 -9.01 -10.35
N THR A 129 37.87 -8.16 -9.53
CA THR A 129 39.00 -7.37 -10.00
C THR A 129 40.20 -8.25 -10.34
N LYS A 130 40.41 -9.34 -9.61
CA LYS A 130 41.63 -10.16 -9.83
C LYS A 130 41.40 -11.39 -10.72
N SER A 131 40.21 -11.56 -11.32
CA SER A 131 39.94 -12.80 -12.03
C SER A 131 39.66 -12.54 -13.51
N ASP A 132 39.80 -13.61 -14.30
CA ASP A 132 39.41 -13.60 -15.71
C ASP A 132 37.97 -14.11 -15.86
N HIS A 133 37.04 -13.30 -15.37
CA HIS A 133 35.64 -13.72 -15.27
C HIS A 133 34.88 -13.30 -16.53
N GLU A 134 33.65 -13.80 -16.65
CA GLU A 134 32.75 -13.44 -17.73
C GLU A 134 31.46 -12.81 -17.21
N VAL A 135 31.51 -12.18 -16.04
CA VAL A 135 30.32 -11.67 -15.40
C VAL A 135 29.80 -10.46 -16.19
N GLN A 136 28.55 -10.57 -16.65
CA GLN A 136 27.92 -9.48 -17.40
C GLN A 136 27.17 -8.51 -16.52
N ARG A 137 26.74 -8.93 -15.33
CA ARG A 137 25.90 -8.09 -14.49
C ARG A 137 26.03 -8.58 -13.05
N VAL A 138 26.08 -7.63 -12.13
CA VAL A 138 26.10 -7.94 -10.70
C VAL A 138 24.81 -7.41 -10.10
N ILE A 139 24.09 -8.28 -9.41
CA ILE A 139 22.76 -7.99 -8.88
C ILE A 139 22.87 -8.09 -7.37
N VAL A 140 22.66 -6.98 -6.67
CA VAL A 140 23.01 -6.88 -5.24
C VAL A 140 21.72 -6.91 -4.44
N SER A 141 21.55 -7.95 -3.64
CA SER A 141 20.42 -8.05 -2.73
C SER A 141 20.78 -7.35 -1.43
N ARG A 142 19.96 -6.36 -1.05
CA ARG A 142 20.13 -5.56 0.16
C ARG A 142 21.50 -4.88 0.17
N PRO A 143 21.73 -3.95 -0.75
CA PRO A 143 23.02 -3.25 -0.80
C PRO A 143 23.41 -2.66 0.55
N ALA A 144 24.69 -2.79 0.90
CA ALA A 144 25.23 -2.14 2.09
C ALA A 144 26.12 -0.95 1.74
N ALA A 145 26.15 -0.54 0.48
CA ALA A 145 26.99 0.56 0.02
C ALA A 145 26.50 0.97 -1.36
N PRO A 146 26.88 2.18 -1.78
CA PRO A 146 26.48 2.70 -3.10
C PRO A 146 26.54 1.63 -4.18
N LEU A 147 25.91 1.89 -5.33
CA LEU A 147 25.89 0.93 -6.47
C LEU A 147 26.86 1.41 -7.56
N GLU A 148 27.83 0.57 -7.93
CA GLU A 148 28.82 0.92 -8.97
C GLU A 148 28.15 0.86 -10.36
N PRO A 149 28.69 1.61 -11.33
CA PRO A 149 28.14 1.62 -12.68
C PRO A 149 27.92 0.18 -13.18
N GLY A 150 26.71 -0.09 -13.69
CA GLY A 150 26.37 -1.39 -14.22
C GLY A 150 25.60 -2.24 -13.23
N GLU A 151 25.88 -2.09 -11.94
CA GLU A 151 25.27 -2.95 -10.94
C GLU A 151 23.81 -2.56 -10.73
N VAL A 152 22.98 -3.51 -10.34
CA VAL A 152 21.58 -3.23 -10.12
C VAL A 152 21.14 -3.83 -8.80
N ASP A 153 20.15 -3.17 -8.17
CA ASP A 153 19.52 -3.65 -6.95
C ASP A 153 18.59 -4.81 -7.27
N PHE A 154 18.69 -5.89 -6.48
CA PHE A 154 17.93 -7.11 -6.72
C PHE A 154 16.42 -6.84 -6.79
N ALA A 155 15.91 -6.02 -5.88
CA ALA A 155 14.47 -5.73 -5.84
C ALA A 155 14.03 -4.93 -7.06
N GLU A 156 14.82 -3.93 -7.48
CA GLU A 156 14.51 -3.21 -8.70
C GLU A 156 14.62 -4.11 -9.92
N PHE A 157 15.64 -4.98 -9.94
CA PHE A 157 15.84 -5.92 -11.03
C PHE A 157 14.64 -6.85 -11.19
N VAL A 158 14.21 -7.47 -10.10
CA VAL A 158 12.99 -8.30 -10.12
C VAL A 158 11.80 -7.44 -10.50
N GLY A 159 11.63 -6.30 -9.81
CA GLY A 159 10.44 -5.49 -10.03
C GLY A 159 10.31 -4.89 -11.42
N ALA A 160 11.39 -4.89 -12.20
CA ALA A 160 11.40 -4.23 -13.50
C ALA A 160 11.06 -5.17 -14.65
N HIS A 161 10.79 -6.44 -14.39
CA HIS A 161 10.49 -7.36 -15.47
C HIS A 161 9.20 -8.10 -15.17
N ALA A 162 8.40 -8.33 -16.22
CA ALA A 162 7.19 -9.11 -16.08
C ALA A 162 7.53 -10.59 -15.95
N PRO A 163 6.77 -11.33 -15.16
CA PRO A 163 7.06 -12.75 -14.96
C PRO A 163 7.18 -13.54 -16.26
N LEU A 164 8.20 -14.39 -16.36
CA LEU A 164 8.37 -15.25 -17.51
C LEU A 164 7.15 -16.15 -17.67
N GLU A 165 6.70 -16.32 -18.91
CA GLU A 165 5.42 -16.97 -19.17
C GLU A 165 5.46 -18.47 -18.91
N LYS A 166 6.58 -19.13 -19.15
CA LYS A 166 6.67 -20.56 -18.96
C LYS A 166 8.10 -20.90 -18.58
N PRO A 167 8.33 -22.03 -17.93
CA PRO A 167 9.70 -22.43 -17.59
C PRO A 167 10.45 -22.93 -18.82
N ALA A 168 11.78 -22.92 -18.72
CA ALA A 168 12.60 -23.55 -19.74
C ALA A 168 12.24 -25.03 -19.85
N ALA A 169 12.26 -25.54 -21.08
CA ALA A 169 11.80 -26.90 -21.36
C ALA A 169 12.89 -27.93 -21.03
N THR A 170 13.23 -27.99 -19.75
CA THR A 170 14.35 -28.81 -19.32
C THR A 170 13.94 -30.28 -19.22
N GLN A 171 14.93 -31.16 -19.31
CA GLN A 171 14.71 -32.56 -18.99
C GLN A 171 15.16 -32.84 -17.55
N ALA A 172 14.59 -33.92 -16.98
CA ALA A 172 14.85 -34.26 -15.59
C ALA A 172 16.32 -34.55 -15.34
N ASP A 173 17.03 -35.09 -16.33
CA ASP A 173 18.46 -35.36 -16.23
C ASP A 173 19.34 -34.20 -16.66
N ASP A 174 18.78 -33.03 -17.00
CA ASP A 174 19.62 -31.87 -17.30
C ASP A 174 20.22 -31.32 -16.01
N PRO A 175 21.40 -30.72 -16.08
CA PRO A 175 21.94 -30.01 -14.91
C PRO A 175 20.99 -28.91 -14.47
N ALA A 176 20.78 -28.82 -13.17
CA ALA A 176 19.92 -27.79 -12.59
C ALA A 176 20.67 -26.79 -11.73
N PHE A 177 21.65 -27.23 -10.94
CA PHE A 177 22.42 -26.33 -10.08
C PHE A 177 23.74 -27.02 -9.72
N TRP A 178 24.66 -26.21 -9.19
CA TRP A 178 25.97 -26.73 -8.73
C TRP A 178 26.20 -26.34 -7.28
N LEU A 179 26.83 -27.23 -6.54
CA LEU A 179 27.45 -26.89 -5.26
C LEU A 179 28.93 -27.20 -5.38
N TYR A 180 29.74 -26.56 -4.55
CA TYR A 180 31.17 -26.87 -4.48
C TYR A 180 31.49 -27.66 -3.22
N SER A 181 32.41 -28.62 -3.35
CA SER A 181 32.90 -29.43 -2.23
C SER A 181 34.41 -29.64 -2.39
N SER A 182 35.16 -29.60 -1.28
CA SER A 182 36.61 -29.70 -1.31
C SER A 182 37.09 -31.03 -0.76
N GLY A 183 38.09 -31.62 -1.42
CA GLY A 183 38.87 -32.71 -0.87
C GLY A 183 40.12 -32.18 -0.20
N SER A 184 41.08 -33.08 0.05
CA SER A 184 42.20 -32.73 0.91
C SER A 184 43.22 -31.83 0.22
N THR A 185 43.31 -31.88 -1.11
CA THR A 185 44.12 -31.00 -1.93
C THR A 185 43.28 -30.60 -3.15
N GLY A 186 43.81 -29.68 -3.95
CA GLY A 186 43.18 -29.29 -5.20
C GLY A 186 42.07 -28.27 -5.00
N ARG A 187 41.55 -27.78 -6.13
CA ARG A 187 40.51 -26.77 -6.11
C ARG A 187 39.18 -27.37 -5.65
N PRO A 188 38.27 -26.54 -5.14
CA PRO A 188 36.92 -27.02 -4.86
C PRO A 188 36.32 -27.66 -6.10
N LYS A 189 35.54 -28.72 -5.89
CA LYS A 189 34.97 -29.50 -6.97
C LYS A 189 33.52 -29.07 -7.21
N GLY A 190 33.21 -28.75 -8.46
CA GLY A 190 31.87 -28.38 -8.87
C GLY A 190 30.97 -29.60 -9.00
N VAL A 191 30.13 -29.82 -8.01
CA VAL A 191 29.20 -30.95 -8.02
C VAL A 191 27.95 -30.56 -8.80
N VAL A 192 27.71 -31.26 -9.90
CA VAL A 192 26.61 -30.95 -10.81
C VAL A 192 25.41 -31.80 -10.42
N HIS A 193 24.30 -31.14 -10.07
CA HIS A 193 23.06 -31.83 -9.74
C HIS A 193 21.99 -31.53 -10.78
N THR A 194 21.15 -32.52 -11.04
CA THR A 194 20.15 -32.43 -12.08
C THR A 194 18.81 -31.96 -11.53
N HIS A 195 17.85 -31.72 -12.43
CA HIS A 195 16.51 -31.35 -11.99
C HIS A 195 15.88 -32.45 -11.16
N ALA A 196 16.17 -33.72 -11.47
CA ALA A 196 15.54 -34.83 -10.75
C ALA A 196 16.09 -34.99 -9.34
N ASN A 197 17.36 -34.64 -9.11
CA ASN A 197 18.01 -35.04 -7.87
C ASN A 197 17.29 -34.50 -6.63
N PRO A 198 16.98 -33.20 -6.51
CA PRO A 198 16.26 -32.73 -5.31
C PRO A 198 14.81 -33.18 -5.24
N TYR A 199 14.22 -33.60 -6.36
CA TYR A 199 12.93 -34.30 -6.26
C TYR A 199 13.08 -35.59 -5.47
N TRP A 200 14.09 -36.39 -5.81
CA TRP A 200 14.31 -37.67 -5.13
C TRP A 200 14.63 -37.47 -3.65
N THR A 201 15.55 -36.56 -3.33
CA THR A 201 15.87 -36.35 -1.92
C THR A 201 14.64 -35.88 -1.16
N SER A 202 13.89 -34.92 -1.73
CA SER A 202 12.73 -34.36 -1.05
C SER A 202 11.60 -35.37 -0.87
N GLU A 203 11.45 -36.31 -1.82
CA GLU A 203 10.45 -37.36 -1.64
C GLU A 203 10.97 -38.48 -0.74
N LEU A 204 12.16 -38.99 -1.01
CA LEU A 204 12.65 -40.17 -0.30
C LEU A 204 13.03 -39.87 1.13
N TYR A 205 13.66 -38.71 1.39
CA TYR A 205 14.08 -38.35 2.74
C TYR A 205 13.12 -37.37 3.40
N GLY A 206 12.95 -36.17 2.82
CA GLY A 206 12.11 -35.17 3.43
C GLY A 206 10.72 -35.67 3.75
N ARG A 207 10.04 -36.25 2.75
CA ARG A 207 8.66 -36.70 2.94
C ARG A 207 8.60 -38.07 3.60
N ASN A 208 9.25 -39.08 3.00
CA ASN A 208 9.00 -40.47 3.39
C ASN A 208 9.82 -40.93 4.59
N THR A 209 10.90 -40.23 4.94
CA THR A 209 11.68 -40.58 6.13
C THR A 209 11.43 -39.63 7.29
N LEU A 210 11.56 -38.32 7.08
CA LEU A 210 11.29 -37.37 8.14
C LEU A 210 9.81 -37.11 8.35
N HIS A 211 8.96 -37.40 7.35
CA HIS A 211 7.53 -37.13 7.44
C HIS A 211 7.27 -35.65 7.66
N LEU A 212 8.01 -34.79 6.96
CA LEU A 212 7.67 -33.38 7.00
C LEU A 212 6.27 -33.16 6.44
N ARG A 213 5.60 -32.11 6.93
CA ARG A 213 4.22 -31.91 6.53
C ARG A 213 3.90 -30.42 6.43
N GLU A 214 2.71 -30.15 5.91
CA GLU A 214 2.34 -28.78 5.58
C GLU A 214 2.38 -27.86 6.80
N ASP A 215 1.93 -28.35 7.97
CA ASP A 215 1.89 -27.41 9.09
C ASP A 215 3.22 -27.29 9.82
N ASP A 216 4.30 -27.88 9.29
CA ASP A 216 5.60 -27.68 9.92
C ASP A 216 6.14 -26.28 9.66
N VAL A 217 7.02 -25.85 10.56
CA VAL A 217 7.84 -24.67 10.38
C VAL A 217 9.29 -25.12 10.47
N CYS A 218 10.04 -24.99 9.36
CA CYS A 218 11.38 -25.54 9.25
C CYS A 218 12.42 -24.46 9.55
N PHE A 219 13.45 -24.83 10.31
CA PHE A 219 14.52 -23.89 10.65
C PHE A 219 15.84 -24.64 10.69
N SER A 220 16.80 -24.22 9.87
CA SER A 220 18.06 -24.94 9.70
C SER A 220 19.23 -24.05 10.09
N ALA A 221 20.03 -24.49 11.06
CA ALA A 221 21.30 -23.83 11.34
C ALA A 221 22.25 -23.93 10.15
N ALA A 222 22.18 -25.03 9.40
CA ALA A 222 22.96 -25.16 8.18
C ALA A 222 22.38 -24.27 7.10
N LYS A 223 23.24 -23.44 6.50
CA LYS A 223 22.87 -22.46 5.50
C LYS A 223 22.43 -23.12 4.20
N LEU A 224 21.74 -22.33 3.36
CA LEU A 224 21.14 -22.85 2.13
C LEU A 224 22.19 -23.30 1.12
N PHE A 225 23.42 -22.77 1.19
CA PHE A 225 24.42 -23.19 0.22
C PHE A 225 25.03 -24.56 0.53
N PHE A 226 24.84 -25.08 1.74
CA PHE A 226 25.16 -26.47 2.05
C PHE A 226 24.07 -27.40 1.50
N ALA A 227 24.48 -28.51 0.89
CA ALA A 227 23.52 -29.52 0.45
C ALA A 227 22.51 -29.82 1.53
N TYR A 228 22.99 -30.01 2.77
CA TYR A 228 22.09 -30.29 3.89
C TYR A 228 21.07 -29.16 4.05
N GLY A 229 21.55 -27.92 4.10
CA GLY A 229 20.65 -26.79 4.29
C GLY A 229 19.70 -26.58 3.12
N LEU A 230 20.16 -26.82 1.90
CA LEU A 230 19.32 -26.66 0.72
C LEU A 230 18.10 -27.56 0.78
N GLY A 231 18.25 -28.79 1.28
CA GLY A 231 17.08 -29.62 1.50
C GLY A 231 16.25 -29.15 2.68
N ASN A 232 16.89 -29.00 3.85
CA ASN A 232 16.19 -28.70 5.09
C ASN A 232 15.29 -27.49 4.95
N ALA A 233 15.76 -26.45 4.27
CA ALA A 233 15.12 -25.14 4.34
C ALA A 233 14.73 -24.61 2.97
N LEU A 234 14.70 -25.48 1.95
CA LEU A 234 14.18 -25.07 0.66
C LEU A 234 13.45 -26.23 -0.02
N THR A 235 14.15 -27.29 -0.45
CA THR A 235 13.48 -28.30 -1.26
C THR A 235 12.49 -29.16 -0.45
N PHE A 236 12.88 -29.59 0.77
CA PHE A 236 11.97 -30.35 1.63
C PHE A 236 10.71 -29.56 1.99
N PRO A 237 10.80 -28.38 2.61
CA PRO A 237 9.56 -27.67 2.99
C PRO A 237 8.70 -27.28 1.80
N MET A 238 9.31 -26.88 0.68
CA MET A 238 8.48 -26.52 -0.47
C MET A 238 7.76 -27.74 -1.04
N THR A 239 8.34 -28.93 -0.87
CA THR A 239 7.69 -30.13 -1.39
C THR A 239 6.40 -30.45 -0.63
N VAL A 240 6.32 -30.11 0.66
CA VAL A 240 5.12 -30.39 1.43
C VAL A 240 4.35 -29.13 1.81
N GLY A 241 4.77 -27.96 1.36
CA GLY A 241 4.05 -26.74 1.72
C GLY A 241 4.31 -26.21 3.10
N ALA A 242 5.37 -26.68 3.77
CA ALA A 242 5.73 -26.16 5.09
C ALA A 242 6.27 -24.73 4.97
N THR A 243 6.21 -24.02 6.10
CA THR A 243 6.73 -22.66 6.18
C THR A 243 8.17 -22.73 6.69
N THR A 244 9.05 -21.90 6.14
CA THR A 244 10.48 -21.94 6.43
C THR A 244 10.95 -20.63 7.03
N LEU A 245 11.61 -20.71 8.18
CA LEU A 245 12.30 -19.57 8.78
C LEU A 245 13.75 -19.53 8.30
N LEU A 246 14.18 -18.37 7.83
CA LEU A 246 15.56 -18.17 7.40
C LEU A 246 16.23 -17.11 8.28
N MET A 247 17.53 -17.27 8.47
CA MET A 247 18.29 -16.39 9.35
C MET A 247 19.61 -16.05 8.69
N GLY A 248 19.85 -14.76 8.48
CA GLY A 248 21.06 -14.32 7.81
C GLY A 248 22.32 -14.43 8.66
N GLU A 249 22.21 -14.15 9.97
CA GLU A 249 23.37 -14.06 10.84
C GLU A 249 23.94 -15.43 11.22
N ARG A 250 25.15 -15.39 11.79
CA ARG A 250 25.80 -16.58 12.31
C ARG A 250 24.92 -17.31 13.32
N PRO A 251 24.73 -18.63 13.20
CA PRO A 251 23.83 -19.42 14.08
C PRO A 251 24.40 -19.80 15.44
N THR A 252 24.53 -18.80 16.33
CA THR A 252 24.92 -19.04 17.73
C THR A 252 23.76 -19.63 18.52
N PRO A 253 24.02 -20.16 19.71
CA PRO A 253 22.90 -20.65 20.54
C PRO A 253 21.86 -19.58 20.84
N ASP A 254 22.29 -18.35 21.11
CA ASP A 254 21.31 -17.31 21.43
C ASP A 254 20.46 -16.95 20.21
N ALA A 255 21.09 -16.85 19.05
CA ALA A 255 20.34 -16.62 17.81
C ALA A 255 19.31 -17.71 17.60
N VAL A 256 19.71 -18.97 17.79
CA VAL A 256 18.81 -20.09 17.55
C VAL A 256 17.66 -20.08 18.56
N PHE A 257 17.98 -19.97 19.87
CA PHE A 257 16.93 -19.94 20.88
C PHE A 257 15.90 -18.86 20.60
N LYS A 258 16.37 -17.68 20.17
CA LYS A 258 15.43 -16.58 19.92
C LYS A 258 14.41 -16.98 18.88
N ARG A 259 14.85 -17.72 17.85
CA ARG A 259 13.95 -18.17 16.81
C ARG A 259 13.06 -19.32 17.30
N TRP A 260 13.65 -20.30 18.00
CA TRP A 260 12.87 -21.38 18.61
C TRP A 260 11.71 -20.83 19.41
N LEU A 261 11.92 -19.73 20.12
CA LEU A 261 10.91 -19.15 21.00
C LEU A 261 9.92 -18.26 20.26
N GLY A 262 10.04 -18.15 18.94
CA GLY A 262 9.10 -17.35 18.16
C GLY A 262 9.42 -15.88 18.06
N GLY A 263 10.69 -15.51 18.21
CA GLY A 263 11.08 -14.12 18.14
C GLY A 263 11.11 -13.51 16.76
N VAL A 264 10.88 -14.31 15.72
CA VAL A 264 10.88 -13.84 14.34
C VAL A 264 9.62 -14.31 13.63
N GLY A 265 8.99 -13.40 12.88
CA GLY A 265 7.91 -13.74 11.97
C GLY A 265 6.66 -14.30 12.61
N GLY A 266 6.57 -14.19 13.93
CA GLY A 266 5.46 -14.78 14.65
C GLY A 266 5.33 -16.28 14.53
N VAL A 267 6.40 -17.00 14.17
CA VAL A 267 6.33 -18.46 14.03
C VAL A 267 7.33 -19.11 14.96
N LYS A 268 6.94 -20.27 15.51
CA LYS A 268 7.87 -21.11 16.26
C LYS A 268 8.24 -22.32 15.43
N PRO A 269 9.53 -22.57 15.21
CA PRO A 269 9.96 -23.76 14.46
C PRO A 269 9.44 -25.05 15.08
N THR A 270 8.96 -25.95 14.22
CA THR A 270 8.63 -27.31 14.64
C THR A 270 9.70 -28.32 14.24
N VAL A 271 10.55 -28.01 13.27
CA VAL A 271 11.61 -28.89 12.80
C VAL A 271 12.92 -28.11 12.81
N PHE A 272 13.93 -28.63 13.52
CA PHE A 272 15.24 -28.02 13.57
C PHE A 272 16.30 -28.94 12.99
N TYR A 273 17.27 -28.34 12.29
CA TYR A 273 18.39 -29.09 11.70
C TYR A 273 19.70 -28.40 12.07
N GLY A 274 20.72 -29.18 12.43
CA GLY A 274 22.02 -28.61 12.68
C GLY A 274 23.07 -29.70 12.77
N ALA A 275 24.27 -29.29 13.08
CA ALA A 275 25.32 -30.27 13.25
C ALA A 275 25.47 -30.66 14.71
N PRO A 276 26.00 -31.85 14.97
CA PRO A 276 26.24 -32.25 16.37
C PRO A 276 27.00 -31.23 17.19
N THR A 277 28.04 -30.61 16.62
CA THR A 277 28.74 -29.53 17.33
C THR A 277 27.79 -28.44 17.77
N GLY A 278 26.82 -28.08 16.91
CA GLY A 278 25.84 -27.08 17.30
C GLY A 278 24.98 -27.55 18.46
N TYR A 279 24.52 -28.80 18.41
CA TYR A 279 23.69 -29.31 19.51
C TYR A 279 24.48 -29.31 20.83
N ALA A 280 25.73 -29.75 20.81
CA ALA A 280 26.58 -29.66 22.01
C ALA A 280 26.67 -28.21 22.50
N GLY A 281 26.84 -27.27 21.58
CA GLY A 281 26.92 -25.88 21.97
C GLY A 281 25.65 -25.40 22.65
N MET A 282 24.49 -25.75 22.09
CA MET A 282 23.23 -25.32 22.70
C MET A 282 23.02 -25.98 24.06
N LEU A 283 23.33 -27.28 24.17
CA LEU A 283 23.14 -27.96 25.45
C LEU A 283 23.99 -27.35 26.56
N ALA A 284 25.10 -26.71 26.19
CA ALA A 284 25.96 -26.07 27.17
C ALA A 284 25.60 -24.61 27.42
N ALA A 285 24.68 -24.04 26.66
CA ALA A 285 24.35 -22.64 26.81
C ALA A 285 23.56 -22.41 28.10
N PRO A 286 23.80 -21.30 28.80
CA PRO A 286 23.06 -21.06 30.05
C PRO A 286 21.57 -20.89 29.85
N ASN A 287 21.13 -20.34 28.72
CA ASN A 287 19.72 -20.02 28.52
C ASN A 287 19.01 -21.05 27.63
N LEU A 288 19.44 -22.31 27.67
CA LEU A 288 18.73 -23.37 26.97
C LEU A 288 17.25 -23.33 27.36
N PRO A 289 16.33 -23.22 26.40
CA PRO A 289 14.90 -23.26 26.75
C PRO A 289 14.49 -24.63 27.26
N SER A 290 13.34 -24.66 27.95
CA SER A 290 12.69 -25.90 28.34
C SER A 290 11.69 -26.32 27.26
N ARG A 291 11.26 -27.56 27.32
CA ARG A 291 10.34 -28.10 26.32
C ARG A 291 9.03 -27.35 26.22
N ASP A 292 8.53 -26.86 27.34
CA ASP A 292 7.27 -26.14 27.34
C ASP A 292 7.40 -24.82 26.58
N GLN A 293 8.63 -24.31 26.41
CA GLN A 293 8.88 -23.06 25.72
C GLN A 293 9.01 -23.19 24.20
N VAL A 294 9.29 -24.38 23.67
CA VAL A 294 9.54 -24.57 22.25
C VAL A 294 8.42 -25.40 21.62
N ALA A 295 8.35 -25.37 20.29
CA ALA A 295 7.38 -26.16 19.57
C ALA A 295 8.03 -27.26 18.73
N LEU A 296 9.31 -27.56 18.99
CA LEU A 296 10.02 -28.57 18.19
C LEU A 296 9.36 -29.93 18.31
N ARG A 297 9.18 -30.61 17.17
CA ARG A 297 8.74 -32.00 17.17
C ARG A 297 9.75 -32.93 16.52
N LEU A 298 10.78 -32.38 15.89
CA LEU A 298 11.76 -33.16 15.16
C LEU A 298 13.05 -32.36 15.14
N ALA A 299 14.15 -33.03 15.45
CA ALA A 299 15.48 -32.45 15.49
C ALA A 299 16.37 -33.33 14.64
N SER A 300 16.87 -32.78 13.53
CA SER A 300 17.72 -33.50 12.59
C SER A 300 19.17 -33.11 12.83
N SER A 301 20.09 -34.05 12.59
CA SER A 301 21.52 -33.76 12.70
CA SER A 301 21.51 -33.75 12.69
C SER A 301 22.27 -34.37 11.52
N ALA A 302 23.31 -33.68 11.05
CA ALA A 302 24.17 -34.22 10.00
C ALA A 302 25.49 -33.46 9.96
N GLY A 303 26.43 -33.99 9.18
CA GLY A 303 27.71 -33.33 8.89
C GLY A 303 28.89 -34.04 9.53
N GLU A 304 28.69 -34.62 10.71
CA GLU A 304 29.65 -35.40 11.47
C GLU A 304 28.84 -36.38 12.29
N ALA A 305 29.48 -37.45 12.74
CA ALA A 305 28.82 -38.41 13.63
C ALA A 305 28.27 -37.69 14.87
N LEU A 306 27.06 -38.07 15.28
CA LEU A 306 26.46 -37.58 16.52
C LEU A 306 26.95 -38.41 17.69
N PRO A 307 27.75 -37.87 18.61
CA PRO A 307 28.14 -38.65 19.79
C PRO A 307 26.89 -39.05 20.57
N ALA A 308 26.85 -40.31 20.99
CA ALA A 308 25.68 -40.80 21.71
C ALA A 308 25.30 -39.90 22.88
N GLU A 309 26.29 -39.38 23.62
CA GLU A 309 25.94 -38.65 24.83
C GLU A 309 25.22 -37.34 24.52
N ILE A 310 25.52 -36.72 23.37
CA ILE A 310 24.82 -35.51 22.94
C ILE A 310 23.36 -35.81 22.65
N GLY A 311 23.09 -36.88 21.89
CA GLY A 311 21.72 -37.26 21.65
C GLY A 311 20.99 -37.59 22.94
N GLN A 312 21.63 -38.36 23.82
CA GLN A 312 20.99 -38.75 25.08
C GLN A 312 20.68 -37.54 25.94
N ARG A 313 21.61 -36.57 26.00
CA ARG A 313 21.35 -35.37 26.78
C ARG A 313 20.23 -34.52 26.19
N PHE A 314 20.19 -34.42 24.84
CA PHE A 314 19.10 -33.69 24.20
C PHE A 314 17.77 -34.36 24.49
N GLN A 315 17.74 -35.69 24.41
CA GLN A 315 16.52 -36.42 24.70
C GLN A 315 16.09 -36.22 26.16
N ARG A 316 17.04 -36.28 27.10
CA ARG A 316 16.68 -36.13 28.50
C ARG A 316 16.12 -34.73 28.78
N HIS A 317 16.64 -33.70 28.12
CA HIS A 317 16.17 -32.34 28.35
C HIS A 317 14.87 -32.04 27.61
N PHE A 318 14.76 -32.43 26.34
CA PHE A 318 13.63 -31.98 25.53
C PHE A 318 12.57 -33.06 25.32
N GLY A 319 12.82 -34.29 25.74
CA GLY A 319 11.89 -35.37 25.40
C GLY A 319 11.84 -35.63 23.91
N LEU A 320 12.91 -35.26 23.20
CA LEU A 320 12.97 -35.45 21.74
C LEU A 320 14.34 -36.03 21.36
N ASP A 321 14.36 -37.09 20.55
CA ASP A 321 15.66 -37.55 20.08
C ASP A 321 16.23 -36.59 19.04
N ILE A 322 17.53 -36.69 18.79
CA ILE A 322 18.15 -36.11 17.62
C ILE A 322 18.25 -37.22 16.58
N VAL A 323 17.79 -36.94 15.36
CA VAL A 323 17.74 -37.94 14.30
C VAL A 323 18.96 -37.73 13.41
N ASP A 324 19.94 -38.62 13.52
CA ASP A 324 21.25 -38.46 12.88
C ASP A 324 21.21 -39.19 11.54
N GLY A 325 21.44 -38.45 10.46
CA GLY A 325 21.55 -39.06 9.14
C GLY A 325 22.82 -38.56 8.46
N ILE A 326 23.33 -39.37 7.53
CA ILE A 326 24.53 -38.99 6.79
C ILE A 326 24.14 -38.78 5.35
N GLY A 327 24.44 -37.59 4.85
CA GLY A 327 24.38 -37.32 3.42
C GLY A 327 25.72 -36.81 2.91
N SER A 328 25.76 -36.38 1.65
CA SER A 328 26.95 -35.76 1.10
C SER A 328 26.52 -34.80 0.00
N THR A 329 27.45 -33.90 -0.36
CA THR A 329 27.15 -32.99 -1.47
C THR A 329 26.88 -33.78 -2.75
N GLU A 330 27.67 -34.85 -2.98
CA GLU A 330 27.47 -35.68 -4.17
C GLU A 330 26.13 -36.42 -4.18
N MET A 331 25.66 -36.90 -3.02
CA MET A 331 24.35 -37.55 -2.96
C MET A 331 23.19 -36.60 -2.64
N LEU A 332 23.49 -35.32 -2.38
CA LEU A 332 22.55 -34.23 -2.10
C LEU A 332 21.84 -34.32 -0.75
N ALA A 333 21.36 -35.50 -0.33
CA ALA A 333 20.79 -35.61 1.02
C ALA A 333 21.14 -36.97 1.61
N ALA A 334 20.51 -37.29 2.74
CA ALA A 334 20.89 -38.47 3.51
C ALA A 334 20.55 -39.75 2.76
N PHE A 335 21.46 -40.73 2.84
CA PHE A 335 21.25 -42.07 2.31
C PHE A 335 21.28 -43.15 3.38
N LEU A 336 21.77 -42.78 4.57
CA LEU A 336 21.81 -43.64 5.79
C LEU A 336 21.23 -42.77 6.91
N SER A 337 20.23 -43.25 7.65
CA SER A 337 19.62 -42.38 8.64
C SER A 337 18.87 -43.18 9.68
N ASN A 338 18.96 -42.71 10.92
CA ASN A 338 17.99 -43.06 11.94
C ASN A 338 16.61 -42.55 11.52
N LEU A 339 15.56 -43.07 12.17
CA LEU A 339 14.20 -42.62 11.87
C LEU A 339 13.64 -41.77 13.02
N PRO A 340 12.65 -40.92 12.75
CA PRO A 340 12.05 -40.14 13.85
C PRO A 340 11.59 -41.01 15.00
N ASP A 341 11.05 -42.20 14.74
CA ASP A 341 10.64 -43.06 15.85
C ASP A 341 11.55 -44.28 15.99
N ARG A 342 12.75 -44.25 15.39
CA ARG A 342 13.68 -45.35 15.57
C ARG A 342 15.08 -44.78 15.54
N VAL A 343 15.64 -44.58 16.72
CA VAL A 343 16.95 -43.96 16.90
C VAL A 343 17.83 -44.95 17.66
N ARG A 344 19.02 -45.20 17.14
CA ARG A 344 20.03 -45.94 17.89
C ARG A 344 21.29 -45.07 17.92
N TYR A 345 21.51 -44.43 19.07
CA TYR A 345 22.66 -43.56 19.23
C TYR A 345 23.95 -44.38 19.11
N GLY A 346 25.00 -43.72 18.62
CA GLY A 346 26.21 -44.43 18.25
C GLY A 346 26.16 -45.09 16.88
N THR A 347 25.09 -44.90 16.11
CA THR A 347 25.01 -45.37 14.73
C THR A 347 24.36 -44.29 13.87
N THR A 348 24.53 -44.43 12.55
CA THR A 348 23.79 -43.60 11.61
C THR A 348 22.52 -44.28 11.10
N GLY A 349 22.03 -45.27 11.82
CA GLY A 349 20.76 -45.88 11.46
C GLY A 349 20.85 -46.80 10.26
N TRP A 350 19.86 -46.71 9.38
CA TRP A 350 19.58 -47.69 8.34
C TRP A 350 19.51 -47.04 6.97
N PRO A 351 19.69 -47.82 5.91
CA PRO A 351 19.58 -47.25 4.56
C PRO A 351 18.24 -46.56 4.35
N VAL A 352 18.28 -45.38 3.75
CA VAL A 352 17.07 -44.71 3.30
C VAL A 352 16.47 -45.52 2.16
N PRO A 353 15.23 -46.00 2.25
CA PRO A 353 14.63 -46.69 1.10
C PRO A 353 14.77 -45.86 -0.18
N GLY A 354 15.17 -46.52 -1.25
CA GLY A 354 15.53 -45.88 -2.48
C GLY A 354 17.02 -45.84 -2.72
N TYR A 355 17.82 -46.00 -1.68
CA TYR A 355 19.27 -46.04 -1.82
C TYR A 355 19.74 -47.45 -1.50
N GLN A 356 20.67 -47.95 -2.31
CA GLN A 356 21.35 -49.19 -2.00
C GLN A 356 22.75 -48.86 -1.48
N ILE A 357 23.16 -49.57 -0.44
CA ILE A 357 24.39 -49.30 0.29
C ILE A 357 25.33 -50.49 0.15
N GLU A 358 26.61 -50.22 -0.11
CA GLU A 358 27.62 -51.29 -0.13
C GLU A 358 28.83 -50.92 0.71
N LEU A 359 29.30 -51.89 1.49
CA LEU A 359 30.56 -51.82 2.18
C LEU A 359 31.55 -52.75 1.47
N ARG A 360 32.65 -52.18 0.98
CA ARG A 360 33.60 -52.93 0.17
C ARG A 360 34.94 -53.07 0.88
N GLY A 361 35.52 -54.27 0.79
CA GLY A 361 36.81 -54.55 1.40
C GLY A 361 37.94 -54.24 0.43
N ASP A 362 39.13 -54.76 0.77
CA ASP A 362 40.33 -54.34 0.06
C ASP A 362 40.42 -54.92 -1.35
N GLY A 363 39.68 -55.97 -1.65
CA GLY A 363 39.55 -56.42 -3.02
C GLY A 363 38.29 -55.95 -3.71
N GLY A 364 37.54 -55.03 -3.10
CA GLY A 364 36.30 -54.56 -3.69
C GLY A 364 35.09 -55.43 -3.43
N GLY A 365 35.20 -56.45 -2.59
CA GLY A 365 34.13 -57.41 -2.39
C GLY A 365 33.41 -57.18 -1.08
N PRO A 366 32.37 -57.98 -0.83
CA PRO A 366 31.60 -57.79 0.40
C PRO A 366 32.46 -58.02 1.64
N VAL A 367 32.18 -57.24 2.70
CA VAL A 367 32.80 -57.45 3.99
C VAL A 367 31.77 -58.03 4.93
N ALA A 368 32.23 -58.81 5.90
CA ALA A 368 31.35 -59.42 6.88
C ALA A 368 30.90 -58.43 7.95
N ASP A 369 29.67 -58.64 8.44
CA ASP A 369 29.13 -57.79 9.49
C ASP A 369 30.11 -57.67 10.65
N GLY A 370 30.34 -56.42 11.09
CA GLY A 370 31.27 -56.15 12.17
C GLY A 370 32.63 -55.69 11.71
N GLU A 371 32.95 -55.90 10.44
CA GLU A 371 34.23 -55.43 9.90
C GLU A 371 34.03 -54.18 9.06
N PRO A 372 34.98 -53.26 9.10
CA PRO A 372 34.84 -52.02 8.34
C PRO A 372 35.03 -52.27 6.85
N GLY A 373 34.31 -51.48 6.06
CA GLY A 373 34.44 -51.50 4.61
C GLY A 373 34.22 -50.09 4.09
N ASP A 374 34.71 -49.85 2.87
CA ASP A 374 34.49 -48.57 2.22
C ASP A 374 33.02 -48.46 1.79
N LEU A 375 32.38 -47.35 2.15
CA LEU A 375 30.98 -47.12 1.82
C LEU A 375 30.81 -46.63 0.39
N TYR A 376 29.91 -47.27 -0.35
CA TYR A 376 29.50 -46.84 -1.68
C TYR A 376 27.98 -46.77 -1.71
N ILE A 377 27.44 -45.82 -2.46
CA ILE A 377 26.00 -45.58 -2.49
C ILE A 377 25.49 -45.61 -3.93
N HIS A 378 24.40 -46.35 -4.15
CA HIS A 378 23.67 -46.31 -5.41
C HIS A 378 22.28 -45.74 -5.13
N GLY A 379 22.02 -44.54 -5.64
CA GLY A 379 20.75 -43.88 -5.40
C GLY A 379 20.40 -42.89 -6.49
N PRO A 380 19.13 -42.52 -6.61
CA PRO A 380 18.68 -41.70 -7.73
C PRO A 380 18.99 -40.22 -7.61
N SER A 381 19.62 -39.76 -6.53
CA SER A 381 19.94 -38.34 -6.37
C SER A 381 21.41 -38.04 -6.59
N SER A 382 22.17 -39.00 -7.12
CA SER A 382 23.61 -38.83 -7.20
C SER A 382 23.96 -37.73 -8.19
N ALA A 383 24.98 -36.93 -7.85
CA ALA A 383 25.55 -36.00 -8.82
C ALA A 383 26.11 -36.79 -10.00
N THR A 384 26.13 -36.15 -11.17
CA THR A 384 26.62 -36.81 -12.37
C THR A 384 28.14 -36.74 -12.52
N MET A 385 28.79 -35.72 -11.98
CA MET A 385 30.22 -35.52 -12.24
C MET A 385 30.71 -34.36 -11.39
N TYR A 386 32.03 -34.21 -11.35
CA TYR A 386 32.63 -32.93 -10.99
C TYR A 386 32.95 -32.19 -12.28
N TRP A 387 32.34 -31.01 -12.45
CA TRP A 387 32.49 -30.24 -13.68
C TRP A 387 33.96 -29.95 -13.98
N GLY A 388 34.41 -30.33 -15.16
CA GLY A 388 35.78 -30.05 -15.57
C GLY A 388 36.88 -30.85 -14.90
N ASN A 389 36.56 -31.83 -14.06
CA ASN A 389 37.59 -32.66 -13.44
C ASN A 389 37.25 -34.13 -13.69
N ARG A 390 37.74 -34.65 -14.82
CA ARG A 390 37.42 -36.01 -15.22
C ARG A 390 38.12 -37.04 -14.34
N ALA A 391 39.34 -36.74 -13.90
CA ALA A 391 40.05 -37.68 -13.02
C ALA A 391 39.29 -37.95 -11.73
N LYS A 392 38.93 -36.87 -11.00
CA LYS A 392 38.23 -37.10 -9.74
C LYS A 392 36.83 -37.65 -9.96
N SER A 393 36.20 -37.30 -11.09
CA SER A 393 34.88 -37.87 -11.39
C SER A 393 34.97 -39.38 -11.58
N ARG A 394 35.95 -39.84 -12.36
CA ARG A 394 36.14 -41.28 -12.55
C ARG A 394 36.36 -41.97 -11.22
N ASP A 395 37.13 -41.33 -10.32
CA ASP A 395 37.41 -41.92 -9.02
C ASP A 395 36.17 -42.03 -8.16
N THR A 396 35.21 -41.13 -8.32
CA THR A 396 34.09 -41.04 -7.40
C THR A 396 32.82 -41.68 -7.95
N PHE A 397 32.48 -41.42 -9.20
CA PHE A 397 31.23 -41.89 -9.77
C PHE A 397 31.57 -43.05 -10.70
N GLN A 398 31.32 -44.26 -10.24
CA GLN A 398 31.76 -45.48 -10.93
C GLN A 398 30.51 -46.24 -11.31
N GLY A 399 30.02 -45.99 -12.53
CA GLY A 399 28.95 -46.78 -13.09
C GLY A 399 27.82 -47.07 -12.13
N GLY A 400 27.10 -46.03 -11.73
CA GLY A 400 25.97 -46.17 -10.85
C GLY A 400 26.28 -46.08 -9.37
N TRP A 401 27.53 -46.24 -8.97
CA TRP A 401 27.93 -46.21 -7.57
C TRP A 401 28.75 -44.98 -7.26
N THR A 402 28.52 -44.39 -6.09
CA THR A 402 29.20 -43.18 -5.66
C THR A 402 30.04 -43.52 -4.43
N LYS A 403 31.36 -43.33 -4.55
CA LYS A 403 32.28 -43.52 -3.43
C LYS A 403 32.16 -42.36 -2.45
N SER A 404 31.88 -42.67 -1.18
CA SER A 404 31.62 -41.62 -0.20
C SER A 404 32.89 -41.07 0.45
N GLY A 405 33.97 -41.86 0.52
CA GLY A 405 35.13 -41.46 1.27
C GLY A 405 35.13 -41.91 2.72
N ASP A 406 34.08 -42.60 3.16
CA ASP A 406 33.91 -43.07 4.52
C ASP A 406 34.09 -44.58 4.62
N LYS A 407 34.44 -45.02 5.83
CA LYS A 407 34.40 -46.42 6.22
C LYS A 407 33.25 -46.60 7.21
N TYR A 408 32.52 -47.70 7.07
CA TYR A 408 31.40 -48.00 7.95
C TYR A 408 31.41 -49.48 8.30
N VAL A 409 30.75 -49.77 9.43
CA VAL A 409 30.55 -51.12 9.93
C VAL A 409 29.05 -51.36 10.00
N ARG A 410 28.59 -52.49 9.45
CA ARG A 410 27.19 -52.87 9.56
C ARG A 410 26.99 -53.75 10.78
N ASN A 411 25.95 -53.44 11.56
CA ASN A 411 25.68 -54.12 12.81
C ASN A 411 24.63 -55.22 12.60
N ASP A 412 24.52 -56.09 13.61
CA ASP A 412 23.60 -57.22 13.57
C ASP A 412 22.15 -56.81 13.34
N ASP A 413 21.75 -55.60 13.72
CA ASP A 413 20.38 -55.16 13.50
C ASP A 413 20.21 -54.41 12.18
N GLY A 414 21.23 -54.39 11.32
CA GLY A 414 21.17 -53.66 10.08
C GLY A 414 21.55 -52.19 10.17
N SER A 415 21.87 -51.68 11.35
CA SER A 415 22.32 -50.31 11.45
C SER A 415 23.79 -50.22 11.06
N TYR A 416 24.25 -48.98 10.84
CA TYR A 416 25.61 -48.70 10.35
C TYR A 416 26.33 -47.74 11.28
N THR A 417 27.53 -48.11 11.70
CA THR A 417 28.36 -47.32 12.61
C THR A 417 29.54 -46.72 11.86
N TYR A 418 29.69 -45.40 11.97
CA TYR A 418 30.78 -44.71 11.28
C TYR A 418 32.13 -45.18 11.80
N ALA A 419 33.08 -45.40 10.88
CA ALA A 419 34.40 -45.88 11.23
C ALA A 419 35.51 -45.04 10.61
N GLY A 420 35.24 -43.78 10.27
CA GLY A 420 36.28 -42.86 9.83
C GLY A 420 36.32 -42.69 8.32
N ARG A 421 37.27 -41.85 7.89
CA ARG A 421 37.47 -41.54 6.49
C ARG A 421 38.56 -42.42 5.90
N THR A 422 38.64 -42.40 4.57
CA THR A 422 39.72 -43.01 3.82
C THR A 422 40.61 -41.98 3.13
N ASP A 423 40.59 -40.71 3.58
CA ASP A 423 41.37 -39.70 2.81
C ASP A 423 42.04 -38.60 3.64
N ASP A 424 41.98 -38.62 4.97
CA ASP A 424 42.65 -37.55 5.68
C ASP A 424 41.75 -36.37 6.01
N MET A 425 40.72 -36.17 5.19
CA MET A 425 39.75 -35.06 5.40
C MET A 425 39.24 -35.11 6.84
N LEU A 426 38.97 -33.94 7.42
CA LEU A 426 38.42 -33.85 8.79
C LEU A 426 37.06 -33.13 8.71
N LYS A 427 36.08 -33.63 9.44
CA LYS A 427 34.79 -32.94 9.57
C LYS A 427 34.78 -32.26 10.93
N VAL A 428 34.88 -30.94 10.93
CA VAL A 428 34.89 -30.15 12.15
C VAL A 428 33.69 -29.22 12.12
N SER A 429 32.91 -29.22 13.20
CA SER A 429 31.60 -28.55 13.20
C SER A 429 30.75 -29.06 12.04
N GLY A 430 30.96 -30.33 11.66
CA GLY A 430 30.26 -30.89 10.52
C GLY A 430 30.65 -30.35 9.16
N ILE A 431 31.78 -29.64 9.06
CA ILE A 431 32.23 -28.99 7.82
C ILE A 431 33.60 -29.57 7.45
N TYR A 432 33.81 -29.82 6.15
CA TYR A 432 35.09 -30.34 5.67
C TYR A 432 36.23 -29.40 6.00
N VAL A 433 37.31 -29.96 6.57
CA VAL A 433 38.55 -29.22 6.74
C VAL A 433 39.70 -30.14 6.35
N SER A 434 40.60 -29.63 5.52
CA SER A 434 41.79 -30.37 5.15
C SER A 434 42.93 -30.04 6.11
N PRO A 435 43.50 -31.03 6.80
CA PRO A 435 44.69 -30.74 7.63
C PRO A 435 45.83 -30.13 6.84
N PHE A 436 45.94 -30.45 5.54
CA PHE A 436 47.04 -29.93 4.74
C PHE A 436 46.90 -28.44 4.49
N GLU A 437 45.67 -27.92 4.40
CA GLU A 437 45.50 -26.49 4.35
C GLU A 437 46.04 -25.83 5.62
N ILE A 438 45.69 -26.38 6.79
CA ILE A 438 46.10 -25.77 8.04
C ILE A 438 47.63 -25.83 8.16
N GLU A 439 48.22 -26.99 7.87
CA GLU A 439 49.67 -27.11 7.84
C GLU A 439 50.30 -26.06 6.93
N ALA A 440 49.77 -25.92 5.71
CA ALA A 440 50.33 -24.95 4.77
C ALA A 440 50.24 -23.53 5.31
N THR A 441 49.16 -23.20 6.03
CA THR A 441 49.03 -21.89 6.64
C THR A 441 50.06 -21.70 7.74
N LEU A 442 50.22 -22.70 8.60
CA LEU A 442 51.13 -22.57 9.74
C LEU A 442 52.58 -22.37 9.30
N VAL A 443 53.05 -23.11 8.28
CA VAL A 443 54.46 -23.02 7.90
CA VAL A 443 54.44 -23.04 7.87
C VAL A 443 54.79 -21.71 7.21
N GLN A 444 53.80 -20.89 6.88
CA GLN A 444 54.10 -19.55 6.39
C GLN A 444 54.37 -18.56 7.51
N HIS A 445 54.19 -18.96 8.78
CA HIS A 445 54.65 -18.12 9.87
C HIS A 445 56.17 -18.18 9.96
N PRO A 446 56.86 -17.03 10.01
CA PRO A 446 58.32 -17.05 10.01
C PRO A 446 58.94 -17.77 11.19
N GLY A 447 58.19 -18.03 12.26
CA GLY A 447 58.68 -18.76 13.42
C GLY A 447 58.44 -20.25 13.41
N VAL A 448 57.82 -20.78 12.36
CA VAL A 448 57.46 -22.19 12.27
C VAL A 448 58.37 -22.86 11.24
N LEU A 449 59.01 -23.95 11.65
CA LEU A 449 59.81 -24.71 10.71
C LEU A 449 59.00 -25.80 10.02
N GLU A 450 58.22 -26.56 10.80
CA GLU A 450 57.42 -27.67 10.33
C GLU A 450 56.11 -27.67 11.11
N ALA A 451 55.08 -28.29 10.53
CA ALA A 451 53.79 -28.42 11.20
C ALA A 451 53.08 -29.65 10.69
N ALA A 452 52.40 -30.33 11.59
CA ALA A 452 51.53 -31.43 11.23
C ALA A 452 50.21 -31.26 11.97
N VAL A 453 49.11 -31.50 11.27
CA VAL A 453 47.77 -31.38 11.85
C VAL A 453 47.05 -32.71 11.72
N VAL A 454 46.41 -33.13 12.81
CA VAL A 454 45.59 -34.34 12.84
C VAL A 454 44.29 -34.00 13.56
N GLY A 455 43.32 -34.91 13.46
CA GLY A 455 42.07 -34.75 14.16
C GLY A 455 42.13 -35.43 15.52
N VAL A 456 41.54 -34.78 16.52
CA VAL A 456 41.44 -35.29 17.89
C VAL A 456 40.01 -35.11 18.37
N ALA A 457 39.49 -36.10 19.07
CA ALA A 457 38.16 -35.99 19.67
C ALA A 457 38.24 -35.15 20.95
N ASP A 458 37.34 -34.17 21.08
CA ASP A 458 37.30 -33.32 22.26
C ASP A 458 36.55 -34.04 23.38
N GLU A 459 36.23 -33.29 24.45
CA GLU A 459 35.57 -33.89 25.61
C GLU A 459 34.21 -34.50 25.24
N HIS A 460 33.54 -33.99 24.21
CA HIS A 460 32.24 -34.50 23.80
C HIS A 460 32.33 -35.54 22.68
N GLY A 461 33.53 -36.03 22.37
CA GLY A 461 33.68 -36.94 21.26
C GLY A 461 33.68 -36.30 19.88
N LEU A 462 33.80 -34.98 19.78
CA LEU A 462 33.72 -34.28 18.49
C LEU A 462 35.12 -33.98 17.97
N THR A 463 35.35 -34.29 16.70
CA THR A 463 36.68 -34.14 16.09
C THR A 463 37.04 -32.66 15.91
N LYS A 464 38.24 -32.29 16.32
CA LYS A 464 38.78 -30.96 16.10
C LYS A 464 40.21 -31.08 15.60
N PRO A 465 40.71 -30.08 14.87
CA PRO A 465 42.11 -30.12 14.45
C PRO A 465 43.01 -29.97 15.67
N LYS A 466 44.17 -30.64 15.60
CA LYS A 466 45.24 -30.49 16.59
C LYS A 466 46.56 -30.35 15.84
N ALA A 467 47.31 -29.30 16.17
CA ALA A 467 48.52 -28.93 15.45
C ALA A 467 49.75 -29.29 16.28
N TYR A 468 50.72 -29.92 15.63
CA TYR A 468 52.04 -30.15 16.21
C TYR A 468 53.02 -29.29 15.41
N VAL A 469 53.75 -28.42 16.09
CA VAL A 469 54.58 -27.41 15.42
C VAL A 469 56.02 -27.55 15.90
N VAL A 470 56.95 -27.55 14.95
CA VAL A 470 58.38 -27.46 15.25
C VAL A 470 58.79 -26.00 15.06
N PRO A 471 59.17 -25.28 16.11
CA PRO A 471 59.57 -23.88 15.93
C PRO A 471 60.84 -23.81 15.12
N ARG A 472 61.01 -22.69 14.43
CA ARG A 472 62.24 -22.49 13.68
C ARG A 472 63.35 -22.06 14.63
N PRO A 473 64.45 -22.80 14.73
CA PRO A 473 65.49 -22.48 15.72
C PRO A 473 65.92 -21.03 15.64
N GLY A 474 65.94 -20.37 16.79
CA GLY A 474 66.34 -18.98 16.85
C GLY A 474 65.23 -17.96 16.68
N GLN A 475 63.98 -18.39 16.56
CA GLN A 475 62.85 -17.47 16.40
C GLN A 475 61.95 -17.65 17.62
N THR A 476 61.81 -16.59 18.40
CA THR A 476 60.76 -16.51 19.39
C THR A 476 59.41 -16.78 18.73
N LEU A 477 58.66 -17.72 19.29
CA LEU A 477 57.33 -18.04 18.81
C LEU A 477 56.50 -18.39 20.03
N SER A 478 55.52 -17.55 20.34
CA SER A 478 54.66 -17.79 21.47
C SER A 478 53.31 -18.30 21.01
N GLU A 479 52.68 -19.16 21.82
CA GLU A 479 51.35 -19.65 21.48
C GLU A 479 50.42 -18.49 21.13
N THR A 480 50.51 -17.38 21.87
CA THR A 480 49.57 -16.28 21.68
C THR A 480 49.77 -15.61 20.33
N GLU A 481 51.03 -15.37 19.93
CA GLU A 481 51.28 -14.76 18.63
C GLU A 481 50.83 -15.68 17.50
N LEU A 482 50.97 -17.00 17.69
CA LEU A 482 50.54 -17.94 16.67
C LEU A 482 49.01 -17.99 16.56
N LYS A 483 48.31 -17.91 17.70
CA LYS A 483 46.85 -17.85 17.65
C LYS A 483 46.38 -16.64 16.85
N THR A 484 47.03 -15.48 17.08
CA THR A 484 46.69 -14.28 16.33
C THR A 484 47.05 -14.43 14.85
N PHE A 485 48.19 -15.04 14.54
CA PHE A 485 48.53 -15.31 13.14
C PHE A 485 47.43 -16.10 12.44
N ILE A 486 46.91 -17.14 13.08
CA ILE A 486 45.92 -17.96 12.39
C ILE A 486 44.52 -17.34 12.42
N LYS A 487 44.27 -16.40 13.34
CA LYS A 487 42.94 -15.79 13.47
C LYS A 487 42.49 -15.13 12.16
N ASP A 488 43.35 -14.32 11.55
CA ASP A 488 42.97 -13.59 10.35
C ASP A 488 43.27 -14.35 9.07
N ARG A 489 43.78 -15.58 9.17
CA ARG A 489 44.05 -16.38 7.98
C ARG A 489 43.12 -17.57 7.80
N LEU A 490 42.50 -18.09 8.86
CA LEU A 490 41.64 -19.26 8.75
C LEU A 490 40.28 -18.96 9.37
N ALA A 491 39.24 -19.54 8.79
CA ALA A 491 37.93 -19.44 9.39
C ALA A 491 37.93 -20.06 10.78
N PRO A 492 37.16 -19.51 11.71
CA PRO A 492 37.22 -19.99 13.11
C PRO A 492 37.03 -21.48 13.26
N TYR A 493 36.17 -22.12 12.47
CA TYR A 493 35.96 -23.55 12.70
C TYR A 493 37.21 -24.38 12.40
N LYS A 494 38.17 -23.81 11.67
CA LYS A 494 39.42 -24.50 11.38
C LYS A 494 40.50 -24.27 12.43
N TYR A 495 40.25 -23.44 13.44
CA TYR A 495 41.26 -23.21 14.46
C TYR A 495 41.63 -24.53 15.12
N PRO A 496 42.91 -24.87 15.24
CA PRO A 496 43.28 -26.02 16.08
C PRO A 496 42.78 -25.83 17.50
N ARG A 497 42.21 -26.89 18.08
CA ARG A 497 41.78 -26.84 19.47
C ARG A 497 42.95 -26.58 20.41
N SER A 498 44.09 -27.20 20.14
CA SER A 498 45.34 -26.84 20.79
C SER A 498 46.48 -27.02 19.81
N THR A 499 47.62 -26.41 20.17
CA THR A 499 48.86 -26.54 19.44
C THR A 499 49.95 -27.01 20.38
N VAL A 500 50.63 -28.09 20.03
CA VAL A 500 51.71 -28.63 20.82
C VAL A 500 53.00 -28.28 20.09
N PHE A 501 53.90 -27.63 20.81
CA PHE A 501 55.21 -27.29 20.28
C PHE A 501 56.15 -28.44 20.60
N VAL A 502 56.82 -28.95 19.58
CA VAL A 502 57.67 -30.12 19.70
C VAL A 502 59.02 -29.82 19.04
N ALA A 503 60.03 -30.60 19.44
CA ALA A 503 61.38 -30.40 18.91
C ALA A 503 61.59 -31.11 17.58
N GLU A 504 60.81 -32.15 17.31
CA GLU A 504 60.87 -32.87 16.06
C GLU A 504 59.53 -33.54 15.80
N LEU A 505 59.29 -33.90 14.54
CA LEU A 505 58.16 -34.71 14.11
C LEU A 505 58.61 -36.12 13.75
N PRO A 506 57.85 -37.16 14.13
CA PRO A 506 58.22 -38.52 13.70
C PRO A 506 58.08 -38.64 12.18
N LYS A 507 59.14 -39.09 11.54
CA LYS A 507 59.18 -39.19 10.09
C LYS A 507 59.67 -40.57 9.68
N THR A 508 59.18 -41.06 8.56
CA THR A 508 59.57 -42.39 8.11
C THR A 508 61.07 -42.42 7.97
N ALA A 509 61.50 -42.31 6.73
CA ALA A 509 62.92 -42.30 6.40
C ALA A 509 62.95 -41.86 4.95
N THR A 510 61.79 -41.41 4.47
CA THR A 510 61.64 -40.89 3.09
C THR A 510 61.12 -39.45 3.13
N GLY A 511 60.97 -38.88 4.32
CA GLY A 511 60.48 -37.50 4.51
C GLY A 511 58.98 -37.46 4.77
N LYS A 512 58.35 -38.58 5.14
CA LYS A 512 56.94 -38.46 5.37
C LYS A 512 56.66 -38.41 6.86
N ILE A 513 55.86 -37.44 7.27
CA ILE A 513 55.43 -37.37 8.65
C ILE A 513 54.55 -38.56 8.97
N GLN A 514 54.84 -39.25 10.08
CA GLN A 514 54.08 -40.43 10.50
C GLN A 514 52.88 -39.95 11.31
N ARG A 515 51.85 -39.51 10.59
CA ARG A 515 50.71 -38.87 11.23
C ARG A 515 50.02 -39.80 12.22
N PHE A 516 50.04 -41.11 11.99
CA PHE A 516 49.34 -41.99 12.91
C PHE A 516 49.97 -42.00 14.30
N LYS A 517 51.30 -41.85 14.38
CA LYS A 517 51.93 -41.72 15.69
C LYS A 517 51.41 -40.49 16.43
N LEU A 518 51.08 -39.43 15.71
CA LEU A 518 50.52 -38.27 16.37
C LEU A 518 49.09 -38.53 16.83
N ARG A 519 48.30 -39.22 16.00
CA ARG A 519 46.96 -39.62 16.43
C ARG A 519 47.04 -40.53 17.65
N GLU A 520 48.09 -41.36 17.69
CA GLU A 520 48.30 -42.29 18.79
C GLU A 520 48.73 -41.65 20.10
N GLY A 521 49.03 -40.36 20.07
CA GLY A 521 49.43 -39.65 21.28
C GLY A 521 50.89 -39.71 21.64
N VAL A 522 51.77 -40.20 20.73
CA VAL A 522 53.18 -40.38 21.03
C VAL A 522 53.87 -39.08 21.43
N LEU A 523 53.36 -37.92 21.01
CA LEU A 523 53.95 -36.63 21.35
C LEU A 523 53.01 -35.74 22.16
N VAL B 6 -8.97 11.66 -1.29
CA VAL B 6 -8.81 12.97 -1.93
C VAL B 6 -8.71 12.82 -3.44
N THR B 7 -9.65 13.44 -4.17
CA THR B 7 -9.65 13.28 -5.63
C THR B 7 -8.57 14.17 -6.27
N PRO B 8 -7.83 13.64 -7.24
CA PRO B 8 -6.79 14.44 -7.88
C PRO B 8 -7.38 15.70 -8.49
N PRO B 9 -6.59 16.77 -8.55
CA PRO B 9 -7.04 17.95 -9.30
C PRO B 9 -7.12 17.61 -10.78
N PRO B 10 -8.05 18.24 -11.50
CA PRO B 10 -8.09 18.02 -12.95
C PRO B 10 -6.81 18.51 -13.59
N GLU B 11 -6.51 17.96 -14.78
CA GLU B 11 -5.28 18.32 -15.53
C GLU B 11 -5.28 19.83 -15.81
N LYS B 12 -6.43 20.38 -16.23
CA LYS B 12 -6.55 21.83 -16.40
C LYS B 12 -6.95 22.41 -15.05
N PHE B 13 -6.08 23.23 -14.48
CA PHE B 13 -6.18 23.60 -13.07
C PHE B 13 -5.34 24.83 -12.81
N ASN B 14 -5.95 25.86 -12.25
CA ASN B 14 -5.26 27.04 -11.79
C ASN B 14 -5.51 27.18 -10.29
N PHE B 15 -4.45 27.15 -9.50
CA PHE B 15 -4.64 27.07 -8.05
C PHE B 15 -5.34 28.30 -7.50
N ALA B 16 -5.04 29.48 -8.03
CA ALA B 16 -5.70 30.69 -7.54
C ALA B 16 -7.21 30.63 -7.83
N GLU B 17 -7.57 30.27 -9.06
CA GLU B 17 -8.98 30.11 -9.40
C GLU B 17 -9.66 29.09 -8.50
N HIS B 18 -8.98 27.97 -8.22
CA HIS B 18 -9.54 26.97 -7.32
C HIS B 18 -9.89 27.57 -5.96
N LEU B 19 -8.95 28.31 -5.35
CA LEU B 19 -9.22 28.89 -4.04
C LEU B 19 -10.35 29.92 -4.11
N LEU B 20 -10.38 30.72 -5.19
CA LEU B 20 -11.45 31.71 -5.33
C LEU B 20 -12.81 31.03 -5.50
N GLN B 21 -12.89 30.02 -6.37
CA GLN B 21 -14.15 29.31 -6.60
C GLN B 21 -14.67 28.69 -5.31
N THR B 22 -13.77 28.05 -4.56
CA THR B 22 -14.16 27.41 -3.29
C THR B 22 -14.93 28.35 -2.36
N ASN B 23 -14.67 29.65 -2.45
CA ASN B 23 -15.20 30.58 -1.45
C ASN B 23 -16.28 31.49 -2.00
N ARG B 24 -16.68 31.30 -3.26
CA ARG B 24 -17.82 32.06 -3.76
C ARG B 24 -19.08 31.78 -2.97
N VAL B 25 -19.10 30.68 -2.20
CA VAL B 25 -20.24 30.39 -1.34
C VAL B 25 -20.26 31.26 -0.09
N ARG B 26 -19.21 32.04 0.19
CA ARG B 26 -19.11 32.82 1.42
C ARG B 26 -18.52 34.19 1.14
N PRO B 27 -19.14 34.95 0.22
CA PRO B 27 -18.53 36.22 -0.23
C PRO B 27 -18.31 37.24 0.86
N ASP B 28 -19.13 37.26 1.90
CA ASP B 28 -19.05 38.34 2.89
C ASP B 28 -18.27 37.97 4.14
N LYS B 29 -17.85 36.71 4.28
CA LYS B 29 -17.02 36.35 5.41
C LYS B 29 -15.64 37.00 5.27
N THR B 30 -15.03 37.35 6.40
CA THR B 30 -13.67 37.88 6.40
C THR B 30 -12.69 36.80 5.95
N ALA B 31 -11.91 37.10 4.92
CA ALA B 31 -10.87 36.19 4.49
C ALA B 31 -9.54 36.49 5.20
N PHE B 32 -9.12 37.74 5.19
CA PHE B 32 -7.87 38.15 5.81
C PHE B 32 -8.08 39.46 6.56
N VAL B 33 -7.42 39.58 7.72
CA VAL B 33 -7.46 40.83 8.47
C VAL B 33 -6.10 41.05 9.09
N ASP B 34 -5.64 42.30 9.09
CA ASP B 34 -4.38 42.65 9.73
C ASP B 34 -4.61 43.91 10.57
N ASP B 35 -3.53 44.60 10.91
CA ASP B 35 -3.63 45.70 11.86
C ASP B 35 -4.49 46.83 11.35
N ILE B 36 -4.60 47.00 10.03
CA ILE B 36 -5.19 48.22 9.50
C ILE B 36 -6.21 47.96 8.40
N SER B 37 -6.65 46.73 8.24
CA SER B 37 -7.44 46.44 7.05
C SER B 37 -8.01 45.05 7.12
N SER B 38 -9.04 44.82 6.31
CA SER B 38 -9.64 43.50 6.20
C SER B 38 -10.17 43.34 4.79
N LEU B 39 -10.21 42.08 4.35
CA LEU B 39 -10.71 41.70 3.04
C LEU B 39 -11.69 40.57 3.24
N SER B 40 -12.92 40.76 2.78
CA SER B 40 -13.85 39.64 2.64
C SER B 40 -13.39 38.76 1.47
N PHE B 41 -13.97 37.55 1.39
CA PHE B 41 -13.61 36.67 0.28
C PHE B 41 -13.94 37.32 -1.06
N ALA B 42 -15.07 38.02 -1.14
CA ALA B 42 -15.42 38.72 -2.38
C ALA B 42 -14.42 39.83 -2.70
N GLN B 43 -14.08 40.65 -1.72
CA GLN B 43 -13.09 41.71 -1.93
C GLN B 43 -11.75 41.13 -2.33
N LEU B 44 -11.32 40.07 -1.66
CA LEU B 44 -10.09 39.38 -2.05
C LEU B 44 -10.15 38.96 -3.51
N GLU B 45 -11.26 38.33 -3.92
CA GLU B 45 -11.33 37.85 -5.30
C GLU B 45 -11.29 39.03 -6.28
N ALA B 46 -12.01 40.10 -5.97
CA ALA B 46 -11.95 41.29 -6.83
C ALA B 46 -10.50 41.77 -6.99
N GLN B 47 -9.81 42.02 -5.87
CA GLN B 47 -8.48 42.59 -5.98
C GLN B 47 -7.49 41.62 -6.61
N THR B 48 -7.63 40.33 -6.30
CA THR B 48 -6.81 39.31 -6.94
C THR B 48 -6.91 39.43 -8.45
N ARG B 49 -8.14 39.40 -8.97
CA ARG B 49 -8.38 39.42 -10.43
C ARG B 49 -7.93 40.75 -11.06
N GLN B 50 -8.06 41.87 -10.34
CA GLN B 50 -7.59 43.14 -10.90
C GLN B 50 -6.07 43.23 -10.89
N LEU B 51 -5.42 42.64 -9.89
CA LEU B 51 -3.96 42.59 -9.91
C LEU B 51 -3.46 41.72 -11.05
N ALA B 52 -4.09 40.57 -11.25
CA ALA B 52 -3.75 39.72 -12.39
C ALA B 52 -3.86 40.49 -13.69
N ALA B 53 -4.93 41.28 -13.84
CA ALA B 53 -5.06 42.12 -15.02
C ALA B 53 -3.99 43.20 -15.04
N ALA B 54 -3.72 43.83 -13.90
CA ALA B 54 -2.70 44.87 -13.85
C ALA B 54 -1.34 44.35 -14.32
N LEU B 55 -0.94 43.15 -13.87
CA LEU B 55 0.36 42.62 -14.26
C LEU B 55 0.41 42.28 -15.75
N ARG B 56 -0.65 41.67 -16.28
CA ARG B 56 -0.71 41.41 -17.71
C ARG B 56 -0.59 42.68 -18.53
N ALA B 57 -1.23 43.76 -18.05
CA ALA B 57 -1.31 44.98 -18.85
C ALA B 57 0.05 45.66 -18.99
N ILE B 58 0.94 45.49 -18.01
CA ILE B 58 2.26 46.09 -18.12
C ILE B 58 3.21 45.14 -18.85
N GLY B 59 2.70 44.02 -19.36
CA GLY B 59 3.49 43.16 -20.22
C GLY B 59 4.16 41.96 -19.58
N VAL B 60 3.85 41.63 -18.32
CA VAL B 60 4.36 40.40 -17.74
C VAL B 60 3.62 39.22 -18.36
N LYS B 61 4.35 38.31 -18.98
CA LYS B 61 3.75 37.19 -19.69
C LYS B 61 3.60 35.98 -18.78
N ARG B 62 2.73 35.05 -19.21
CA ARG B 62 2.59 33.77 -18.53
C ARG B 62 3.94 33.08 -18.37
N GLU B 63 4.13 32.46 -17.20
CA GLU B 63 5.34 31.70 -16.85
C GLU B 63 6.52 32.59 -16.44
N GLU B 64 6.46 33.88 -16.75
CA GLU B 64 7.45 34.81 -16.21
C GLU B 64 7.28 34.99 -14.70
N ARG B 65 8.35 35.41 -14.04
CA ARG B 65 8.37 35.54 -12.58
C ARG B 65 8.19 36.98 -12.15
N VAL B 66 7.64 37.16 -10.95
CA VAL B 66 7.68 38.44 -10.23
C VAL B 66 8.17 38.17 -8.81
N LEU B 67 8.91 39.13 -8.26
CA LEU B 67 9.41 39.01 -6.90
C LEU B 67 8.36 39.51 -5.93
N LEU B 68 8.06 38.72 -4.92
CA LEU B 68 7.06 39.08 -3.91
C LEU B 68 7.84 39.23 -2.61
N LEU B 69 8.11 40.47 -2.24
CA LEU B 69 8.93 40.83 -1.07
C LEU B 69 8.04 41.65 -0.14
N MET B 70 7.25 40.99 0.72
CA MET B 70 6.19 41.71 1.41
C MET B 70 6.00 41.19 2.81
N LEU B 71 5.83 42.12 3.74
CA LEU B 71 5.39 41.79 5.09
C LEU B 71 4.02 41.14 5.05
N ASP B 72 3.76 40.26 6.01
CA ASP B 72 2.42 39.70 6.18
C ASP B 72 1.40 40.81 6.36
N GLY B 73 0.40 40.82 5.49
CA GLY B 73 -0.68 41.80 5.52
C GLY B 73 -1.65 41.42 4.41
N THR B 74 -2.84 42.03 4.46
CA THR B 74 -3.94 41.73 3.50
C THR B 74 -3.45 41.79 2.05
N ASP B 75 -2.52 42.69 1.73
CA ASP B 75 -2.01 42.76 0.36
C ASP B 75 -1.22 41.52 -0.06
N TRP B 76 -0.69 40.77 0.91
CA TRP B 76 0.15 39.59 0.58
C TRP B 76 -0.60 38.58 -0.30
N PRO B 77 -1.71 38.01 0.18
CA PRO B 77 -2.44 37.03 -0.66
C PRO B 77 -2.99 37.62 -1.95
N VAL B 78 -3.32 38.91 -1.97
CA VAL B 78 -3.70 39.55 -3.25
C VAL B 78 -2.55 39.45 -4.25
N ALA B 79 -1.33 39.81 -3.82
CA ALA B 79 -0.17 39.73 -4.72
C ALA B 79 0.10 38.28 -5.15
N PHE B 80 0.07 37.36 -4.20
CA PHE B 80 0.38 35.96 -4.48
C PHE B 80 -0.64 35.33 -5.41
N LEU B 81 -1.93 35.43 -5.05
CA LEU B 81 -2.99 34.81 -5.85
C LEU B 81 -3.19 35.57 -7.17
N GLY B 82 -3.06 36.89 -7.14
CA GLY B 82 -3.19 37.65 -8.38
C GLY B 82 -2.20 37.20 -9.44
N ALA B 83 -0.93 37.10 -9.05
CA ALA B 83 0.06 36.60 -10.02
C ALA B 83 -0.34 35.22 -10.52
N ILE B 84 -0.71 34.32 -9.61
CA ILE B 84 -1.01 32.94 -10.01
C ILE B 84 -2.24 32.90 -10.92
N TYR B 85 -3.27 33.70 -10.61
CA TYR B 85 -4.44 33.76 -11.46
C TYR B 85 -4.06 34.14 -12.89
N ALA B 86 -3.10 35.04 -13.05
CA ALA B 86 -2.64 35.48 -14.36
C ALA B 86 -1.70 34.48 -15.03
N GLY B 87 -1.34 33.39 -14.37
CA GLY B 87 -0.31 32.50 -14.91
C GLY B 87 1.10 33.02 -14.76
N ILE B 88 1.28 33.99 -13.89
CA ILE B 88 2.59 34.56 -13.58
C ILE B 88 3.10 33.89 -12.31
N VAL B 89 4.40 33.71 -12.21
CA VAL B 89 4.99 32.88 -11.16
C VAL B 89 5.52 33.79 -10.06
N PRO B 90 4.80 33.96 -8.95
CA PRO B 90 5.34 34.76 -7.85
C PRO B 90 6.46 34.01 -7.14
N VAL B 91 7.51 34.75 -6.80
CA VAL B 91 8.67 34.24 -6.09
C VAL B 91 8.62 34.90 -4.72
N ALA B 92 8.18 34.15 -3.72
CA ALA B 92 7.85 34.69 -2.41
C ALA B 92 9.07 34.54 -1.51
N VAL B 93 9.61 35.65 -1.01
CA VAL B 93 10.94 35.61 -0.39
C VAL B 93 10.94 36.25 0.99
N ASN B 94 11.93 35.81 1.78
CA ASN B 94 12.16 36.28 3.13
C ASN B 94 12.34 37.79 3.15
N THR B 95 11.64 38.46 4.07
CA THR B 95 11.69 39.91 4.19
C THR B 95 12.90 40.41 4.98
N LEU B 96 13.80 39.54 5.42
CA LEU B 96 14.89 39.87 6.33
CA LEU B 96 14.88 39.95 6.31
C LEU B 96 16.26 39.68 5.70
N LEU B 97 16.37 39.72 4.38
CA LEU B 97 17.65 39.46 3.72
C LEU B 97 18.33 40.78 3.37
N THR B 98 19.58 40.68 2.92
CA THR B 98 20.38 41.85 2.57
C THR B 98 20.14 42.26 1.10
N ALA B 99 20.61 43.45 0.76
CA ALA B 99 20.48 43.89 -0.63
C ALA B 99 21.15 42.90 -1.57
N ASP B 100 22.30 42.33 -1.17
CA ASP B 100 22.99 41.38 -2.02
C ASP B 100 22.17 40.11 -2.21
N ASP B 101 21.47 39.67 -1.16
CA ASP B 101 20.60 38.50 -1.30
C ASP B 101 19.55 38.74 -2.36
N TYR B 102 18.86 39.89 -2.29
CA TYR B 102 17.81 40.19 -3.26
C TYR B 102 18.39 40.43 -4.64
N ALA B 103 19.60 40.99 -4.73
CA ALA B 103 20.21 41.17 -6.05
C ALA B 103 20.37 39.83 -6.74
N TYR B 104 20.80 38.81 -6.00
CA TYR B 104 20.94 37.50 -6.60
C TYR B 104 19.59 36.95 -7.06
N MET B 105 18.55 37.09 -6.21
CA MET B 105 17.25 36.54 -6.54
C MET B 105 16.62 37.23 -7.75
N LEU B 106 16.82 38.56 -7.87
CA LEU B 106 16.34 39.27 -9.05
C LEU B 106 16.93 38.69 -10.33
N GLU B 107 18.24 38.44 -10.33
CA GLU B 107 18.89 37.93 -11.54
C GLU B 107 18.55 36.46 -11.75
N HIS B 108 18.52 35.69 -10.67
CA HIS B 108 18.29 34.26 -10.82
C HIS B 108 16.86 33.98 -11.27
N SER B 109 15.87 34.69 -10.73
CA SER B 109 14.48 34.51 -11.15
C SER B 109 14.15 35.19 -12.47
N ARG B 110 14.96 36.18 -12.84
CA ARG B 110 14.66 37.01 -14.03
C ARG B 110 13.32 37.72 -13.76
N ALA B 111 13.05 38.05 -12.50
CA ALA B 111 11.81 38.75 -12.16
C ALA B 111 11.58 39.94 -13.07
N GLN B 112 10.36 40.05 -13.60
CA GLN B 112 9.98 41.13 -14.49
C GLN B 112 9.32 42.28 -13.76
N ALA B 113 8.85 42.06 -12.54
CA ALA B 113 8.26 43.10 -11.73
C ALA B 113 8.50 42.73 -10.28
N VAL B 114 8.36 43.71 -9.38
CA VAL B 114 8.51 43.45 -7.96
C VAL B 114 7.33 44.05 -7.23
N LEU B 115 6.77 43.26 -6.32
CA LEU B 115 5.71 43.71 -5.41
C LEU B 115 6.33 43.78 -4.03
N VAL B 116 6.49 44.98 -3.49
CA VAL B 116 7.33 45.22 -2.33
C VAL B 116 6.59 46.08 -1.32
N SER B 117 6.66 45.67 -0.03
CA SER B 117 6.15 46.52 1.05
C SER B 117 6.99 47.79 1.16
N GLY B 118 6.32 48.91 1.48
CA GLY B 118 7.03 50.17 1.61
C GLY B 118 8.21 50.10 2.56
N ALA B 119 8.06 49.38 3.67
CA ALA B 119 9.16 49.30 4.63
C ALA B 119 10.35 48.53 4.07
N LEU B 120 10.18 47.79 2.98
CA LEU B 120 11.27 47.05 2.36
C LEU B 120 11.79 47.72 1.10
N HIS B 121 11.23 48.87 0.72
CA HIS B 121 11.71 49.55 -0.48
C HIS B 121 13.19 49.94 -0.40
N PRO B 122 13.73 50.39 0.73
CA PRO B 122 15.17 50.73 0.75
C PRO B 122 16.10 49.57 0.41
N VAL B 123 15.89 48.40 0.99
CA VAL B 123 16.78 47.29 0.67
C VAL B 123 16.56 46.84 -0.78
N LEU B 124 15.33 46.89 -1.26
CA LEU B 124 15.08 46.52 -2.64
C LEU B 124 15.70 47.52 -3.60
N LYS B 125 15.64 48.80 -3.27
CA LYS B 125 16.28 49.82 -4.10
C LYS B 125 17.78 49.56 -4.20
N ALA B 126 18.43 49.20 -3.09
CA ALA B 126 19.85 48.87 -3.18
C ALA B 126 20.08 47.67 -4.08
N ALA B 127 19.23 46.64 -3.97
CA ALA B 127 19.39 45.44 -4.77
C ALA B 127 19.22 45.74 -6.26
N LEU B 128 18.28 46.62 -6.59
CA LEU B 128 18.07 47.01 -7.98
C LEU B 128 19.30 47.74 -8.52
N THR B 129 19.88 48.62 -7.71
CA THR B 129 20.99 49.45 -8.18
C THR B 129 22.20 48.60 -8.54
N LYS B 130 22.46 47.54 -7.77
CA LYS B 130 23.70 46.80 -7.94
C LYS B 130 23.58 45.58 -8.86
N SER B 131 22.37 45.22 -9.32
CA SER B 131 22.15 43.95 -9.99
C SER B 131 21.92 44.13 -11.49
N ASP B 132 22.13 43.05 -12.24
CA ASP B 132 21.76 42.98 -13.65
C ASP B 132 20.33 42.43 -13.81
N HIS B 133 19.37 43.19 -13.30
CA HIS B 133 18.01 42.73 -13.19
C HIS B 133 17.21 43.02 -14.46
N GLU B 134 16.00 42.45 -14.53
CA GLU B 134 15.10 42.72 -15.66
C GLU B 134 13.78 43.30 -15.18
N VAL B 135 13.78 43.98 -14.04
CA VAL B 135 12.54 44.46 -13.44
C VAL B 135 11.99 45.61 -14.27
N GLN B 136 10.79 45.42 -14.82
CA GLN B 136 10.11 46.44 -15.61
C GLN B 136 9.31 47.41 -14.77
N ARG B 137 8.84 46.99 -13.59
CA ARG B 137 8.00 47.86 -12.80
C ARG B 137 8.15 47.47 -11.33
N VAL B 138 8.17 48.48 -10.46
CA VAL B 138 8.16 48.28 -9.02
C VAL B 138 6.81 48.75 -8.48
N ILE B 139 6.14 47.88 -7.74
CA ILE B 139 4.81 48.10 -7.23
C ILE B 139 4.91 48.11 -5.71
N VAL B 140 4.68 49.26 -5.07
CA VAL B 140 4.94 49.44 -3.65
C VAL B 140 3.61 49.37 -2.89
N SER B 141 3.46 48.34 -2.04
CA SER B 141 2.31 48.26 -1.14
C SER B 141 2.60 49.09 0.11
N ARG B 142 1.73 50.05 0.40
CA ARG B 142 1.86 50.87 1.61
C ARG B 142 3.18 51.64 1.59
N PRO B 143 3.37 52.55 0.63
CA PRO B 143 4.63 53.28 0.53
C PRO B 143 4.97 53.95 1.85
N ALA B 144 6.25 53.91 2.20
CA ALA B 144 6.77 54.59 3.38
C ALA B 144 7.64 55.79 3.00
N ALA B 145 7.78 56.08 1.73
CA ALA B 145 8.51 57.24 1.23
C ALA B 145 7.99 57.55 -0.15
N PRO B 146 8.25 58.75 -0.68
CA PRO B 146 7.74 59.09 -2.02
C PRO B 146 8.18 58.06 -3.04
N LEU B 147 7.29 57.79 -3.99
CA LEU B 147 7.60 56.88 -5.08
C LEU B 147 8.58 57.53 -6.04
N GLU B 148 9.45 56.69 -6.62
CA GLU B 148 10.37 57.09 -7.67
C GLU B 148 9.70 56.93 -9.02
N PRO B 149 10.28 57.52 -10.08
CA PRO B 149 9.67 57.38 -11.41
C PRO B 149 9.45 55.94 -11.79
N GLY B 150 8.34 55.69 -12.48
CA GLY B 150 8.05 54.34 -12.90
C GLY B 150 7.29 53.62 -11.82
N GLU B 151 7.61 53.93 -10.56
CA GLU B 151 7.01 53.21 -9.45
C GLU B 151 5.53 53.54 -9.34
N VAL B 152 4.76 52.60 -8.80
CA VAL B 152 3.33 52.79 -8.65
C VAL B 152 2.90 52.22 -7.30
N ASP B 153 1.84 52.82 -6.75
CA ASP B 153 1.26 52.41 -5.50
C ASP B 153 0.39 51.17 -5.71
N PHE B 154 0.56 50.18 -4.84
CA PHE B 154 -0.12 48.89 -5.00
C PHE B 154 -1.63 49.09 -5.16
N ALA B 155 -2.23 49.89 -4.28
CA ALA B 155 -3.69 50.07 -4.29
C ALA B 155 -4.15 50.78 -5.55
N GLU B 156 -3.42 51.80 -6.00
CA GLU B 156 -3.77 52.45 -7.25
C GLU B 156 -3.54 51.54 -8.44
N PHE B 157 -2.50 50.71 -8.37
CA PHE B 157 -2.20 49.77 -9.45
C PHE B 157 -3.36 48.79 -9.63
N VAL B 158 -3.80 48.18 -8.53
CA VAL B 158 -4.94 47.27 -8.60
C VAL B 158 -6.20 48.02 -9.03
N GLY B 159 -6.37 49.24 -8.51
CA GLY B 159 -7.61 49.96 -8.73
C GLY B 159 -7.81 50.38 -10.17
N ALA B 160 -6.72 50.58 -10.92
CA ALA B 160 -6.79 51.08 -12.28
C ALA B 160 -7.15 50.02 -13.31
N HIS B 161 -7.40 48.79 -12.91
CA HIS B 161 -7.64 47.74 -13.90
C HIS B 161 -8.86 46.95 -13.52
N ALA B 162 -9.68 46.66 -14.53
CA ALA B 162 -10.82 45.78 -14.33
C ALA B 162 -10.32 44.35 -14.21
N PRO B 163 -11.04 43.51 -13.46
CA PRO B 163 -10.55 42.14 -13.19
C PRO B 163 -10.37 41.32 -14.46
N LEU B 164 -9.27 40.56 -14.49
CA LEU B 164 -9.11 39.55 -15.52
C LEU B 164 -10.31 38.61 -15.49
N GLU B 165 -10.90 38.36 -16.67
CA GLU B 165 -12.17 37.63 -16.66
C GLU B 165 -11.99 36.13 -16.52
N LYS B 166 -10.88 35.58 -17.01
CA LYS B 166 -10.58 34.16 -16.87
C LYS B 166 -9.14 33.97 -16.43
N PRO B 167 -8.88 32.96 -15.60
CA PRO B 167 -7.50 32.64 -15.26
C PRO B 167 -6.76 32.17 -16.50
N ALA B 168 -5.45 32.37 -16.49
CA ALA B 168 -4.54 31.64 -17.36
C ALA B 168 -4.91 30.14 -17.39
N ALA B 169 -4.89 29.55 -18.58
CA ALA B 169 -5.30 28.16 -18.78
C ALA B 169 -4.17 27.19 -18.44
N THR B 170 -3.76 27.24 -17.19
CA THR B 170 -2.63 26.46 -16.71
C THR B 170 -3.04 25.00 -16.49
N GLN B 171 -2.05 24.14 -16.48
CA GLN B 171 -2.26 22.75 -16.10
C GLN B 171 -1.73 22.47 -14.69
N ALA B 172 -2.26 21.40 -14.10
CA ALA B 172 -1.99 21.08 -12.70
C ALA B 172 -0.49 20.98 -12.42
N ASP B 173 0.27 20.47 -13.39
CA ASP B 173 1.69 20.27 -13.20
C ASP B 173 2.54 21.43 -13.70
N ASP B 174 1.93 22.52 -14.18
CA ASP B 174 2.71 23.69 -14.50
C ASP B 174 3.27 24.32 -13.22
N PRO B 175 4.42 24.96 -13.30
CA PRO B 175 4.89 25.76 -12.16
C PRO B 175 3.87 26.81 -11.79
N ALA B 176 3.66 26.98 -10.49
CA ALA B 176 2.79 28.03 -9.98
C ALA B 176 3.52 29.08 -9.14
N PHE B 177 4.54 28.72 -8.36
CA PHE B 177 5.25 29.69 -7.52
C PHE B 177 6.58 29.11 -7.10
N TRP B 178 7.45 30.00 -6.62
CA TRP B 178 8.79 29.62 -6.14
C TRP B 178 9.00 30.10 -4.72
N LEU B 179 9.65 29.26 -3.93
CA LEU B 179 10.22 29.66 -2.65
C LEU B 179 11.72 29.40 -2.70
N TYR B 180 12.49 30.14 -1.90
CA TYR B 180 13.93 29.89 -1.84
C TYR B 180 14.30 29.16 -0.57
N SER B 181 15.21 28.19 -0.68
CA SER B 181 15.73 27.47 0.48
C SER B 181 17.24 27.34 0.36
N SER B 182 17.95 27.49 1.48
CA SER B 182 19.40 27.47 1.47
C SER B 182 19.96 26.16 2.02
N GLY B 183 21.06 25.68 1.41
CA GLY B 183 21.87 24.63 1.97
C GLY B 183 23.10 25.20 2.67
N SER B 184 24.01 24.29 3.05
CA SER B 184 25.13 24.70 3.90
C SER B 184 26.13 25.57 3.15
N THR B 185 26.21 25.43 1.84
CA THR B 185 27.00 26.30 0.98
C THR B 185 26.18 26.60 -0.26
N GLY B 186 26.63 27.57 -1.06
CA GLY B 186 26.01 27.85 -2.32
C GLY B 186 24.90 28.89 -2.22
N ARG B 187 24.34 29.24 -3.36
CA ARG B 187 23.27 30.23 -3.41
C ARG B 187 21.97 29.60 -2.91
N PRO B 188 21.03 30.43 -2.44
CA PRO B 188 19.69 29.92 -2.15
C PRO B 188 19.12 29.20 -3.37
N LYS B 189 18.45 28.08 -3.12
CA LYS B 189 17.89 27.26 -4.20
C LYS B 189 16.44 27.66 -4.45
N GLY B 190 16.10 27.88 -5.72
CA GLY B 190 14.75 28.23 -6.08
C GLY B 190 13.88 27.00 -6.21
N VAL B 191 13.03 26.78 -5.21
CA VAL B 191 12.19 25.59 -5.18
C VAL B 191 10.92 25.85 -5.99
N VAL B 192 10.70 25.04 -7.03
CA VAL B 192 9.59 25.21 -7.97
C VAL B 192 8.43 24.33 -7.54
N HIS B 193 7.30 24.96 -7.24
CA HIS B 193 6.07 24.27 -6.91
C HIS B 193 5.02 24.47 -8.00
N THR B 194 4.23 23.42 -8.24
CA THR B 194 3.19 23.40 -9.25
C THR B 194 1.85 23.86 -8.69
N HIS B 195 0.89 24.06 -9.60
CA HIS B 195 -0.49 24.36 -9.18
C HIS B 195 -1.06 23.26 -8.29
N ALA B 196 -0.72 21.99 -8.58
CA ALA B 196 -1.28 20.88 -7.81
C ALA B 196 -0.72 20.83 -6.38
N ASN B 197 0.52 21.26 -6.19
CA ASN B 197 1.20 20.98 -4.92
C ASN B 197 0.47 21.55 -3.72
N PRO B 198 0.11 22.84 -3.69
CA PRO B 198 -0.67 23.36 -2.54
C PRO B 198 -2.09 22.81 -2.46
N TYR B 199 -2.65 22.28 -3.54
CA TYR B 199 -3.93 21.59 -3.40
C TYR B 199 -3.77 20.33 -2.55
N TRP B 200 -2.73 19.54 -2.85
CA TRP B 200 -2.47 18.32 -2.09
C TRP B 200 -2.21 18.60 -0.61
N THR B 201 -1.28 19.53 -0.31
CA THR B 201 -0.98 19.82 1.09
C THR B 201 -2.22 20.31 1.81
N SER B 202 -2.99 21.20 1.17
CA SER B 202 -4.17 21.77 1.81
C SER B 202 -5.22 20.69 2.09
N GLU B 203 -5.36 19.71 1.19
CA GLU B 203 -6.33 18.62 1.39
C GLU B 203 -5.82 17.57 2.38
N LEU B 204 -4.61 17.06 2.13
CA LEU B 204 -4.09 15.94 2.90
C LEU B 204 -3.68 16.36 4.30
N TYR B 205 -3.13 17.56 4.46
CA TYR B 205 -2.70 18.00 5.79
C TYR B 205 -3.69 18.99 6.39
N GLY B 206 -3.95 20.10 5.69
CA GLY B 206 -4.82 21.14 6.25
C GLY B 206 -6.19 20.61 6.62
N ARG B 207 -6.88 19.99 5.65
CA ARG B 207 -8.21 19.48 5.91
C ARG B 207 -8.16 18.16 6.67
N ASN B 208 -7.49 17.16 6.11
CA ASN B 208 -7.69 15.78 6.54
C ASN B 208 -6.88 15.40 7.76
N THR B 209 -5.83 16.14 8.10
CA THR B 209 -5.07 15.87 9.31
C THR B 209 -5.34 16.89 10.41
N LEU B 210 -5.23 18.19 10.13
CA LEU B 210 -5.52 19.19 11.14
C LEU B 210 -7.02 19.42 11.34
N HIS B 211 -7.85 19.00 10.38
CA HIS B 211 -9.29 19.23 10.40
C HIS B 211 -9.61 20.70 10.60
N LEU B 212 -8.89 21.55 9.86
CA LEU B 212 -9.29 22.96 9.81
C LEU B 212 -10.68 23.06 9.21
N ARG B 213 -11.43 24.07 9.63
CA ARG B 213 -12.82 24.19 9.24
C ARG B 213 -13.18 25.66 9.08
N GLU B 214 -14.40 25.90 8.59
CA GLU B 214 -14.80 27.23 8.16
C GLU B 214 -14.79 28.25 9.30
N ASP B 215 -15.19 27.83 10.53
CA ASP B 215 -15.27 28.81 11.60
C ASP B 215 -13.95 29.02 12.34
N ASP B 216 -12.86 28.43 11.85
CA ASP B 216 -11.58 28.68 12.49
C ASP B 216 -11.10 30.10 12.20
N VAL B 217 -10.26 30.60 13.10
CA VAL B 217 -9.51 31.84 12.90
C VAL B 217 -8.02 31.44 13.02
N CYS B 218 -7.30 31.50 11.89
CA CYS B 218 -5.94 30.98 11.83
C CYS B 218 -4.94 32.10 12.06
N PHE B 219 -3.85 31.80 12.76
CA PHE B 219 -2.83 32.80 13.07
C PHE B 219 -1.47 32.11 13.14
N SER B 220 -0.53 32.55 12.31
CA SER B 220 0.74 31.87 12.15
C SER B 220 1.88 32.81 12.49
N ALA B 221 2.67 32.46 13.51
CA ALA B 221 3.90 33.21 13.77
C ALA B 221 4.87 33.06 12.61
N ALA B 222 4.82 31.94 11.89
CA ALA B 222 5.63 31.76 10.71
C ALA B 222 5.04 32.56 9.55
N LYS B 223 5.86 33.42 8.95
CA LYS B 223 5.42 34.34 7.92
C LYS B 223 5.04 33.62 6.64
N LEU B 224 4.34 34.35 5.77
CA LEU B 224 3.77 33.78 4.55
C LEU B 224 4.82 33.31 3.54
N PHE B 225 6.04 33.85 3.58
CA PHE B 225 7.06 33.41 2.64
C PHE B 225 7.71 32.07 3.01
N PHE B 226 7.58 31.62 4.26
CA PHE B 226 7.93 30.24 4.60
C PHE B 226 6.87 29.29 4.08
N ALA B 227 7.32 28.17 3.50
CA ALA B 227 6.39 27.10 3.14
C ALA B 227 5.41 26.79 4.28
N TYR B 228 5.92 26.70 5.50
CA TYR B 228 5.07 26.41 6.65
C TYR B 228 3.96 27.44 6.78
N GLY B 229 4.32 28.72 6.84
CA GLY B 229 3.33 29.78 6.95
C GLY B 229 2.45 29.94 5.74
N LEU B 230 2.99 29.70 4.55
CA LEU B 230 2.18 29.77 3.33
C LEU B 230 0.97 28.85 3.43
N GLY B 231 1.15 27.64 3.93
CA GLY B 231 0.04 26.74 4.19
C GLY B 231 -0.81 27.24 5.33
N ASN B 232 -0.18 27.51 6.48
CA ASN B 232 -0.91 27.85 7.70
C ASN B 232 -1.85 29.01 7.49
N ALA B 233 -1.40 30.04 6.77
CA ALA B 233 -2.10 31.31 6.77
C ALA B 233 -2.58 31.71 5.39
N LEU B 234 -2.57 30.80 4.43
CA LEU B 234 -3.11 31.13 3.11
C LEU B 234 -3.75 29.90 2.46
N THR B 235 -2.97 28.86 2.11
CA THR B 235 -3.59 27.78 1.34
C THR B 235 -4.56 26.96 2.20
N PHE B 236 -4.18 26.60 3.43
CA PHE B 236 -5.08 25.84 4.30
C PHE B 236 -6.37 26.59 4.61
N PRO B 237 -6.33 27.78 5.21
CA PRO B 237 -7.59 28.45 5.55
C PRO B 237 -8.47 28.73 4.34
N MET B 238 -7.88 29.15 3.21
CA MET B 238 -8.72 29.44 2.06
C MET B 238 -9.40 28.18 1.53
N THR B 239 -8.73 27.03 1.67
CA THR B 239 -9.32 25.76 1.25
C THR B 239 -10.61 25.44 2.03
N VAL B 240 -10.72 25.84 3.30
CA VAL B 240 -11.90 25.52 4.10
C VAL B 240 -12.75 26.73 4.41
N GLY B 241 -12.40 27.92 3.92
CA GLY B 241 -13.16 29.11 4.25
C GLY B 241 -12.94 29.68 5.64
N ALA B 242 -11.85 29.31 6.32
CA ALA B 242 -11.47 29.93 7.58
C ALA B 242 -11.08 31.41 7.39
N THR B 243 -11.18 32.17 8.49
CA THR B 243 -10.68 33.54 8.53
C THR B 243 -9.23 33.53 9.04
N THR B 244 -8.39 34.38 8.45
CA THR B 244 -6.96 34.41 8.76
C THR B 244 -6.52 35.76 9.29
N LEU B 245 -5.86 35.75 10.44
CA LEU B 245 -5.24 36.95 11.01
C LEU B 245 -3.77 37.04 10.58
N LEU B 246 -3.39 38.18 10.03
CA LEU B 246 -2.02 38.42 9.60
C LEU B 246 -1.40 39.53 10.43
N MET B 247 -0.09 39.45 10.65
CA MET B 247 0.64 40.40 11.46
C MET B 247 1.95 40.77 10.78
N GLY B 248 2.14 42.06 10.51
CA GLY B 248 3.33 42.50 9.80
C GLY B 248 4.59 42.50 10.66
N GLU B 249 4.45 42.77 11.95
CA GLU B 249 5.60 42.96 12.83
C GLU B 249 6.24 41.64 13.27
N ARG B 250 7.42 41.73 13.85
CA ARG B 250 8.14 40.54 14.33
C ARG B 250 7.33 39.84 15.43
N PRO B 251 7.19 38.52 15.34
CA PRO B 251 6.38 37.81 16.35
C PRO B 251 7.07 37.64 17.69
N THR B 252 6.79 38.53 18.62
CA THR B 252 7.21 38.37 20.01
C THR B 252 6.07 37.80 20.84
N PRO B 253 6.37 37.29 22.04
CA PRO B 253 5.29 36.86 22.92
C PRO B 253 4.21 37.91 23.11
N ASP B 254 4.60 39.15 23.37
CA ASP B 254 3.59 40.18 23.59
C ASP B 254 2.77 40.43 22.34
N ALA B 255 3.41 40.48 21.17
CA ALA B 255 2.61 40.65 19.95
C ALA B 255 1.65 39.48 19.77
N VAL B 256 2.12 38.25 20.02
CA VAL B 256 1.26 37.09 19.83
C VAL B 256 0.11 37.10 20.83
N PHE B 257 0.43 37.32 22.12
CA PHE B 257 -0.62 37.35 23.15
C PHE B 257 -1.69 38.39 22.83
N LYS B 258 -1.29 39.57 22.36
CA LYS B 258 -2.27 40.60 22.02
C LYS B 258 -3.27 40.09 21.00
N ARG B 259 -2.78 39.30 20.04
CA ARG B 259 -3.62 38.73 19.00
C ARG B 259 -4.49 37.61 19.58
N TRP B 260 -3.88 36.70 20.37
CA TRP B 260 -4.63 35.62 21.01
C TRP B 260 -5.83 36.15 21.77
N LEU B 261 -5.70 37.33 22.37
CA LEU B 261 -6.73 37.92 23.21
C LEU B 261 -7.75 38.73 22.41
N GLY B 262 -7.58 38.84 21.10
CA GLY B 262 -8.53 39.57 20.29
C GLY B 262 -8.26 41.03 20.12
N GLY B 263 -7.01 41.48 20.34
CA GLY B 263 -6.69 42.89 20.17
C GLY B 263 -6.68 43.40 18.73
N VAL B 264 -6.86 42.54 17.73
CA VAL B 264 -6.84 42.96 16.34
C VAL B 264 -8.08 42.44 15.64
N GLY B 265 -8.72 43.30 14.84
CA GLY B 265 -9.82 42.92 13.98
C GLY B 265 -11.02 42.27 14.65
N GLY B 266 -11.15 42.43 15.97
CA GLY B 266 -12.24 41.79 16.68
C GLY B 266 -12.28 40.27 16.59
N VAL B 267 -11.14 39.61 16.36
CA VAL B 267 -11.12 38.16 16.21
C VAL B 267 -10.14 37.54 17.20
N LYS B 268 -10.50 36.36 17.70
CA LYS B 268 -9.64 35.58 18.57
C LYS B 268 -9.21 34.32 17.82
N PRO B 269 -7.91 34.13 17.56
CA PRO B 269 -7.46 32.91 16.88
C PRO B 269 -7.91 31.64 17.58
N THR B 270 -8.35 30.67 16.77
CA THR B 270 -8.61 29.31 17.22
C THR B 270 -7.49 28.34 16.86
N VAL B 271 -6.63 28.67 15.91
CA VAL B 271 -5.53 27.80 15.49
C VAL B 271 -4.25 28.64 15.45
N PHE B 272 -3.24 28.24 16.21
CA PHE B 272 -1.97 28.92 16.21
C PHE B 272 -0.88 28.00 15.67
N TYR B 273 0.08 28.60 14.97
CA TYR B 273 1.21 27.88 14.42
C TYR B 273 2.49 28.63 14.76
N GLY B 274 3.55 27.89 15.06
CA GLY B 274 4.84 28.49 15.29
C GLY B 274 5.90 27.43 15.51
N ALA B 275 7.06 27.89 15.86
CA ALA B 275 8.19 27.01 16.08
C ALA B 275 8.36 26.70 17.56
N PRO B 276 8.87 25.52 17.90
CA PRO B 276 9.12 25.19 19.32
C PRO B 276 9.85 26.29 20.09
N THR B 277 10.84 26.96 19.48
CA THR B 277 11.48 28.08 20.15
C THR B 277 10.47 29.15 20.56
N GLY B 278 9.54 29.49 19.67
CA GLY B 278 8.53 30.48 20.02
C GLY B 278 7.64 30.02 21.15
N TYR B 279 7.23 28.76 21.12
CA TYR B 279 6.44 28.21 22.21
C TYR B 279 7.21 28.28 23.53
N ALA B 280 8.49 27.89 23.54
CA ALA B 280 9.30 28.02 24.74
C ALA B 280 9.36 29.46 25.22
N GLY B 281 9.53 30.40 24.28
CA GLY B 281 9.57 31.80 24.64
C GLY B 281 8.28 32.31 25.25
N MET B 282 7.14 31.85 24.72
CA MET B 282 5.85 32.26 25.28
C MET B 282 5.63 31.67 26.67
N LEU B 283 5.94 30.40 26.86
CA LEU B 283 5.76 29.77 28.16
C LEU B 283 6.60 30.43 29.26
N ALA B 284 7.73 31.06 28.91
CA ALA B 284 8.56 31.78 29.86
C ALA B 284 8.10 33.21 30.09
N ALA B 285 7.23 33.74 29.26
CA ALA B 285 6.77 35.11 29.42
C ALA B 285 5.91 35.22 30.68
N PRO B 286 6.20 36.18 31.57
CA PRO B 286 5.39 36.29 32.80
C PRO B 286 3.92 36.60 32.55
N ASN B 287 3.56 37.23 31.43
CA ASN B 287 2.18 37.57 31.12
C ASN B 287 1.54 36.60 30.14
N LEU B 288 2.03 35.36 30.11
CA LEU B 288 1.34 34.28 29.42
C LEU B 288 -0.14 34.28 29.80
N PRO B 289 -1.06 34.29 28.84
CA PRO B 289 -2.48 34.27 29.19
C PRO B 289 -2.90 32.95 29.80
N SER B 290 -4.02 32.99 30.51
CA SER B 290 -4.66 31.79 31.02
C SER B 290 -5.63 31.23 29.97
N ARG B 291 -5.91 29.93 30.08
CA ARG B 291 -6.70 29.28 29.04
C ARG B 291 -8.07 29.93 28.89
N ASP B 292 -8.66 30.43 29.97
CA ASP B 292 -9.99 31.03 29.87
C ASP B 292 -9.98 32.29 29.02
N GLN B 293 -8.82 32.92 28.81
CA GLN B 293 -8.72 34.14 28.01
C GLN B 293 -8.56 33.92 26.51
N VAL B 294 -8.25 32.70 26.07
CA VAL B 294 -7.94 32.45 24.67
C VAL B 294 -9.00 31.53 24.08
N ALA B 295 -9.10 31.55 22.75
CA ALA B 295 -10.01 30.69 22.02
C ALA B 295 -9.28 29.57 21.29
N LEU B 296 -7.99 29.39 21.56
CA LEU B 296 -7.22 28.38 20.85
C LEU B 296 -7.84 26.99 21.03
N ARG B 297 -7.97 26.27 19.91
CA ARG B 297 -8.37 24.87 19.94
C ARG B 297 -7.33 23.94 19.34
N LEU B 298 -6.31 24.47 18.67
CA LEU B 298 -5.30 23.67 18.01
C LEU B 298 -4.01 24.48 17.95
N ALA B 299 -2.91 23.84 18.33
CA ALA B 299 -1.58 24.43 18.34
C ALA B 299 -0.67 23.54 17.50
N SER B 300 -0.14 24.10 16.43
CA SER B 300 0.73 23.39 15.50
C SER B 300 2.17 23.87 15.66
N SER B 301 3.11 22.95 15.48
CA SER B 301 4.54 23.26 15.58
CA SER B 301 4.53 23.30 15.55
C SER B 301 5.30 22.66 14.40
N ALA B 302 6.31 23.38 13.90
CA ALA B 302 7.20 22.83 12.88
C ALA B 302 8.47 23.66 12.84
N GLY B 303 9.44 23.18 12.05
CA GLY B 303 10.69 23.87 11.81
C GLY B 303 11.88 23.20 12.50
N GLU B 304 11.63 22.67 13.68
CA GLU B 304 12.62 21.97 14.49
C GLU B 304 11.86 21.00 15.37
N ALA B 305 12.55 19.98 15.86
CA ALA B 305 11.91 19.02 16.76
C ALA B 305 11.35 19.72 17.99
N LEU B 306 10.15 19.32 18.39
CA LEU B 306 9.53 19.87 19.60
C LEU B 306 10.03 19.11 20.82
N PRO B 307 10.77 19.74 21.73
CA PRO B 307 11.18 19.03 22.94
C PRO B 307 9.96 18.63 23.76
N ALA B 308 9.97 17.39 24.24
CA ALA B 308 8.82 16.86 24.98
C ALA B 308 8.34 17.83 26.05
N GLU B 309 9.28 18.40 26.82
CA GLU B 309 8.89 19.20 27.97
C GLU B 309 8.13 20.45 27.55
N ILE B 310 8.48 21.03 26.40
CA ILE B 310 7.73 22.18 25.91
C ILE B 310 6.28 21.77 25.64
N GLY B 311 6.09 20.64 24.97
CA GLY B 311 4.73 20.17 24.71
C GLY B 311 3.97 19.92 26.01
N GLN B 312 4.60 19.22 26.95
CA GLN B 312 3.88 18.88 28.17
C GLN B 312 3.56 20.12 29.00
N ARG B 313 4.48 21.09 29.02
CA ARG B 313 4.22 22.33 29.75
C ARG B 313 3.05 23.09 29.12
N PHE B 314 3.02 23.18 27.78
CA PHE B 314 1.92 23.83 27.10
C PHE B 314 0.60 23.13 27.40
N GLN B 315 0.60 21.80 27.41
CA GLN B 315 -0.62 21.06 27.67
C GLN B 315 -1.13 21.31 29.09
N ARG B 316 -0.23 21.19 30.08
CA ARG B 316 -0.59 21.47 31.47
C ARG B 316 -1.16 22.86 31.63
N HIS B 317 -0.62 23.85 30.93
CA HIS B 317 -1.14 25.20 31.10
C HIS B 317 -2.45 25.40 30.36
N PHE B 318 -2.52 25.00 29.09
CA PHE B 318 -3.67 25.35 28.27
C PHE B 318 -4.69 24.23 28.10
N GLY B 319 -4.40 23.01 28.53
CA GLY B 319 -5.30 21.91 28.19
C GLY B 319 -5.33 21.62 26.71
N LEU B 320 -4.25 21.97 26.02
CA LEU B 320 -4.15 21.76 24.55
C LEU B 320 -2.74 21.23 24.22
N ASP B 321 -2.66 20.10 23.52
CA ASP B 321 -1.35 19.64 23.08
C ASP B 321 -0.81 20.54 21.97
N ILE B 322 0.49 20.48 21.78
CA ILE B 322 1.13 21.03 20.58
C ILE B 322 1.31 19.87 19.61
N VAL B 323 0.78 20.03 18.40
CA VAL B 323 0.85 19.02 17.35
C VAL B 323 2.09 19.28 16.50
N ASP B 324 3.11 18.45 16.70
CA ASP B 324 4.38 18.60 16.02
C ASP B 324 4.33 17.82 14.71
N GLY B 325 4.62 18.50 13.60
CA GLY B 325 4.76 17.83 12.32
C GLY B 325 5.98 18.35 11.59
N ILE B 326 6.56 17.52 10.72
CA ILE B 326 7.74 17.89 9.96
C ILE B 326 7.37 18.03 8.49
N GLY B 327 7.62 19.20 7.93
CA GLY B 327 7.59 19.41 6.50
C GLY B 327 8.91 19.97 6.02
N SER B 328 8.93 20.31 4.74
CA SER B 328 10.10 20.95 4.13
C SER B 328 9.62 21.88 3.02
N THR B 329 10.50 22.80 2.61
CA THR B 329 10.20 23.63 1.45
C THR B 329 9.97 22.76 0.22
N GLU B 330 10.80 21.74 0.02
CA GLU B 330 10.67 20.85 -1.14
C GLU B 330 9.36 20.05 -1.14
N MET B 331 8.88 19.61 0.02
CA MET B 331 7.59 18.91 0.08
C MET B 331 6.41 19.85 0.34
N LEU B 332 6.67 21.14 0.59
CA LEU B 332 5.67 22.20 0.77
C LEU B 332 4.95 22.17 2.12
N ALA B 333 4.56 21.00 2.62
CA ALA B 333 3.96 20.95 3.96
C ALA B 333 4.31 19.63 4.64
N ALA B 334 3.64 19.34 5.77
CA ALA B 334 4.02 18.23 6.62
C ALA B 334 3.77 16.89 5.93
N PHE B 335 4.73 15.98 6.08
CA PHE B 335 4.59 14.62 5.59
C PHE B 335 4.71 13.57 6.69
N LEU B 336 5.14 14.01 7.89
CA LEU B 336 5.22 13.18 9.11
C LEU B 336 4.61 14.05 10.21
N SER B 337 3.58 13.58 10.91
CA SER B 337 2.97 14.49 11.88
C SER B 337 2.27 13.71 12.98
N ASN B 338 2.32 14.28 14.19
CA ASN B 338 1.35 13.92 15.20
C ASN B 338 -0.04 14.36 14.73
N LEU B 339 -1.07 13.85 15.40
CA LEU B 339 -2.45 14.20 15.07
C LEU B 339 -3.07 15.00 16.20
N PRO B 340 -4.11 15.78 15.90
CA PRO B 340 -4.80 16.51 16.97
C PRO B 340 -5.26 15.62 18.10
N ASP B 341 -5.66 14.36 17.85
CA ASP B 341 -6.00 13.47 18.94
C ASP B 341 -5.04 12.28 19.06
N ARG B 342 -3.79 12.41 18.58
CA ARG B 342 -2.82 11.36 18.79
C ARG B 342 -1.43 12.00 18.79
N VAL B 343 -0.94 12.30 19.99
CA VAL B 343 0.31 13.00 20.20
C VAL B 343 1.23 12.09 20.99
N ARG B 344 2.41 11.82 20.47
CA ARG B 344 3.46 11.17 21.23
C ARG B 344 4.67 12.11 21.29
N TYR B 345 4.82 12.81 22.42
CA TYR B 345 5.94 13.74 22.58
C TYR B 345 7.26 12.98 22.50
N GLY B 346 8.28 13.66 21.98
CA GLY B 346 9.51 12.98 21.65
C GLY B 346 9.52 12.32 20.28
N THR B 347 8.43 12.42 19.52
CA THR B 347 8.37 11.89 18.16
C THR B 347 7.68 12.92 17.27
N THR B 348 7.87 12.76 15.95
CA THR B 348 7.12 13.53 14.97
C THR B 348 5.93 12.77 14.43
N GLY B 349 5.44 11.78 15.19
CA GLY B 349 4.17 11.17 14.84
C GLY B 349 4.32 10.18 13.70
N TRP B 350 3.31 10.16 12.85
CA TRP B 350 3.06 9.12 11.87
C TRP B 350 3.01 9.71 10.47
N PRO B 351 3.31 8.91 9.45
CA PRO B 351 3.17 9.39 8.06
C PRO B 351 1.82 10.04 7.83
N VAL B 352 1.81 11.17 7.14
CA VAL B 352 0.53 11.76 6.71
C VAL B 352 -0.05 10.91 5.58
N PRO B 353 -1.31 10.46 5.67
CA PRO B 353 -1.91 9.69 4.57
C PRO B 353 -1.72 10.41 3.25
N GLY B 354 -1.29 9.67 2.24
CA GLY B 354 -0.93 10.23 0.96
C GLY B 354 0.57 10.35 0.76
N TYR B 355 1.36 10.27 1.82
CA TYR B 355 2.81 10.34 1.71
C TYR B 355 3.39 9.00 2.11
N GLN B 356 4.30 8.48 1.30
CA GLN B 356 5.03 7.27 1.63
C GLN B 356 6.40 7.65 2.14
N ILE B 357 6.83 6.98 3.23
CA ILE B 357 8.06 7.29 3.94
C ILE B 357 9.00 6.09 3.86
N GLU B 358 10.27 6.35 3.59
CA GLU B 358 11.32 5.35 3.63
C GLU B 358 12.49 5.86 4.46
N LEU B 359 13.07 4.98 5.26
CA LEU B 359 14.37 5.19 5.90
C LEU B 359 15.38 4.29 5.22
N ARG B 360 16.49 4.87 4.75
CA ARG B 360 17.47 4.16 3.93
C ARG B 360 18.85 4.12 4.59
N GLY B 361 19.52 2.98 4.46
CA GLY B 361 20.85 2.78 5.02
C GLY B 361 21.93 3.18 4.04
N ASP B 362 23.17 2.82 4.39
CA ASP B 362 24.33 3.32 3.64
C ASP B 362 24.28 2.91 2.18
N GLY B 363 23.70 1.77 1.87
CA GLY B 363 23.52 1.33 0.50
C GLY B 363 22.16 1.64 -0.08
N GLY B 364 21.33 2.41 0.61
CA GLY B 364 20.00 2.70 0.12
C GLY B 364 18.97 1.63 0.41
N GLY B 365 19.31 0.62 1.19
CA GLY B 365 18.36 -0.40 1.53
C GLY B 365 17.51 -0.02 2.72
N PRO B 366 16.51 -0.85 3.01
CA PRO B 366 15.75 -0.67 4.25
C PRO B 366 16.64 -0.83 5.47
N VAL B 367 16.32 -0.07 6.52
CA VAL B 367 17.04 -0.15 7.79
C VAL B 367 16.16 -0.89 8.79
N ALA B 368 16.80 -1.39 9.84
CA ALA B 368 16.08 -2.11 10.88
C ALA B 368 15.25 -1.14 11.72
N ASP B 369 14.09 -1.61 12.17
CA ASP B 369 13.29 -0.84 13.12
C ASP B 369 14.12 -0.54 14.36
N GLY B 370 14.15 0.72 14.77
CA GLY B 370 14.94 1.15 15.89
C GLY B 370 16.31 1.66 15.53
N GLU B 371 16.76 1.43 14.30
CA GLU B 371 18.01 1.97 13.79
C GLU B 371 17.73 3.20 12.93
N PRO B 372 18.62 4.19 12.97
CA PRO B 372 18.42 5.39 12.15
C PRO B 372 18.67 5.10 10.67
N GLY B 373 17.89 5.74 9.81
CA GLY B 373 18.14 5.72 8.39
C GLY B 373 17.90 7.10 7.79
N ASP B 374 18.36 7.29 6.54
CA ASP B 374 18.11 8.53 5.84
C ASP B 374 16.66 8.61 5.38
N LEU B 375 15.99 9.73 5.65
CA LEU B 375 14.56 9.87 5.38
C LEU B 375 14.31 10.32 3.94
N TYR B 376 13.47 9.57 3.22
CA TYR B 376 13.06 9.91 1.87
C TYR B 376 11.54 9.91 1.81
N ILE B 377 10.97 10.84 1.03
CA ILE B 377 9.53 11.03 0.98
C ILE B 377 9.05 10.88 -0.47
N HIS B 378 8.01 10.10 -0.65
CA HIS B 378 7.30 10.00 -1.92
C HIS B 378 5.90 10.56 -1.68
N GLY B 379 5.61 11.71 -2.27
CA GLY B 379 4.30 12.29 -2.10
C GLY B 379 3.95 13.27 -3.20
N PRO B 380 2.67 13.61 -3.32
CA PRO B 380 2.19 14.38 -4.48
C PRO B 380 2.41 15.88 -4.42
N SER B 381 3.01 16.42 -3.36
CA SER B 381 3.24 17.85 -3.25
C SER B 381 4.72 18.21 -3.43
N SER B 382 5.54 17.27 -3.91
CA SER B 382 6.96 17.52 -4.04
C SER B 382 7.25 18.51 -5.15
N ALA B 383 8.13 19.47 -4.86
CA ALA B 383 8.66 20.35 -5.89
C ALA B 383 9.27 19.55 -7.03
N THR B 384 9.37 20.16 -8.21
CA THR B 384 9.87 19.46 -9.38
C THR B 384 11.39 19.53 -9.51
N MET B 385 12.02 20.55 -8.93
CA MET B 385 13.42 20.84 -9.24
C MET B 385 13.85 22.08 -8.45
N TYR B 386 15.16 22.27 -8.38
CA TYR B 386 15.75 23.56 -8.08
C TYR B 386 16.02 24.28 -9.41
N TRP B 387 15.35 25.40 -9.63
CA TRP B 387 15.48 26.12 -10.90
C TRP B 387 16.93 26.46 -11.17
N GLY B 388 17.41 26.03 -12.35
CA GLY B 388 18.77 26.35 -12.78
C GLY B 388 19.88 25.62 -12.06
N ASN B 389 19.59 24.58 -11.29
CA ASN B 389 20.66 23.87 -10.59
C ASN B 389 20.41 22.36 -10.75
N ARG B 390 20.78 21.83 -11.93
CA ARG B 390 20.50 20.42 -12.21
C ARG B 390 21.21 19.51 -11.22
N ALA B 391 22.45 19.86 -10.85
CA ALA B 391 23.23 18.98 -9.99
C ALA B 391 22.54 18.77 -8.64
N LYS B 392 22.16 19.86 -7.97
CA LYS B 392 21.49 19.69 -6.69
C LYS B 392 20.11 19.09 -6.86
N SER B 393 19.43 19.39 -7.98
CA SER B 393 18.14 18.78 -8.25
C SER B 393 18.26 17.27 -8.30
N ARG B 394 19.28 16.76 -9.00
CA ARG B 394 19.47 15.31 -9.12
C ARG B 394 19.70 14.68 -7.77
N ASP B 395 20.46 15.34 -6.87
CA ASP B 395 20.72 14.76 -5.57
C ASP B 395 19.50 14.72 -4.67
N THR B 396 18.53 15.62 -4.89
CA THR B 396 17.37 15.73 -4.00
C THR B 396 16.17 14.98 -4.54
N PHE B 397 15.86 15.14 -5.82
CA PHE B 397 14.65 14.60 -6.44
C PHE B 397 15.07 13.41 -7.30
N GLN B 398 14.81 12.21 -6.79
CA GLN B 398 15.29 10.96 -7.36
C GLN B 398 14.06 10.11 -7.64
N GLY B 399 13.59 10.15 -8.89
CA GLY B 399 12.55 9.25 -9.35
C GLY B 399 11.35 9.13 -8.43
N GLY B 400 10.69 10.25 -8.14
CA GLY B 400 9.53 10.27 -7.29
C GLY B 400 9.81 10.40 -5.80
N TRP B 401 11.02 10.13 -5.36
CA TRP B 401 11.39 10.21 -3.95
C TRP B 401 12.17 11.48 -3.71
N THR B 402 11.93 12.10 -2.56
CA THR B 402 12.58 13.36 -2.23
C THR B 402 13.42 13.16 -0.99
N LYS B 403 14.70 13.51 -1.09
CA LYS B 403 15.65 13.35 0.00
C LYS B 403 15.50 14.51 0.97
N SER B 404 15.17 14.21 2.23
CA SER B 404 14.91 15.29 3.17
C SER B 404 16.19 15.86 3.78
N GLY B 405 17.28 15.08 3.82
CA GLY B 405 18.46 15.48 4.55
C GLY B 405 18.41 15.20 6.04
N ASP B 406 17.35 14.54 6.51
CA ASP B 406 17.21 14.15 7.90
C ASP B 406 17.46 12.66 8.07
N LYS B 407 17.82 12.28 9.30
CA LYS B 407 17.85 10.90 9.73
C LYS B 407 16.72 10.68 10.74
N TYR B 408 16.08 9.52 10.68
CA TYR B 408 14.94 9.22 11.53
C TYR B 408 15.01 7.77 11.96
N VAL B 409 14.34 7.48 13.08
CA VAL B 409 14.18 6.13 13.59
C VAL B 409 12.69 5.85 13.68
N ARG B 410 12.27 4.67 13.24
CA ARG B 410 10.88 4.28 13.36
C ARG B 410 10.67 3.39 14.58
N ASN B 411 9.70 3.76 15.40
CA ASN B 411 9.42 3.10 16.68
C ASN B 411 8.39 1.98 16.50
N ASP B 412 8.24 1.16 17.55
CA ASP B 412 7.35 0.00 17.45
C ASP B 412 5.91 0.38 17.18
N ASP B 413 5.47 1.55 17.66
CA ASP B 413 4.09 1.98 17.41
C ASP B 413 3.91 2.63 16.03
N GLY B 414 4.94 2.60 15.17
CA GLY B 414 4.87 3.24 13.87
C GLY B 414 5.21 4.72 13.85
N SER B 415 5.54 5.32 14.99
CA SER B 415 5.91 6.72 15.00
C SER B 415 7.38 6.89 14.65
N TYR B 416 7.79 8.13 14.44
CA TYR B 416 9.13 8.40 13.93
C TYR B 416 9.81 9.43 14.82
N THR B 417 11.04 9.14 15.22
CA THR B 417 11.81 10.02 16.08
C THR B 417 12.98 10.61 15.32
N TYR B 418 13.13 11.93 15.39
CA TYR B 418 14.21 12.63 14.71
C TYR B 418 15.56 12.19 15.21
N ALA B 419 16.51 12.01 14.29
CA ALA B 419 17.84 11.53 14.66
C ALA B 419 18.97 12.39 14.10
N GLY B 420 18.70 13.61 13.66
CA GLY B 420 19.74 14.51 13.19
C GLY B 420 19.65 14.74 11.69
N ARG B 421 20.59 15.55 11.20
CA ARG B 421 20.74 15.84 9.78
C ARG B 421 21.87 15.02 9.20
N THR B 422 21.98 15.06 7.88
CA THR B 422 23.11 14.46 7.17
C THR B 422 23.98 15.48 6.45
N ASP B 423 23.88 16.79 6.75
CA ASP B 423 24.63 17.78 5.92
C ASP B 423 25.27 18.96 6.65
N ASP B 424 25.22 19.02 7.99
CA ASP B 424 25.80 20.12 8.76
C ASP B 424 24.86 21.32 8.92
N MET B 425 23.71 21.32 8.24
CA MET B 425 22.76 22.46 8.43
C MET B 425 22.21 22.39 9.86
N LEU B 426 21.89 23.54 10.45
CA LEU B 426 21.32 23.67 11.81
C LEU B 426 19.94 24.31 11.68
N LYS B 427 18.98 23.82 12.47
CA LYS B 427 17.68 24.48 12.57
C LYS B 427 17.65 25.21 13.90
N VAL B 428 17.62 26.54 13.85
CA VAL B 428 17.66 27.39 15.02
C VAL B 428 16.43 28.28 14.96
N SER B 429 15.63 28.29 16.00
CA SER B 429 14.33 28.95 15.93
C SER B 429 13.49 28.37 14.80
N GLY B 430 13.75 27.11 14.44
CA GLY B 430 13.05 26.44 13.36
C GLY B 430 13.43 26.90 11.97
N ILE B 431 14.54 27.61 11.82
CA ILE B 431 14.98 28.19 10.55
C ILE B 431 16.38 27.66 10.23
N TYR B 432 16.61 27.37 8.94
CA TYR B 432 17.91 26.92 8.48
C TYR B 432 19.01 27.94 8.78
N VAL B 433 20.09 27.48 9.38
CA VAL B 433 21.29 28.31 9.47
C VAL B 433 22.49 27.43 9.18
N SER B 434 23.37 27.94 8.33
CA SER B 434 24.58 27.23 7.98
C SER B 434 25.70 27.61 8.94
N PRO B 435 26.33 26.65 9.61
CA PRO B 435 27.49 27.01 10.44
C PRO B 435 28.61 27.61 9.61
N PHE B 436 28.68 27.30 8.32
CA PHE B 436 29.75 27.84 7.49
C PHE B 436 29.57 29.33 7.25
N GLU B 437 28.33 29.81 7.18
CA GLU B 437 28.11 31.24 7.06
C GLU B 437 28.60 31.97 8.31
N ILE B 438 28.24 31.45 9.49
CA ILE B 438 28.65 32.08 10.74
C ILE B 438 30.17 32.05 10.86
N GLU B 439 30.79 30.90 10.56
CA GLU B 439 32.25 30.82 10.54
C GLU B 439 32.87 31.86 9.62
N ALA B 440 32.32 31.97 8.40
CA ALA B 440 32.84 32.94 7.44
C ALA B 440 32.68 34.36 7.95
N THR B 441 31.59 34.65 8.65
CA THR B 441 31.46 35.97 9.24
C THR B 441 32.51 36.19 10.33
N LEU B 442 32.73 35.21 11.20
CA LEU B 442 33.62 35.42 12.35
C LEU B 442 35.07 35.68 11.90
N VAL B 443 35.56 34.96 10.91
CA VAL B 443 36.97 35.09 10.54
CA VAL B 443 36.97 35.07 10.51
C VAL B 443 37.28 36.40 9.85
N GLN B 444 36.27 37.18 9.46
CA GLN B 444 36.55 38.49 8.92
C GLN B 444 36.78 39.54 10.00
N HIS B 445 36.64 39.17 11.27
CA HIS B 445 37.09 40.06 12.34
C HIS B 445 38.62 40.04 12.38
N PRO B 446 39.28 41.21 12.42
CA PRO B 446 40.75 41.21 12.34
C PRO B 446 41.44 40.54 13.52
N GLY B 447 40.74 40.29 14.61
CA GLY B 447 41.29 39.60 15.75
C GLY B 447 41.03 38.11 15.79
N VAL B 448 40.36 37.56 14.77
CA VAL B 448 40.00 36.15 14.73
C VAL B 448 40.91 35.43 13.75
N LEU B 449 41.58 34.37 14.21
CA LEU B 449 42.41 33.55 13.33
C LEU B 449 41.60 32.45 12.64
N GLU B 450 40.81 31.71 13.42
CA GLU B 450 40.00 30.58 12.95
C GLU B 450 38.70 30.56 13.72
N ALA B 451 37.70 29.86 13.16
CA ALA B 451 36.42 29.69 13.85
C ALA B 451 35.75 28.41 13.39
N ALA B 452 35.12 27.72 14.32
CA ALA B 452 34.28 26.57 14.03
C ALA B 452 32.97 26.76 14.78
N VAL B 453 31.86 26.49 14.10
CA VAL B 453 30.53 26.60 14.69
C VAL B 453 29.85 25.24 14.62
N VAL B 454 29.21 24.86 15.73
CA VAL B 454 28.41 23.63 15.79
C VAL B 454 27.12 23.92 16.57
N GLY B 455 26.18 22.99 16.50
CA GLY B 455 24.94 23.13 17.25
C GLY B 455 25.09 22.55 18.66
N VAL B 456 24.46 23.21 19.61
CA VAL B 456 24.39 22.72 20.98
C VAL B 456 22.95 22.91 21.48
N ALA B 457 22.44 21.89 22.18
CA ALA B 457 21.10 22.01 22.76
C ALA B 457 21.15 22.91 23.98
N ASP B 458 20.24 23.87 24.06
CA ASP B 458 20.18 24.73 25.23
C ASP B 458 19.47 24.03 26.39
N GLU B 459 19.03 24.81 27.39
CA GLU B 459 18.41 24.23 28.57
C GLU B 459 17.06 23.57 28.25
N HIS B 460 16.41 23.97 27.16
CA HIS B 460 15.13 23.41 26.75
C HIS B 460 15.26 22.34 25.67
N GLY B 461 16.48 21.88 25.38
CA GLY B 461 16.64 20.93 24.31
C GLY B 461 16.62 21.50 22.90
N LEU B 462 16.63 22.82 22.75
CA LEU B 462 16.58 23.46 21.44
C LEU B 462 17.98 23.77 20.94
N THR B 463 18.25 23.47 19.66
CA THR B 463 19.57 23.69 19.06
C THR B 463 19.85 25.18 18.83
N LYS B 464 21.00 25.64 19.30
CA LYS B 464 21.52 26.97 19.06
C LYS B 464 22.97 26.85 18.57
N PRO B 465 23.48 27.88 17.88
CA PRO B 465 24.88 27.80 17.43
C PRO B 465 25.82 28.03 18.60
N LYS B 466 26.96 27.35 18.56
CA LYS B 466 28.05 27.56 19.51
C LYS B 466 29.34 27.75 18.73
N ALA B 467 30.07 28.81 19.04
CA ALA B 467 31.27 29.21 18.31
C ALA B 467 32.52 28.88 19.11
N TYR B 468 33.49 28.25 18.45
CA TYR B 468 34.83 28.03 19.00
C TYR B 468 35.79 28.87 18.17
N VAL B 469 36.47 29.82 18.82
CA VAL B 469 37.22 30.84 18.10
C VAL B 469 38.68 30.82 18.56
N VAL B 470 39.60 30.81 17.59
CA VAL B 470 41.03 30.94 17.86
C VAL B 470 41.39 32.40 17.65
N PRO B 471 41.76 33.14 18.70
CA PRO B 471 42.17 34.53 18.51
C PRO B 471 43.45 34.59 17.71
N ARG B 472 43.60 35.66 16.98
CA ARG B 472 44.87 35.92 16.32
C ARG B 472 45.89 36.37 17.38
N PRO B 473 47.02 35.66 17.45
CA PRO B 473 48.07 35.99 18.41
C PRO B 473 48.63 37.41 18.18
N GLY B 474 49.00 38.09 19.27
CA GLY B 474 49.54 39.47 19.18
C GLY B 474 48.44 40.50 19.02
N GLN B 475 47.19 40.10 19.28
CA GLN B 475 46.03 41.03 19.16
C GLN B 475 45.07 40.78 20.33
N THR B 476 44.33 41.82 20.75
CA THR B 476 43.36 41.70 21.87
C THR B 476 41.95 41.47 21.30
N LEU B 477 41.21 40.52 21.88
CA LEU B 477 39.83 40.21 21.42
C LEU B 477 38.97 39.86 22.63
N SER B 478 37.82 40.54 22.78
CA SER B 478 36.90 40.30 23.92
C SER B 478 35.58 39.71 23.40
N GLU B 479 34.86 38.98 24.26
CA GLU B 479 33.56 38.35 23.88
C GLU B 479 32.56 39.46 23.52
N THR B 480 32.67 40.62 24.18
CA THR B 480 31.77 41.74 23.95
C THR B 480 32.04 42.37 22.59
N GLU B 481 33.32 42.49 22.20
CA GLU B 481 33.65 43.07 20.90
C GLU B 481 33.18 42.17 19.76
N LEU B 482 33.27 40.85 19.96
CA LEU B 482 32.77 39.92 18.96
C LEU B 482 31.26 40.02 18.82
N LYS B 483 30.53 40.12 19.95
CA LYS B 483 29.07 40.25 19.86
C LYS B 483 28.70 41.51 19.10
N THR B 484 29.36 42.63 19.43
CA THR B 484 29.16 43.85 18.66
C THR B 484 29.46 43.63 17.18
N PHE B 485 30.54 42.93 16.87
CA PHE B 485 30.95 42.79 15.49
C PHE B 485 29.87 42.09 14.66
N ILE B 486 29.23 41.05 15.22
CA ILE B 486 28.27 40.27 14.46
C ILE B 486 26.85 40.82 14.52
N LYS B 487 26.57 41.79 15.41
CA LYS B 487 25.21 42.26 15.60
C LYS B 487 24.57 42.68 14.28
N ASP B 488 25.26 43.51 13.50
CA ASP B 488 24.67 44.00 12.26
C ASP B 488 25.10 43.19 11.04
N ARG B 489 25.90 42.14 11.22
CA ARG B 489 26.29 41.29 10.10
C ARG B 489 25.45 40.03 9.96
N LEU B 490 24.75 39.60 11.01
CA LEU B 490 23.96 38.37 11.01
C LEU B 490 22.60 38.61 11.62
N ALA B 491 21.57 37.97 11.05
CA ALA B 491 20.25 37.99 11.65
C ALA B 491 20.32 37.51 13.10
N PRO B 492 19.48 38.04 13.99
CA PRO B 492 19.61 37.69 15.41
C PRO B 492 19.53 36.20 15.68
N TYR B 493 18.72 35.43 14.95
CA TYR B 493 18.60 34.01 15.26
C TYR B 493 19.89 33.26 15.01
N LYS B 494 20.85 33.86 14.30
CA LYS B 494 22.13 33.22 14.02
C LYS B 494 23.21 33.50 15.07
N TYR B 495 22.97 34.41 16.00
CA TYR B 495 23.99 34.74 16.98
C TYR B 495 24.38 33.46 17.74
N PRO B 496 25.65 33.15 17.89
CA PRO B 496 26.02 32.03 18.75
C PRO B 496 25.49 32.24 20.17
N ARG B 497 24.94 31.19 20.77
CA ARG B 497 24.50 31.30 22.15
C ARG B 497 25.69 31.51 23.09
N SER B 498 26.84 30.97 22.76
CA SER B 498 28.05 31.31 23.47
C SER B 498 29.23 31.13 22.54
N THR B 499 30.35 31.73 22.93
CA THR B 499 31.61 31.65 22.21
C THR B 499 32.68 31.20 23.19
N VAL B 500 33.42 30.16 22.81
CA VAL B 500 34.55 29.66 23.60
C VAL B 500 35.81 30.02 22.86
N PHE B 501 36.69 30.77 23.51
CA PHE B 501 37.99 31.09 22.94
C PHE B 501 38.96 29.95 23.23
N VAL B 502 39.54 29.37 22.18
CA VAL B 502 40.41 28.24 22.36
C VAL B 502 41.74 28.57 21.70
N ALA B 503 42.78 27.80 22.09
CA ALA B 503 44.11 28.02 21.54
C ALA B 503 44.30 27.37 20.17
N GLU B 504 43.48 26.38 19.84
CA GLU B 504 43.58 25.67 18.58
C GLU B 504 42.27 24.93 18.35
N LEU B 505 42.07 24.48 17.12
CA LEU B 505 40.94 23.64 16.76
C LEU B 505 41.43 22.24 16.41
N PRO B 506 40.73 21.18 16.82
CA PRO B 506 41.14 19.83 16.42
C PRO B 506 40.98 19.66 14.92
N LYS B 507 42.07 19.32 14.24
CA LYS B 507 42.05 19.16 12.80
C LYS B 507 42.54 17.78 12.40
N THR B 508 42.05 17.31 11.26
CA THR B 508 42.57 16.07 10.71
C THR B 508 43.97 16.30 10.17
N ALA B 509 44.67 15.19 9.93
CA ALA B 509 46.01 15.23 9.34
C ALA B 509 46.09 16.16 8.12
N THR B 510 44.93 16.63 7.63
CA THR B 510 44.88 17.42 6.36
C THR B 510 44.33 18.85 6.52
N GLY B 511 44.03 19.31 7.73
CA GLY B 511 43.51 20.66 7.92
C GLY B 511 42.01 20.77 8.02
N LYS B 512 41.28 19.67 7.93
CA LYS B 512 39.83 19.70 8.16
C LYS B 512 39.54 19.74 9.65
N ILE B 513 38.61 20.59 10.05
CA ILE B 513 38.23 20.69 11.44
C ILE B 513 37.40 19.47 11.82
N GLN B 514 37.77 18.80 12.92
CA GLN B 514 37.01 17.64 13.40
C GLN B 514 35.84 18.16 14.23
N ARG B 515 34.80 18.61 13.51
CA ARG B 515 33.65 19.22 14.18
C ARG B 515 32.98 18.26 15.16
N PHE B 516 33.01 16.96 14.89
CA PHE B 516 32.35 16.06 15.82
C PHE B 516 33.00 16.10 17.20
N LYS B 517 34.32 16.31 17.24
CA LYS B 517 34.96 16.45 18.55
C LYS B 517 34.43 17.64 19.32
N LEU B 518 34.18 18.76 18.62
CA LEU B 518 33.57 19.92 19.26
C LEU B 518 32.17 19.58 19.76
N ARG B 519 31.42 18.80 18.97
CA ARG B 519 30.08 18.39 19.38
C ARG B 519 30.14 17.59 20.68
N GLU B 520 31.13 16.70 20.79
CA GLU B 520 31.31 15.85 21.97
C GLU B 520 31.85 16.61 23.18
N GLY B 521 32.10 17.91 23.05
CA GLY B 521 32.52 18.73 24.17
C GLY B 521 33.98 18.62 24.54
N VAL B 522 34.83 18.13 23.63
CA VAL B 522 36.25 17.97 23.93
C VAL B 522 36.94 19.28 24.26
N LEU B 523 36.33 20.43 23.94
CA LEU B 523 36.95 21.73 24.22
C LEU B 523 35.99 22.70 24.93
N VAL C 6 -32.84 -6.25 -40.16
CA VAL C 6 -32.26 -4.93 -39.90
C VAL C 6 -32.55 -3.92 -41.00
N THR C 7 -33.15 -2.80 -40.55
CA THR C 7 -33.56 -1.68 -41.42
C THR C 7 -32.35 -0.83 -41.79
N PRO C 8 -32.18 -0.62 -43.08
CA PRO C 8 -31.12 0.22 -43.67
C PRO C 8 -31.33 1.69 -43.29
N PRO C 9 -30.23 2.43 -43.07
CA PRO C 9 -30.32 3.86 -42.72
C PRO C 9 -30.91 4.69 -43.86
N PRO C 10 -31.70 5.72 -43.52
CA PRO C 10 -32.26 6.57 -44.56
C PRO C 10 -31.15 7.05 -45.50
N GLU C 11 -31.51 7.32 -46.75
CA GLU C 11 -30.56 7.83 -47.75
C GLU C 11 -29.84 9.08 -47.23
N LYS C 12 -30.55 9.95 -46.52
CA LYS C 12 -29.94 11.08 -45.81
C LYS C 12 -29.55 10.61 -44.42
N PHE C 13 -28.26 10.59 -44.10
CA PHE C 13 -27.80 9.90 -42.90
C PHE C 13 -26.44 10.44 -42.49
N ASN C 14 -26.34 10.88 -41.25
CA ASN C 14 -25.07 11.26 -40.63
C ASN C 14 -24.84 10.35 -39.43
N PHE C 15 -23.75 9.57 -39.48
CA PHE C 15 -23.58 8.52 -38.46
C PHE C 15 -23.39 9.11 -37.07
N ALA C 16 -22.72 10.26 -36.97
CA ALA C 16 -22.57 10.88 -35.66
C ALA C 16 -23.93 11.32 -35.11
N GLU C 17 -24.75 11.96 -35.94
CA GLU C 17 -26.08 12.34 -35.50
C GLU C 17 -26.86 11.11 -35.05
N HIS C 18 -26.77 10.03 -35.81
CA HIS C 18 -27.48 8.80 -35.44
C HIS C 18 -27.03 8.30 -34.07
N LEU C 19 -25.73 8.26 -33.81
CA LEU C 19 -25.27 7.77 -32.50
C LEU C 19 -25.70 8.71 -31.38
N LEU C 20 -25.65 10.02 -31.61
CA LEU C 20 -26.13 10.95 -30.60
C LEU C 20 -27.63 10.80 -30.36
N GLN C 21 -28.41 10.69 -31.43
CA GLN C 21 -29.85 10.58 -31.29
C GLN C 21 -30.23 9.34 -30.49
N THR C 22 -29.54 8.22 -30.75
CA THR C 22 -29.82 6.97 -30.07
C THR C 22 -29.78 7.10 -28.57
N ASN C 23 -28.96 8.01 -28.05
CA ASN C 23 -28.66 8.07 -26.64
C ASN C 23 -29.27 9.29 -25.96
N ARG C 24 -30.15 10.04 -26.65
CA ARG C 24 -30.83 11.13 -25.97
C ARG C 24 -31.79 10.60 -24.91
N VAL C 25 -32.13 9.31 -24.96
CA VAL C 25 -32.91 8.72 -23.88
C VAL C 25 -32.12 8.48 -22.60
N ARG C 26 -30.78 8.56 -22.67
CA ARG C 26 -29.96 8.30 -21.45
C ARG C 26 -28.88 9.37 -21.35
N PRO C 27 -29.27 10.61 -21.03
CA PRO C 27 -28.27 11.70 -21.02
C PRO C 27 -27.22 11.59 -19.92
N ASP C 28 -27.57 11.07 -18.75
CA ASP C 28 -26.65 11.08 -17.63
C ASP C 28 -25.96 9.75 -17.39
N LYS C 29 -26.21 8.74 -18.24
CA LYS C 29 -25.41 7.53 -18.16
C LYS C 29 -24.01 7.82 -18.67
N THR C 30 -23.01 7.20 -18.04
CA THR C 30 -21.63 7.40 -18.48
C THR C 30 -21.42 6.77 -19.85
N ALA C 31 -20.93 7.55 -20.81
CA ALA C 31 -20.63 7.05 -22.15
C ALA C 31 -19.22 6.50 -22.23
N PHE C 32 -18.25 7.29 -21.76
CA PHE C 32 -16.85 6.90 -21.81
C PHE C 32 -16.19 7.32 -20.50
N VAL C 33 -15.27 6.49 -20.03
CA VAL C 33 -14.51 6.80 -18.82
C VAL C 33 -13.11 6.27 -19.02
N ASP C 34 -12.11 7.07 -18.63
CA ASP C 34 -10.72 6.63 -18.66
C ASP C 34 -10.09 6.93 -17.30
N ASP C 35 -8.75 6.97 -17.24
CA ASP C 35 -8.08 7.04 -15.95
C ASP C 35 -8.30 8.38 -15.24
N ILE C 36 -8.71 9.43 -15.96
CA ILE C 36 -8.71 10.76 -15.35
C ILE C 36 -9.98 11.52 -15.66
N SER C 37 -10.94 10.89 -16.32
CA SER C 37 -12.10 11.66 -16.75
C SER C 37 -13.22 10.72 -17.19
N SER C 38 -14.42 11.29 -17.34
CA SER C 38 -15.61 10.59 -17.81
C SER C 38 -16.50 11.57 -18.58
N LEU C 39 -17.29 10.99 -19.48
CA LEU C 39 -18.24 11.77 -20.31
C LEU C 39 -19.60 11.06 -20.34
N SER C 40 -20.62 11.66 -19.74
CA SER C 40 -21.96 11.16 -19.94
C SER C 40 -22.35 11.30 -21.41
N PHE C 41 -23.41 10.62 -21.83
CA PHE C 41 -23.86 10.80 -23.20
C PHE C 41 -24.23 12.26 -23.49
N ALA C 42 -24.80 12.95 -22.50
CA ALA C 42 -25.15 14.36 -22.70
C ALA C 42 -23.89 15.22 -22.89
N GLN C 43 -22.87 15.00 -22.05
CA GLN C 43 -21.63 15.74 -22.18
C GLN C 43 -20.92 15.43 -23.50
N LEU C 44 -20.93 14.15 -23.88
CA LEU C 44 -20.34 13.76 -25.16
C LEU C 44 -21.01 14.51 -26.31
N GLU C 45 -22.35 14.54 -26.33
CA GLU C 45 -23.04 15.21 -27.41
C GLU C 45 -22.67 16.69 -27.48
N ALA C 46 -22.65 17.37 -26.33
CA ALA C 46 -22.31 18.79 -26.30
C ALA C 46 -20.91 19.01 -26.85
N GLN C 47 -19.92 18.25 -26.37
CA GLN C 47 -18.56 18.44 -26.83
C GLN C 47 -18.42 18.08 -28.30
N THR C 48 -19.11 17.02 -28.73
CA THR C 48 -19.10 16.64 -30.14
C THR C 48 -19.55 17.78 -31.01
N ARG C 49 -20.68 18.41 -30.67
CA ARG C 49 -21.22 19.45 -31.54
C ARG C 49 -20.46 20.75 -31.41
N GLN C 50 -19.85 21.00 -30.26
CA GLN C 50 -18.97 22.15 -30.15
C GLN C 50 -17.71 21.95 -30.99
N LEU C 51 -17.08 20.77 -30.91
CA LEU C 51 -15.92 20.53 -31.76
C LEU C 51 -16.29 20.65 -33.23
N ALA C 52 -17.45 20.14 -33.63
CA ALA C 52 -17.85 20.27 -35.03
C ALA C 52 -17.92 21.74 -35.43
N ALA C 53 -18.51 22.58 -34.58
CA ALA C 53 -18.54 24.02 -34.84
C ALA C 53 -17.13 24.61 -34.86
N ALA C 54 -16.26 24.17 -33.95
CA ALA C 54 -14.91 24.74 -33.92
C ALA C 54 -14.13 24.39 -35.18
N LEU C 55 -14.29 23.16 -35.71
CA LEU C 55 -13.57 22.79 -36.93
C LEU C 55 -14.05 23.63 -38.11
N ARG C 56 -15.37 23.82 -38.22
CA ARG C 56 -15.90 24.70 -39.26
C ARG C 56 -15.32 26.11 -39.15
N ALA C 57 -15.19 26.61 -37.91
CA ALA C 57 -14.77 28.00 -37.71
C ALA C 57 -13.33 28.25 -38.16
N ILE C 58 -12.47 27.23 -38.11
CA ILE C 58 -11.11 27.42 -38.58
C ILE C 58 -11.02 27.10 -40.07
N GLY C 59 -12.17 26.90 -40.70
CA GLY C 59 -12.22 26.83 -42.14
C GLY C 59 -12.24 25.44 -42.75
N VAL C 60 -12.18 24.38 -41.95
CA VAL C 60 -12.27 23.03 -42.51
C VAL C 60 -13.67 22.83 -43.10
N LYS C 61 -13.73 22.39 -44.35
CA LYS C 61 -15.01 22.25 -45.04
C LYS C 61 -15.45 20.78 -45.14
N ARG C 62 -16.73 20.59 -45.45
CA ARG C 62 -17.28 19.26 -45.69
C ARG C 62 -16.39 18.50 -46.65
N GLU C 63 -16.11 17.23 -46.32
CA GLU C 63 -15.40 16.25 -47.13
C GLU C 63 -13.89 16.42 -47.05
N GLU C 64 -13.38 17.54 -46.51
CA GLU C 64 -11.96 17.62 -46.23
C GLU C 64 -11.61 16.67 -45.09
N ARG C 65 -10.35 16.26 -45.03
CA ARG C 65 -9.90 15.32 -44.03
C ARG C 65 -9.22 16.04 -42.86
N VAL C 66 -9.31 15.46 -41.68
CA VAL C 66 -8.44 15.83 -40.58
C VAL C 66 -7.78 14.56 -40.05
N LEU C 67 -6.55 14.69 -39.59
CA LEU C 67 -5.81 13.55 -39.08
C LEU C 67 -6.11 13.42 -37.58
N LEU C 68 -6.54 12.23 -37.16
CA LEU C 68 -6.85 11.95 -35.77
C LEU C 68 -5.77 11.00 -35.26
N LEU C 69 -4.83 11.56 -34.49
CA LEU C 69 -3.64 10.84 -33.99
C LEU C 69 -3.67 10.95 -32.45
N MET C 70 -4.37 10.03 -31.80
CA MET C 70 -4.71 10.23 -30.40
C MET C 70 -4.75 8.88 -29.69
N LEU C 71 -4.19 8.86 -28.48
CA LEU C 71 -4.31 7.73 -27.57
C LEU C 71 -5.77 7.54 -27.13
N ASP C 72 -6.11 6.30 -26.77
CA ASP C 72 -7.45 6.04 -26.27
C ASP C 72 -7.71 6.90 -25.03
N GLY C 73 -8.85 7.59 -25.01
CA GLY C 73 -9.26 8.40 -23.88
C GLY C 73 -10.52 9.13 -24.28
N THR C 74 -11.17 9.77 -23.30
CA THR C 74 -12.48 10.38 -23.60
C THR C 74 -12.43 11.43 -24.73
N ASP C 75 -11.28 12.06 -24.99
CA ASP C 75 -11.23 13.02 -26.10
C ASP C 75 -11.38 12.35 -27.45
N TRP C 76 -10.97 11.08 -27.56
CA TRP C 76 -10.97 10.38 -28.84
C TRP C 76 -12.36 10.32 -29.45
N PRO C 77 -13.40 9.81 -28.77
CA PRO C 77 -14.73 9.82 -29.39
C PRO C 77 -15.23 11.22 -29.71
N VAL C 78 -14.92 12.23 -28.90
CA VAL C 78 -15.31 13.61 -29.24
C VAL C 78 -14.72 14.02 -30.58
N ALA C 79 -13.41 13.77 -30.77
CA ALA C 79 -12.76 14.16 -32.02
C ALA C 79 -13.38 13.42 -33.21
N PHE C 80 -13.48 12.10 -33.07
CA PHE C 80 -14.03 11.27 -34.12
C PHE C 80 -15.44 11.69 -34.53
N LEU C 81 -16.34 11.76 -33.56
CA LEU C 81 -17.74 12.09 -33.85
C LEU C 81 -17.91 13.56 -34.20
N GLY C 82 -17.14 14.44 -33.54
CA GLY C 82 -17.27 15.87 -33.86
C GLY C 82 -16.97 16.14 -35.33
N ALA C 83 -15.90 15.56 -35.84
CA ALA C 83 -15.60 15.72 -37.27
C ALA C 83 -16.75 15.18 -38.12
N ILE C 84 -17.21 13.96 -37.84
CA ILE C 84 -18.25 13.34 -38.66
C ILE C 84 -19.54 14.15 -38.63
N TYR C 85 -19.89 14.68 -37.44
CA TYR C 85 -21.08 15.53 -37.32
C TYR C 85 -21.00 16.73 -38.27
N ALA C 86 -19.81 17.30 -38.41
CA ALA C 86 -19.56 18.42 -39.32
C ALA C 86 -19.45 17.97 -40.77
N GLY C 87 -19.55 16.69 -41.07
CA GLY C 87 -19.28 16.27 -42.43
C GLY C 87 -17.82 16.33 -42.80
N ILE C 88 -16.94 16.43 -41.82
CA ILE C 88 -15.50 16.38 -42.01
C ILE C 88 -15.04 14.94 -41.81
N VAL C 89 -14.06 14.52 -42.61
CA VAL C 89 -13.67 13.10 -42.65
C VAL C 89 -12.47 12.90 -41.72
N PRO C 90 -12.65 12.34 -40.53
CA PRO C 90 -11.49 12.03 -39.69
C PRO C 90 -10.72 10.84 -40.26
N VAL C 91 -9.41 10.95 -40.22
CA VAL C 91 -8.52 9.89 -40.64
C VAL C 91 -7.84 9.38 -39.37
N ALA C 92 -8.29 8.23 -38.88
CA ALA C 92 -7.88 7.77 -37.56
C ALA C 92 -6.69 6.84 -37.69
N VAL C 93 -5.56 7.21 -37.09
CA VAL C 93 -4.33 6.42 -37.36
C VAL C 93 -3.67 5.87 -36.09
N ASN C 94 -2.92 4.78 -36.31
CA ASN C 94 -2.05 4.12 -35.35
C ASN C 94 -1.14 5.13 -34.65
N THR C 95 -1.08 5.04 -33.32
CA THR C 95 -0.31 6.00 -32.53
C THR C 95 1.16 5.61 -32.37
N LEU C 96 1.60 4.51 -32.98
CA LEU C 96 2.91 3.95 -32.72
C LEU C 96 3.82 3.98 -33.96
N LEU C 97 3.53 4.86 -34.91
CA LEU C 97 4.28 4.92 -36.16
C LEU C 97 5.39 5.97 -36.06
N THR C 98 6.20 6.07 -37.10
CA THR C 98 7.33 7.01 -37.12
C THR C 98 6.92 8.34 -37.73
N ALA C 99 7.82 9.33 -37.64
CA ALA C 99 7.57 10.62 -38.26
C ALA C 99 7.41 10.48 -39.78
N ASP C 100 8.17 9.57 -40.40
CA ASP C 100 8.08 9.36 -41.85
C ASP C 100 6.71 8.82 -42.25
N ASP C 101 6.19 7.86 -41.49
CA ASP C 101 4.85 7.35 -41.72
C ASP C 101 3.82 8.47 -41.69
N TYR C 102 3.83 9.27 -40.61
CA TYR C 102 2.82 10.33 -40.48
C TYR C 102 3.00 11.39 -41.56
N ALA C 103 4.25 11.70 -41.94
CA ALA C 103 4.48 12.62 -43.04
C ALA C 103 3.72 12.17 -44.30
N TYR C 104 3.85 10.90 -44.65
CA TYR C 104 3.13 10.39 -45.81
C TYR C 104 1.63 10.56 -45.64
N MET C 105 1.11 10.18 -44.47
CA MET C 105 -0.33 10.24 -44.24
C MET C 105 -0.85 11.68 -44.33
N LEU C 106 -0.07 12.64 -43.84
CA LEU C 106 -0.48 14.05 -43.94
C LEU C 106 -0.62 14.47 -45.41
N GLU C 107 0.36 14.12 -46.25
CA GLU C 107 0.30 14.50 -47.65
C GLU C 107 -0.76 13.72 -48.40
N HIS C 108 -0.84 12.41 -48.16
CA HIS C 108 -1.79 11.59 -48.89
C HIS C 108 -3.22 11.99 -48.54
N SER C 109 -3.51 12.21 -47.27
CA SER C 109 -4.85 12.59 -46.88
C SER C 109 -5.17 14.04 -47.19
N ARG C 110 -4.15 14.89 -47.37
CA ARG C 110 -4.33 16.34 -47.46
C ARG C 110 -5.09 16.85 -46.23
N ALA C 111 -4.71 16.32 -45.07
CA ALA C 111 -5.32 16.73 -43.81
C ALA C 111 -5.22 18.24 -43.64
N GLN C 112 -6.34 18.85 -43.30
CA GLN C 112 -6.39 20.30 -43.09
C GLN C 112 -6.15 20.69 -41.65
N ALA C 113 -6.27 19.74 -40.72
CA ALA C 113 -6.00 19.98 -39.31
C ALA C 113 -5.62 18.65 -38.68
N VAL C 114 -5.01 18.72 -37.51
CA VAL C 114 -4.61 17.51 -36.79
C VAL C 114 -5.11 17.59 -35.35
N LEU C 115 -5.72 16.50 -34.90
CA LEU C 115 -6.14 16.33 -33.49
C LEU C 115 -5.13 15.32 -32.91
N VAL C 116 -4.33 15.75 -31.94
CA VAL C 116 -3.17 14.95 -31.53
C VAL C 116 -3.05 14.92 -30.02
N SER C 117 -2.73 13.74 -29.47
CA SER C 117 -2.42 13.64 -28.05
C SER C 117 -1.07 14.27 -27.75
N GLY C 118 -0.98 14.95 -26.60
CA GLY C 118 0.29 15.59 -26.21
C GLY C 118 1.48 14.65 -26.28
N ALA C 119 1.29 13.41 -25.85
CA ALA C 119 2.38 12.45 -25.89
C ALA C 119 2.86 12.15 -27.32
N LEU C 120 2.04 12.45 -28.32
CA LEU C 120 2.39 12.19 -29.71
C LEU C 120 2.77 13.47 -30.45
N HIS C 121 2.85 14.61 -29.75
CA HIS C 121 3.24 15.85 -30.42
C HIS C 121 4.67 15.82 -30.95
N PRO C 122 5.67 15.24 -30.27
CA PRO C 122 7.02 15.23 -30.85
C PRO C 122 7.08 14.53 -32.19
N VAL C 123 6.50 13.35 -32.32
CA VAL C 123 6.56 12.66 -33.59
C VAL C 123 5.75 13.41 -34.66
N LEU C 124 4.62 14.00 -34.28
CA LEU C 124 3.87 14.79 -35.25
C LEU C 124 4.64 16.03 -35.68
N LYS C 125 5.24 16.74 -34.71
CA LYS C 125 6.10 17.88 -35.02
C LYS C 125 7.13 17.51 -36.08
N ALA C 126 7.78 16.36 -35.90
CA ALA C 126 8.79 15.92 -36.86
C ALA C 126 8.16 15.66 -38.22
N ALA C 127 6.96 15.05 -38.25
CA ALA C 127 6.30 14.80 -39.52
C ALA C 127 5.90 16.10 -40.21
N LEU C 128 5.42 17.08 -39.45
CA LEU C 128 5.06 18.37 -40.03
C LEU C 128 6.27 19.09 -40.60
N THR C 129 7.40 19.03 -39.90
CA THR C 129 8.56 19.78 -40.37
C THR C 129 9.09 19.23 -41.70
N LYS C 130 8.96 17.92 -41.95
CA LYS C 130 9.60 17.34 -43.14
C LYS C 130 8.64 17.09 -44.31
N SER C 131 7.34 17.37 -44.16
CA SER C 131 6.36 17.01 -45.18
C SER C 131 5.85 18.23 -45.94
N ASP C 132 5.27 17.96 -47.11
CA ASP C 132 4.55 19.00 -47.87
C ASP C 132 3.06 18.94 -47.49
N HIS C 133 2.80 19.19 -46.21
CA HIS C 133 1.46 19.02 -45.69
C HIS C 133 0.61 20.25 -45.96
N GLU C 134 -0.67 20.14 -45.68
CA GLU C 134 -1.62 21.25 -45.80
C GLU C 134 -2.29 21.57 -44.48
N VAL C 135 -1.64 21.28 -43.36
CA VAL C 135 -2.28 21.42 -42.05
C VAL C 135 -2.38 22.90 -41.70
N GLN C 136 -3.61 23.37 -41.47
CA GLN C 136 -3.85 24.75 -41.05
C GLN C 136 -3.76 24.93 -39.53
N ARG C 137 -4.15 23.94 -38.76
CA ARG C 137 -4.21 24.07 -37.31
C ARG C 137 -3.91 22.73 -36.63
N VAL C 138 -3.24 22.79 -35.49
CA VAL C 138 -2.98 21.61 -34.68
C VAL C 138 -3.69 21.76 -33.34
N ILE C 139 -4.53 20.79 -33.00
CA ILE C 139 -5.31 20.81 -31.76
C ILE C 139 -4.78 19.71 -30.86
N VAL C 140 -4.24 20.10 -29.71
CA VAL C 140 -3.51 19.18 -28.85
C VAL C 140 -4.38 18.78 -27.67
N SER C 141 -4.68 17.51 -27.56
CA SER C 141 -5.41 16.98 -26.42
C SER C 141 -4.40 16.55 -25.35
N ARG C 142 -4.51 17.16 -24.16
CA ARG C 142 -3.59 16.93 -23.06
C ARG C 142 -2.16 17.26 -23.45
N PRO C 143 -1.85 18.53 -23.71
CA PRO C 143 -0.48 18.92 -24.03
C PRO C 143 0.50 18.52 -22.94
N ALA C 144 1.66 18.00 -23.35
CA ALA C 144 2.75 17.61 -22.47
C ALA C 144 3.96 18.51 -22.64
N ALA C 145 3.80 19.59 -23.37
CA ALA C 145 4.84 20.59 -23.59
C ALA C 145 4.15 21.86 -24.04
N PRO C 146 4.85 22.98 -24.03
CA PRO C 146 4.23 24.26 -24.41
C PRO C 146 3.72 24.22 -25.84
N LEU C 147 2.57 24.88 -26.06
CA LEU C 147 2.00 24.95 -27.40
C LEU C 147 2.79 25.89 -28.30
N GLU C 148 2.85 25.56 -29.58
CA GLU C 148 3.46 26.44 -30.58
C GLU C 148 2.41 27.34 -31.20
N PRO C 149 2.82 28.36 -31.96
CA PRO C 149 1.84 29.21 -32.63
C PRO C 149 1.03 28.40 -33.64
N GLY C 150 -0.26 28.69 -33.73
CA GLY C 150 -1.11 27.87 -34.57
C GLY C 150 -1.52 26.55 -33.95
N GLU C 151 -1.22 26.34 -32.67
CA GLU C 151 -1.71 25.22 -31.90
C GLU C 151 -2.64 25.72 -30.81
N VAL C 152 -3.64 24.91 -30.48
CA VAL C 152 -4.61 25.23 -29.46
C VAL C 152 -4.89 23.99 -28.64
N ASP C 153 -5.13 24.18 -27.34
CA ASP C 153 -5.51 23.07 -26.47
C ASP C 153 -6.89 22.54 -26.88
N PHE C 154 -7.02 21.21 -26.85
CA PHE C 154 -8.27 20.58 -27.29
C PHE C 154 -9.46 21.10 -26.48
N ALA C 155 -9.33 21.16 -25.15
CA ALA C 155 -10.46 21.58 -24.32
C ALA C 155 -10.78 23.04 -24.54
N GLU C 156 -9.74 23.89 -24.64
CA GLU C 156 -9.98 25.30 -24.96
C GLU C 156 -10.66 25.43 -26.33
N PHE C 157 -10.21 24.66 -27.32
CA PHE C 157 -10.81 24.70 -28.68
C PHE C 157 -12.30 24.36 -28.63
N VAL C 158 -12.64 23.24 -27.98
CA VAL C 158 -14.04 22.84 -27.87
C VAL C 158 -14.82 23.88 -27.06
N GLY C 159 -14.19 24.43 -26.02
CA GLY C 159 -14.91 25.35 -25.15
C GLY C 159 -15.23 26.70 -25.76
N ALA C 160 -14.56 27.08 -26.84
CA ALA C 160 -14.69 28.42 -27.41
C ALA C 160 -15.80 28.52 -28.45
N HIS C 161 -16.60 27.47 -28.68
CA HIS C 161 -17.60 27.49 -29.74
C HIS C 161 -18.92 26.90 -29.28
N ALA C 162 -20.02 27.58 -29.61
CA ALA C 162 -21.34 27.04 -29.35
C ALA C 162 -21.58 25.79 -30.19
N PRO C 163 -22.40 24.86 -29.71
CA PRO C 163 -22.64 23.63 -30.49
C PRO C 163 -23.24 23.93 -31.85
N LEU C 164 -22.69 23.29 -32.88
CA LEU C 164 -23.30 23.33 -34.21
C LEU C 164 -24.76 22.89 -34.12
N GLU C 165 -25.64 23.65 -34.78
CA GLU C 165 -27.08 23.45 -34.59
C GLU C 165 -27.57 22.18 -35.27
N LYS C 166 -27.01 21.84 -36.43
CA LYS C 166 -27.45 20.68 -37.19
C LYS C 166 -26.23 19.96 -37.75
N PRO C 167 -26.32 18.64 -37.92
CA PRO C 167 -25.25 17.93 -38.64
C PRO C 167 -25.22 18.34 -40.11
N ALA C 168 -24.04 18.22 -40.71
CA ALA C 168 -23.96 18.32 -42.15
C ALA C 168 -24.94 17.34 -42.78
N ALA C 169 -25.53 17.75 -43.91
CA ALA C 169 -26.58 16.97 -44.59
C ALA C 169 -25.91 15.91 -45.46
N THR C 170 -25.31 14.94 -44.79
CA THR C 170 -24.59 13.88 -45.49
C THR C 170 -25.54 12.80 -46.00
N GLN C 171 -25.10 12.07 -47.00
CA GLN C 171 -25.80 10.90 -47.50
C GLN C 171 -25.20 9.64 -46.86
N ALA C 172 -26.03 8.60 -46.75
CA ALA C 172 -25.58 7.36 -46.13
C ALA C 172 -24.35 6.80 -46.85
N ASP C 173 -24.27 6.98 -48.16
CA ASP C 173 -23.14 6.46 -48.93
C ASP C 173 -22.01 7.48 -49.09
N ASP C 174 -22.07 8.62 -48.42
CA ASP C 174 -20.93 9.54 -48.45
C ASP C 174 -19.79 9.01 -47.58
N PRO C 175 -18.54 9.34 -47.93
CA PRO C 175 -17.42 8.99 -47.05
C PRO C 175 -17.63 9.62 -45.68
N ALA C 176 -17.28 8.88 -44.63
CA ALA C 176 -17.37 9.40 -43.28
C ALA C 176 -16.05 9.38 -42.53
N PHE C 177 -15.16 8.41 -42.80
CA PHE C 177 -13.87 8.38 -42.13
C PHE C 177 -12.95 7.45 -42.91
N TRP C 178 -11.66 7.53 -42.56
CA TRP C 178 -10.63 6.66 -43.18
C TRP C 178 -9.84 5.95 -42.09
N LEU C 179 -9.48 4.71 -42.39
CA LEU C 179 -8.48 3.98 -41.64
C LEU C 179 -7.37 3.61 -42.61
N TYR C 180 -6.15 3.48 -42.12
CA TYR C 180 -5.04 3.02 -42.95
C TYR C 180 -4.72 1.57 -42.68
N SER C 181 -4.42 0.83 -43.76
CA SER C 181 -4.06 -0.57 -43.69
C SER C 181 -2.87 -0.82 -44.63
N SER C 182 -1.93 -1.67 -44.22
CA SER C 182 -0.73 -1.91 -45.00
C SER C 182 -0.72 -3.30 -45.63
N GLY C 183 -0.26 -3.38 -46.88
CA GLY C 183 0.08 -4.63 -47.52
C GLY C 183 1.56 -4.95 -47.43
N SER C 184 1.98 -5.98 -48.17
CA SER C 184 3.35 -6.47 -48.02
C SER C 184 4.36 -5.48 -48.57
N THR C 185 3.98 -4.66 -49.54
CA THR C 185 4.83 -3.60 -50.04
C THR C 185 3.97 -2.38 -50.27
N GLY C 186 4.62 -1.24 -50.50
CA GLY C 186 3.91 -0.03 -50.83
C GLY C 186 3.49 0.75 -49.59
N ARG C 187 2.89 1.90 -49.85
CA ARG C 187 2.43 2.79 -48.81
C ARG C 187 1.20 2.22 -48.11
N PRO C 188 0.92 2.67 -46.88
CA PRO C 188 -0.36 2.32 -46.24
C PRO C 188 -1.50 2.76 -47.14
N LYS C 189 -2.55 1.97 -47.16
CA LYS C 189 -3.69 2.20 -48.04
C LYS C 189 -4.78 2.91 -47.24
N GLY C 190 -5.30 4.00 -47.81
CA GLY C 190 -6.38 4.74 -47.19
C GLY C 190 -7.74 4.10 -47.43
N VAL C 191 -8.26 3.40 -46.42
CA VAL C 191 -9.53 2.68 -46.55
C VAL C 191 -10.68 3.64 -46.26
N VAL C 192 -11.52 3.90 -47.26
CA VAL C 192 -12.60 4.87 -47.13
C VAL C 192 -13.88 4.16 -46.71
N HIS C 193 -14.43 4.53 -45.55
CA HIS C 193 -15.70 4.02 -45.07
C HIS C 193 -16.76 5.11 -45.09
N THR C 194 -18.01 4.68 -45.35
CA THR C 194 -19.16 5.56 -45.45
C THR C 194 -19.84 5.73 -44.09
N HIS C 195 -20.82 6.64 -44.06
CA HIS C 195 -21.67 6.78 -42.89
C HIS C 195 -22.44 5.49 -42.58
N ALA C 196 -22.88 4.78 -43.62
CA ALA C 196 -23.66 3.55 -43.44
C ALA C 196 -22.83 2.39 -42.87
N ASN C 197 -21.53 2.31 -43.20
CA ASN C 197 -20.77 1.11 -42.85
C ASN C 197 -20.77 0.81 -41.34
N PRO C 198 -20.47 1.75 -40.45
CA PRO C 198 -20.53 1.42 -39.01
C PRO C 198 -21.93 1.23 -38.49
N TYR C 199 -22.94 1.72 -39.20
CA TYR C 199 -24.29 1.36 -38.79
C TYR C 199 -24.51 -0.13 -38.97
N TRP C 200 -24.07 -0.67 -40.11
CA TRP C 200 -24.27 -2.08 -40.41
C TRP C 200 -23.47 -2.99 -39.46
N THR C 201 -22.18 -2.69 -39.26
CA THR C 201 -21.38 -3.53 -38.36
C THR C 201 -21.98 -3.53 -36.96
N SER C 202 -22.39 -2.37 -36.47
CA SER C 202 -22.90 -2.25 -35.11
C SER C 202 -24.25 -2.93 -34.93
N GLU C 203 -25.09 -2.92 -35.97
CA GLU C 203 -26.34 -3.68 -35.91
C GLU C 203 -26.09 -5.18 -36.14
N LEU C 204 -25.40 -5.53 -37.23
CA LEU C 204 -25.31 -6.94 -37.61
C LEU C 204 -24.39 -7.73 -36.67
N TYR C 205 -23.30 -7.11 -36.22
CA TYR C 205 -22.38 -7.82 -35.33
C TYR C 205 -22.57 -7.41 -33.87
N GLY C 206 -22.36 -6.13 -33.54
CA GLY C 206 -22.46 -5.69 -32.16
C GLY C 206 -23.77 -6.08 -31.50
N ARG C 207 -24.90 -5.70 -32.12
CA ARG C 207 -26.18 -5.98 -31.50
C ARG C 207 -26.65 -7.41 -31.78
N ASN C 208 -26.77 -7.78 -33.07
CA ASN C 208 -27.44 -9.03 -33.45
C ASN C 208 -26.59 -10.27 -33.25
N THR C 209 -25.26 -10.16 -33.19
CA THR C 209 -24.44 -11.34 -32.95
C THR C 209 -23.89 -11.41 -31.54
N LEU C 210 -23.15 -10.38 -31.09
CA LEU C 210 -22.64 -10.34 -29.72
C LEU C 210 -23.73 -10.07 -28.68
N HIS C 211 -24.87 -9.53 -29.10
CA HIS C 211 -25.95 -9.13 -28.19
C HIS C 211 -25.43 -8.17 -27.12
N LEU C 212 -24.63 -7.17 -27.51
CA LEU C 212 -24.32 -6.10 -26.57
C LEU C 212 -25.58 -5.39 -26.13
N ARG C 213 -25.57 -4.86 -24.91
CA ARG C 213 -26.75 -4.23 -24.35
C ARG C 213 -26.38 -3.07 -23.45
N GLU C 214 -27.40 -2.33 -23.03
CA GLU C 214 -27.22 -1.03 -22.37
C GLU C 214 -26.43 -1.16 -21.07
N ASP C 215 -26.67 -2.23 -20.29
CA ASP C 215 -25.99 -2.29 -19.02
C ASP C 215 -24.57 -2.91 -19.12
N ASP C 216 -24.07 -3.12 -20.32
CA ASP C 216 -22.71 -3.60 -20.46
C ASP C 216 -21.69 -2.50 -20.16
N VAL C 217 -20.48 -2.94 -19.80
CA VAL C 217 -19.30 -2.11 -19.69
C VAL C 217 -18.28 -2.73 -20.63
N CYS C 218 -17.97 -2.05 -21.73
CA CYS C 218 -17.08 -2.59 -22.76
C CYS C 218 -15.66 -2.09 -22.55
N PHE C 219 -14.70 -2.99 -22.79
CA PHE C 219 -13.28 -2.66 -22.61
C PHE C 219 -12.45 -3.44 -23.61
N SER C 220 -11.72 -2.74 -24.48
CA SER C 220 -11.03 -3.37 -25.60
C SER C 220 -9.53 -3.10 -25.51
N ALA C 221 -8.73 -4.18 -25.52
CA ALA C 221 -7.29 -3.99 -25.57
C ALA C 221 -6.86 -3.44 -26.93
N ALA C 222 -7.65 -3.71 -27.96
CA ALA C 222 -7.43 -3.15 -29.28
C ALA C 222 -7.83 -1.67 -29.27
N LYS C 223 -6.93 -0.81 -29.72
CA LYS C 223 -7.15 0.64 -29.64
C LYS C 223 -8.20 1.08 -30.64
N LEU C 224 -8.72 2.28 -30.40
CA LEU C 224 -9.76 2.88 -31.23
C LEU C 224 -9.40 3.06 -32.71
N PHE C 225 -8.13 3.28 -33.00
CA PHE C 225 -7.76 3.46 -34.41
C PHE C 225 -7.78 2.14 -35.19
N PHE C 226 -7.73 0.99 -34.53
CA PHE C 226 -7.97 -0.29 -35.20
C PHE C 226 -9.45 -0.44 -35.54
N ALA C 227 -9.72 -0.98 -36.72
CA ALA C 227 -11.09 -1.26 -37.14
C ALA C 227 -11.77 -2.08 -36.03
N TYR C 228 -11.08 -3.13 -35.58
CA TYR C 228 -11.61 -3.98 -34.49
C TYR C 228 -11.89 -3.09 -33.28
N GLY C 229 -10.94 -2.21 -32.96
CA GLY C 229 -11.06 -1.34 -31.78
C GLY C 229 -12.16 -0.31 -31.96
N LEU C 230 -12.29 0.24 -33.18
CA LEU C 230 -13.33 1.26 -33.48
C LEU C 230 -14.70 0.71 -33.07
N GLY C 231 -15.04 -0.51 -33.52
CA GLY C 231 -16.30 -1.12 -33.18
C GLY C 231 -16.43 -1.43 -31.70
N ASN C 232 -15.45 -2.13 -31.13
CA ASN C 232 -15.57 -2.66 -29.77
C ASN C 232 -15.85 -1.55 -28.78
N ALA C 233 -15.19 -0.40 -28.96
CA ALA C 233 -15.13 0.62 -27.93
C ALA C 233 -15.71 1.95 -28.39
N LEU C 234 -16.45 1.93 -29.50
CA LEU C 234 -17.08 3.16 -29.94
C LEU C 234 -18.41 2.95 -30.64
N THR C 235 -18.39 2.36 -31.83
CA THR C 235 -19.66 2.27 -32.56
C THR C 235 -20.59 1.24 -31.93
N PHE C 236 -20.06 0.07 -31.50
CA PHE C 236 -20.92 -0.94 -30.87
C PHE C 236 -21.55 -0.43 -29.59
N PRO C 237 -20.78 0.00 -28.57
CA PRO C 237 -21.41 0.40 -27.31
C PRO C 237 -22.35 1.59 -27.43
N MET C 238 -22.00 2.57 -28.27
CA MET C 238 -22.86 3.74 -28.43
C MET C 238 -24.16 3.37 -29.14
N THR C 239 -24.14 2.31 -29.95
CA THR C 239 -25.37 1.84 -30.60
C THR C 239 -26.40 1.31 -29.60
N VAL C 240 -25.95 0.73 -28.48
CA VAL C 240 -26.87 0.13 -27.50
C VAL C 240 -26.89 0.87 -26.17
N GLY C 241 -26.12 1.94 -26.02
CA GLY C 241 -26.12 2.69 -24.77
C GLY C 241 -25.20 2.14 -23.70
N ALA C 242 -24.31 1.20 -24.04
CA ALA C 242 -23.39 0.68 -23.03
C ALA C 242 -22.35 1.73 -22.64
N THR C 243 -21.75 1.52 -21.47
CA THR C 243 -20.63 2.32 -20.99
C THR C 243 -19.31 1.70 -21.44
N THR C 244 -18.38 2.54 -21.88
CA THR C 244 -17.10 2.09 -22.41
C THR C 244 -15.96 2.58 -21.53
N LEU C 245 -15.10 1.66 -21.12
CA LEU C 245 -13.87 2.00 -20.42
C LEU C 245 -12.75 2.12 -21.45
N LEU C 246 -12.05 3.26 -21.44
CA LEU C 246 -10.91 3.50 -22.32
C LEU C 246 -9.62 3.54 -21.51
N MET C 247 -8.52 3.13 -22.15
CA MET C 247 -7.24 3.05 -21.46
C MET C 247 -6.13 3.55 -22.37
N GLY C 248 -5.44 4.61 -21.95
CA GLY C 248 -4.41 5.19 -22.80
C GLY C 248 -3.15 4.35 -22.93
N GLU C 249 -2.78 3.65 -21.88
CA GLU C 249 -1.48 3.01 -21.83
C GLU C 249 -1.46 1.68 -22.58
N ARG C 250 -0.25 1.20 -22.83
CA ARG C 250 -0.05 -0.11 -23.45
C ARG C 250 -0.75 -1.22 -22.67
N PRO C 251 -1.54 -2.06 -23.32
CA PRO C 251 -2.28 -3.09 -22.58
C PRO C 251 -1.44 -4.32 -22.22
N THR C 252 -0.94 -4.35 -21.00
CA THR C 252 -0.27 -5.53 -20.43
C THR C 252 -1.27 -6.34 -19.62
N PRO C 253 -0.91 -7.56 -19.22
CA PRO C 253 -1.78 -8.30 -18.28
C PRO C 253 -2.09 -7.54 -17.01
N ASP C 254 -1.09 -6.92 -16.37
CA ASP C 254 -1.38 -6.14 -15.15
C ASP C 254 -2.33 -5.00 -15.45
N ALA C 255 -2.13 -4.28 -16.55
CA ALA C 255 -3.00 -3.18 -16.87
C ALA C 255 -4.42 -3.66 -17.13
N VAL C 256 -4.56 -4.75 -17.89
CA VAL C 256 -5.89 -5.33 -18.14
C VAL C 256 -6.51 -5.82 -16.83
N PHE C 257 -5.78 -6.65 -16.07
CA PHE C 257 -6.32 -7.19 -14.83
C PHE C 257 -6.82 -6.07 -13.92
N LYS C 258 -6.02 -5.01 -13.78
CA LYS C 258 -6.43 -3.88 -12.96
C LYS C 258 -7.79 -3.33 -13.37
N ARG C 259 -8.04 -3.21 -14.68
CA ARG C 259 -9.34 -2.71 -15.14
C ARG C 259 -10.43 -3.74 -14.93
N TRP C 260 -10.13 -5.01 -15.22
CA TRP C 260 -11.10 -6.09 -14.99
C TRP C 260 -11.64 -6.04 -13.56
N LEU C 261 -10.74 -5.77 -12.61
CA LEU C 261 -11.03 -5.76 -11.17
C LEU C 261 -11.69 -4.49 -10.71
N GLY C 262 -11.94 -3.54 -11.59
CA GLY C 262 -12.64 -2.32 -11.23
C GLY C 262 -11.76 -1.21 -10.70
N GLY C 263 -10.47 -1.20 -11.03
CA GLY C 263 -9.57 -0.19 -10.52
C GLY C 263 -9.76 1.20 -11.11
N VAL C 264 -10.52 1.33 -12.20
CA VAL C 264 -10.69 2.60 -12.89
C VAL C 264 -12.17 2.90 -13.04
N GLY C 265 -12.56 4.15 -12.76
CA GLY C 265 -13.91 4.64 -13.00
C GLY C 265 -14.98 4.01 -12.15
N GLY C 266 -14.61 3.21 -11.16
CA GLY C 266 -15.62 2.47 -10.43
C GLY C 266 -16.41 1.46 -11.24
N VAL C 267 -15.89 1.00 -12.38
CA VAL C 267 -16.67 0.09 -13.22
C VAL C 267 -15.87 -1.19 -13.42
N LYS C 268 -16.59 -2.30 -13.50
CA LYS C 268 -16.01 -3.58 -13.88
C LYS C 268 -16.48 -3.93 -15.28
N PRO C 269 -15.57 -4.03 -16.25
CA PRO C 269 -15.96 -4.50 -17.59
C PRO C 269 -16.79 -5.79 -17.55
N THR C 270 -17.82 -5.85 -18.39
CA THR C 270 -18.56 -7.07 -18.66
C THR C 270 -18.21 -7.70 -20.01
N VAL C 271 -17.62 -6.93 -20.93
CA VAL C 271 -17.27 -7.43 -22.26
C VAL C 271 -15.82 -7.03 -22.50
N PHE C 272 -15.00 -7.99 -22.87
CA PHE C 272 -13.60 -7.73 -23.15
C PHE C 272 -13.27 -8.16 -24.57
N TYR C 273 -12.38 -7.41 -25.19
CA TYR C 273 -11.95 -7.68 -26.56
C TYR C 273 -10.43 -7.67 -26.61
N GLY C 274 -9.86 -8.63 -27.32
CA GLY C 274 -8.42 -8.64 -27.39
C GLY C 274 -7.94 -9.59 -28.46
N ALA C 275 -6.60 -9.67 -28.58
CA ALA C 275 -6.07 -10.61 -29.55
C ALA C 275 -5.68 -11.91 -28.87
N PRO C 276 -5.67 -13.03 -29.61
CA PRO C 276 -5.25 -14.31 -29.04
C PRO C 276 -3.91 -14.24 -28.32
N THR C 277 -2.95 -13.48 -28.85
CA THR C 277 -1.66 -13.32 -28.18
C THR C 277 -1.84 -12.73 -26.78
N GLY C 278 -2.71 -11.73 -26.66
CA GLY C 278 -2.97 -11.14 -25.35
C GLY C 278 -3.66 -12.11 -24.41
N TYR C 279 -4.57 -12.94 -24.93
CA TYR C 279 -5.21 -13.92 -24.06
C TYR C 279 -4.20 -14.94 -23.56
N ALA C 280 -3.28 -15.40 -24.43
CA ALA C 280 -2.25 -16.33 -23.99
C ALA C 280 -1.37 -15.70 -22.93
N GLY C 281 -0.94 -14.45 -23.14
CA GLY C 281 -0.14 -13.77 -22.14
C GLY C 281 -0.87 -13.66 -20.80
N MET C 282 -2.16 -13.33 -20.85
CA MET C 282 -2.92 -13.22 -19.60
C MET C 282 -3.07 -14.57 -18.91
N LEU C 283 -3.38 -15.63 -19.66
CA LEU C 283 -3.58 -16.95 -19.06
C LEU C 283 -2.32 -17.46 -18.35
N ALA C 284 -1.13 -17.01 -18.76
CA ALA C 284 0.12 -17.45 -18.15
C ALA C 284 0.53 -16.63 -16.93
N ALA C 285 -0.08 -15.47 -16.72
CA ALA C 285 0.39 -14.57 -15.68
C ALA C 285 0.09 -15.15 -14.29
N PRO C 286 1.03 -15.03 -13.35
CA PRO C 286 0.78 -15.53 -11.99
C PRO C 286 -0.38 -14.87 -11.30
N ASN C 287 -0.71 -13.63 -11.65
CA ASN C 287 -1.80 -12.90 -10.99
C ASN C 287 -3.08 -12.85 -11.83
N LEU C 288 -3.23 -13.76 -12.79
CA LEU C 288 -4.51 -14.00 -13.45
C LEU C 288 -5.64 -13.96 -12.42
N PRO C 289 -6.64 -13.09 -12.58
CA PRO C 289 -7.75 -13.06 -11.62
C PRO C 289 -8.55 -14.36 -11.66
N SER C 290 -9.18 -14.70 -10.54
CA SER C 290 -10.14 -15.81 -10.53
C SER C 290 -11.50 -15.29 -11.00
N ARG C 291 -12.37 -16.23 -11.40
CA ARG C 291 -13.61 -15.79 -12.02
C ARG C 291 -14.54 -15.09 -11.04
N ASP C 292 -14.44 -15.34 -9.74
CA ASP C 292 -15.27 -14.61 -8.80
C ASP C 292 -14.81 -13.16 -8.63
N GLN C 293 -13.65 -12.79 -9.13
CA GLN C 293 -13.14 -11.43 -9.02
C GLN C 293 -13.60 -10.52 -10.15
N VAL C 294 -14.13 -11.07 -11.25
CA VAL C 294 -14.39 -10.30 -12.45
C VAL C 294 -15.88 -10.33 -12.77
N ALA C 295 -16.32 -9.36 -13.60
CA ALA C 295 -17.70 -9.30 -14.04
C ALA C 295 -17.85 -9.70 -15.50
N LEU C 296 -16.83 -10.31 -16.09
CA LEU C 296 -16.86 -10.63 -17.51
C LEU C 296 -18.01 -11.58 -17.81
N ARG C 297 -18.81 -11.24 -18.84
CA ARG C 297 -19.79 -12.18 -19.36
C ARG C 297 -19.52 -12.56 -20.80
N LEU C 298 -18.56 -11.92 -21.46
CA LEU C 298 -18.35 -12.12 -22.89
C LEU C 298 -16.93 -11.72 -23.22
N ALA C 299 -16.20 -12.60 -23.89
CA ALA C 299 -14.83 -12.36 -24.27
C ALA C 299 -14.71 -12.57 -25.77
N SER C 300 -14.28 -11.53 -26.48
CA SER C 300 -14.18 -11.53 -27.93
C SER C 300 -12.71 -11.54 -28.32
N SER C 301 -12.39 -12.19 -29.46
CA SER C 301 -11.03 -12.24 -29.96
CA SER C 301 -11.03 -12.19 -29.95
C SER C 301 -11.03 -12.00 -31.46
N ALA C 302 -9.98 -11.34 -31.95
CA ALA C 302 -9.78 -11.07 -33.38
C ALA C 302 -8.31 -10.69 -33.59
N GLY C 303 -7.92 -10.66 -34.86
CA GLY C 303 -6.58 -10.21 -35.22
C GLY C 303 -5.73 -11.31 -35.85
N GLU C 304 -5.90 -12.52 -35.32
CA GLU C 304 -5.18 -13.73 -35.71
C GLU C 304 -6.04 -14.90 -35.25
N ALA C 305 -5.77 -16.07 -35.80
CA ALA C 305 -6.59 -17.24 -35.43
C ALA C 305 -6.43 -17.52 -33.94
N LEU C 306 -7.51 -17.84 -33.29
CA LEU C 306 -7.46 -18.22 -31.89
C LEU C 306 -7.13 -19.71 -31.81
N PRO C 307 -5.97 -20.07 -31.27
CA PRO C 307 -5.67 -21.51 -31.10
C PRO C 307 -6.67 -22.17 -30.14
N ALA C 308 -7.13 -23.36 -30.52
CA ALA C 308 -8.09 -24.09 -29.69
C ALA C 308 -7.65 -24.17 -28.23
N GLU C 309 -6.37 -24.45 -27.99
CA GLU C 309 -5.90 -24.64 -26.62
C GLU C 309 -6.01 -23.37 -25.80
N ILE C 310 -5.83 -22.19 -26.43
CA ILE C 310 -5.99 -20.94 -25.70
C ILE C 310 -7.45 -20.75 -25.27
N GLY C 311 -8.39 -21.04 -26.17
CA GLY C 311 -9.79 -20.92 -25.82
C GLY C 311 -10.22 -21.94 -24.77
N GLN C 312 -9.76 -23.19 -24.91
CA GLN C 312 -10.11 -24.21 -23.93
C GLN C 312 -9.60 -23.84 -22.55
N ARG C 313 -8.35 -23.37 -22.45
CA ARG C 313 -7.79 -23.00 -21.14
C ARG C 313 -8.53 -21.82 -20.52
N PHE C 314 -8.87 -20.82 -21.34
CA PHE C 314 -9.68 -19.70 -20.84
C PHE C 314 -11.02 -20.20 -20.31
N GLN C 315 -11.69 -21.04 -21.09
CA GLN C 315 -12.98 -21.57 -20.65
C GLN C 315 -12.83 -22.36 -19.35
N ARG C 316 -11.82 -23.22 -19.27
CA ARG C 316 -11.65 -24.00 -18.04
C ARG C 316 -11.42 -23.11 -16.83
N HIS C 317 -10.72 -21.98 -16.99
CA HIS C 317 -10.44 -21.13 -15.83
C HIS C 317 -11.62 -20.24 -15.48
N PHE C 318 -12.23 -19.60 -16.48
CA PHE C 318 -13.24 -18.57 -16.21
C PHE C 318 -14.66 -19.05 -16.38
N GLY C 319 -14.89 -20.25 -16.94
CA GLY C 319 -16.25 -20.64 -17.27
C GLY C 319 -16.85 -19.81 -18.39
N LEU C 320 -15.98 -19.20 -19.19
CA LEU C 320 -16.41 -18.32 -20.30
C LEU C 320 -15.61 -18.67 -21.56
N ASP C 321 -16.29 -18.87 -22.69
CA ASP C 321 -15.58 -19.06 -23.93
C ASP C 321 -14.96 -17.75 -24.40
N ILE C 322 -14.00 -17.88 -25.31
CA ILE C 322 -13.51 -16.76 -26.12
C ILE C 322 -14.22 -16.85 -27.46
N VAL C 323 -14.90 -15.78 -27.86
CA VAL C 323 -15.68 -15.80 -29.11
C VAL C 323 -14.80 -15.24 -30.21
N ASP C 324 -14.29 -16.12 -31.06
CA ASP C 324 -13.34 -15.77 -32.12
C ASP C 324 -14.09 -15.36 -33.37
N GLY C 325 -13.84 -14.14 -33.84
CA GLY C 325 -14.37 -13.68 -35.12
C GLY C 325 -13.29 -13.00 -35.95
N ILE C 326 -13.45 -13.05 -37.26
CA ILE C 326 -12.52 -12.40 -38.18
C ILE C 326 -13.23 -11.25 -38.88
N GLY C 327 -12.60 -10.08 -38.84
CA GLY C 327 -13.01 -8.95 -39.66
C GLY C 327 -11.79 -8.43 -40.40
N SER C 328 -11.92 -7.30 -41.09
CA SER C 328 -10.78 -6.67 -41.75
C SER C 328 -11.01 -5.16 -41.74
N THR C 329 -9.94 -4.41 -41.95
CA THR C 329 -10.11 -2.97 -42.09
C THR C 329 -11.11 -2.67 -43.21
N GLU C 330 -11.01 -3.41 -44.31
CA GLU C 330 -11.86 -3.17 -45.48
C GLU C 330 -13.32 -3.49 -45.20
N MET C 331 -13.60 -4.55 -44.43
CA MET C 331 -14.99 -4.88 -44.11
C MET C 331 -15.46 -4.23 -42.81
N LEU C 332 -14.55 -3.52 -42.13
CA LEU C 332 -14.84 -2.76 -40.88
C LEU C 332 -15.00 -3.66 -39.64
N ALA C 333 -15.86 -4.69 -39.69
CA ALA C 333 -16.02 -5.57 -38.54
C ALA C 333 -16.13 -7.01 -39.03
N ALA C 334 -16.49 -7.91 -38.11
CA ALA C 334 -16.45 -9.35 -38.40
C ALA C 334 -17.48 -9.76 -39.44
N PHE C 335 -17.08 -10.65 -40.33
CA PHE C 335 -17.97 -11.28 -41.28
C PHE C 335 -18.10 -12.80 -41.09
N LEU C 336 -17.17 -13.37 -40.33
CA LEU C 336 -17.18 -14.79 -39.91
C LEU C 336 -16.98 -14.80 -38.40
N SER C 337 -17.85 -15.46 -37.64
CA SER C 337 -17.65 -15.42 -36.20
C SER C 337 -18.32 -16.60 -35.52
N ASN C 338 -17.68 -17.10 -34.47
CA ASN C 338 -18.36 -17.90 -33.48
C ASN C 338 -19.44 -17.05 -32.79
N LEU C 339 -20.33 -17.73 -32.07
CA LEU C 339 -21.43 -17.11 -31.36
C LEU C 339 -21.20 -17.18 -29.86
N PRO C 340 -21.74 -16.22 -29.11
CA PRO C 340 -21.57 -16.25 -27.65
C PRO C 340 -21.91 -17.59 -27.02
N ASP C 341 -22.93 -18.30 -27.52
CA ASP C 341 -23.30 -19.58 -26.95
C ASP C 341 -23.09 -20.74 -27.93
N ARG C 342 -22.26 -20.54 -28.95
CA ARG C 342 -21.89 -21.64 -29.84
C ARG C 342 -20.49 -21.37 -30.37
N VAL C 343 -19.52 -22.03 -29.77
CA VAL C 343 -18.10 -21.85 -30.08
C VAL C 343 -17.57 -23.19 -30.56
N ARG C 344 -16.83 -23.18 -31.67
CA ARG C 344 -16.04 -24.34 -32.06
C ARG C 344 -14.58 -23.93 -32.16
N TYR C 345 -13.80 -24.30 -31.17
CA TYR C 345 -12.40 -23.88 -31.12
C TYR C 345 -11.63 -24.46 -32.31
N GLY C 346 -10.70 -23.67 -32.83
CA GLY C 346 -10.01 -24.03 -34.05
C GLY C 346 -10.73 -23.62 -35.31
N THR C 347 -11.86 -22.93 -35.20
CA THR C 347 -12.56 -22.36 -36.34
C THR C 347 -12.90 -20.91 -36.02
N THR C 348 -13.30 -20.22 -37.08
CA THR C 348 -13.75 -18.84 -36.98
C THR C 348 -15.28 -18.82 -36.97
N GLY C 349 -15.92 -19.99 -36.90
CA GLY C 349 -17.36 -20.01 -36.79
C GLY C 349 -18.07 -19.89 -38.12
N TRP C 350 -19.20 -19.20 -38.12
CA TRP C 350 -20.11 -19.20 -39.25
C TRP C 350 -20.31 -17.80 -39.81
N PRO C 351 -20.75 -17.68 -41.06
CA PRO C 351 -21.03 -16.36 -41.64
C PRO C 351 -21.92 -15.53 -40.72
N VAL C 352 -21.56 -14.25 -40.57
CA VAL C 352 -22.40 -13.32 -39.81
C VAL C 352 -23.63 -13.02 -40.66
N PRO C 353 -24.84 -13.27 -40.16
CA PRO C 353 -26.03 -12.95 -40.97
C PRO C 353 -25.93 -11.55 -41.54
N GLY C 354 -26.14 -11.44 -42.86
CA GLY C 354 -25.97 -10.20 -43.58
C GLY C 354 -24.74 -10.19 -44.46
N TYR C 355 -23.81 -11.12 -44.26
CA TYR C 355 -22.62 -11.23 -45.08
C TYR C 355 -22.68 -12.54 -45.85
N GLN C 356 -22.37 -12.48 -47.14
CA GLN C 356 -22.20 -13.66 -47.96
C GLN C 356 -20.72 -13.95 -48.10
N ILE C 357 -20.35 -15.23 -48.00
CA ILE C 357 -18.97 -15.68 -48.01
C ILE C 357 -18.76 -16.61 -49.20
N GLU C 358 -17.63 -16.43 -49.91
CA GLU C 358 -17.26 -17.33 -51.01
C GLU C 358 -15.81 -17.74 -50.88
N LEU C 359 -15.54 -19.03 -51.04
CA LEU C 359 -14.18 -19.54 -51.23
C LEU C 359 -13.98 -19.87 -52.69
N ARG C 360 -12.88 -19.40 -53.27
CA ARG C 360 -12.61 -19.63 -54.68
C ARG C 360 -11.27 -20.31 -54.86
N GLY C 361 -11.22 -21.29 -55.78
CA GLY C 361 -9.98 -21.96 -56.12
C GLY C 361 -9.18 -21.17 -57.15
N ASP C 362 -8.01 -21.71 -57.48
CA ASP C 362 -7.07 -20.99 -58.33
C ASP C 362 -7.67 -20.53 -59.66
N GLY C 363 -8.75 -21.17 -60.11
CA GLY C 363 -9.39 -20.80 -61.35
C GLY C 363 -10.71 -20.11 -61.18
N GLY C 364 -10.87 -19.40 -60.06
CA GLY C 364 -12.11 -18.69 -59.77
C GLY C 364 -13.30 -19.55 -59.43
N GLY C 365 -13.17 -20.88 -59.48
CA GLY C 365 -14.29 -21.77 -59.27
C GLY C 365 -14.43 -22.23 -57.82
N PRO C 366 -15.50 -22.98 -57.53
CA PRO C 366 -15.74 -23.41 -56.15
C PRO C 366 -14.67 -24.37 -55.65
N VAL C 367 -14.64 -24.54 -54.32
CA VAL C 367 -13.75 -25.50 -53.71
C VAL C 367 -14.60 -26.45 -52.86
N ALA C 368 -14.06 -27.64 -52.63
CA ALA C 368 -14.75 -28.68 -51.90
C ALA C 368 -14.56 -28.50 -50.40
N ASP C 369 -15.59 -28.84 -49.63
CA ASP C 369 -15.50 -28.74 -48.18
C ASP C 369 -14.27 -29.48 -47.69
N GLY C 370 -13.45 -28.79 -46.88
CA GLY C 370 -12.20 -29.34 -46.41
C GLY C 370 -10.99 -28.93 -47.22
N GLU C 371 -11.18 -28.36 -48.41
CA GLU C 371 -10.10 -27.83 -49.23
C GLU C 371 -10.01 -26.32 -49.10
N PRO C 372 -8.80 -25.76 -49.12
CA PRO C 372 -8.66 -24.31 -48.94
C PRO C 372 -9.01 -23.52 -50.19
N GLY C 373 -9.61 -22.35 -49.97
CA GLY C 373 -9.90 -21.42 -51.05
C GLY C 373 -9.65 -19.98 -50.63
N ASP C 374 -9.49 -19.11 -51.62
CA ASP C 374 -9.38 -17.68 -51.37
C ASP C 374 -10.73 -17.14 -50.88
N LEU C 375 -10.71 -16.41 -49.77
CA LEU C 375 -11.93 -15.89 -49.16
C LEU C 375 -12.33 -14.56 -49.79
N TYR C 376 -13.60 -14.46 -50.20
CA TYR C 376 -14.18 -13.20 -50.68
C TYR C 376 -15.45 -12.93 -49.88
N ILE C 377 -15.75 -11.66 -49.63
CA ILE C 377 -16.89 -11.28 -48.78
C ILE C 377 -17.79 -10.32 -49.53
N HIS C 378 -19.09 -10.57 -49.46
CA HIS C 378 -20.09 -9.63 -49.94
C HIS C 378 -20.96 -9.24 -48.76
N GLY C 379 -20.88 -7.97 -48.36
CA GLY C 379 -21.66 -7.49 -47.24
C GLY C 379 -21.76 -5.97 -47.24
N PRO C 380 -22.68 -5.43 -46.43
CA PRO C 380 -23.03 -4.01 -46.56
C PRO C 380 -22.05 -3.03 -45.93
N SER C 381 -21.02 -3.49 -45.22
CA SER C 381 -20.07 -2.58 -44.56
C SER C 381 -18.74 -2.43 -45.29
N SER C 382 -18.66 -2.91 -46.53
CA SER C 382 -17.39 -2.87 -47.25
C SER C 382 -16.97 -1.44 -47.57
N ALA C 383 -15.67 -1.18 -47.45
CA ALA C 383 -15.13 0.09 -47.88
C ALA C 383 -15.37 0.29 -49.38
N THR C 384 -15.39 1.55 -49.81
CA THR C 384 -15.65 1.86 -51.21
C THR C 384 -14.38 1.76 -52.07
N MET C 385 -13.21 1.99 -51.49
CA MET C 385 -12.02 2.19 -52.30
C MET C 385 -10.86 2.42 -51.37
N TYR C 386 -9.65 2.24 -51.90
CA TYR C 386 -8.44 2.80 -51.31
C TYR C 386 -8.22 4.17 -51.94
N TRP C 387 -8.23 5.22 -51.13
CA TRP C 387 -8.13 6.57 -51.66
C TRP C 387 -6.84 6.73 -52.46
N GLY C 388 -6.98 7.18 -53.70
CA GLY C 388 -5.83 7.46 -54.54
C GLY C 388 -5.03 6.27 -55.03
N ASN C 389 -5.55 5.03 -54.96
CA ASN C 389 -4.83 3.87 -55.50
C ASN C 389 -5.85 3.04 -56.28
N ARG C 390 -6.02 3.37 -57.56
CA ARG C 390 -7.04 2.73 -58.38
C ARG C 390 -6.69 1.27 -58.63
N ALA C 391 -5.42 0.98 -58.89
CA ALA C 391 -5.01 -0.39 -59.18
C ALA C 391 -5.30 -1.31 -58.00
N LYS C 392 -4.84 -0.96 -56.80
CA LYS C 392 -5.13 -1.83 -55.67
C LYS C 392 -6.62 -1.85 -55.36
N SER C 393 -7.33 -0.74 -55.58
CA SER C 393 -8.78 -0.73 -55.35
C SER C 393 -9.48 -1.72 -56.27
N ARG C 394 -9.04 -1.80 -57.54
CA ARG C 394 -9.69 -2.66 -58.50
C ARG C 394 -9.37 -4.12 -58.24
N ASP C 395 -8.21 -4.42 -57.66
CA ASP C 395 -7.85 -5.77 -57.28
C ASP C 395 -8.61 -6.28 -56.06
N THR C 396 -9.04 -5.38 -55.17
CA THR C 396 -9.68 -5.75 -53.90
C THR C 396 -11.20 -5.70 -53.97
N PHE C 397 -11.74 -4.61 -54.52
CA PHE C 397 -13.16 -4.34 -54.52
C PHE C 397 -13.67 -4.58 -55.94
N GLN C 398 -14.41 -5.66 -56.14
CA GLN C 398 -14.83 -6.11 -57.47
C GLN C 398 -16.33 -6.41 -57.43
N GLY C 399 -17.11 -5.49 -57.98
CA GLY C 399 -18.55 -5.64 -58.07
C GLY C 399 -19.27 -6.29 -56.90
N GLY C 400 -19.15 -5.67 -55.73
CA GLY C 400 -19.82 -6.16 -54.56
C GLY C 400 -19.06 -7.18 -53.72
N TRP C 401 -17.99 -7.75 -54.25
CA TRP C 401 -17.17 -8.70 -53.50
C TRP C 401 -15.86 -8.04 -53.07
N THR C 402 -15.42 -8.36 -51.86
CA THR C 402 -14.18 -7.84 -51.31
C THR C 402 -13.23 -9.00 -51.06
N LYS C 403 -12.04 -8.92 -51.66
CA LYS C 403 -11.02 -9.94 -51.53
C LYS C 403 -10.24 -9.74 -50.24
N SER C 404 -10.23 -10.75 -49.37
CA SER C 404 -9.63 -10.58 -48.06
C SER C 404 -8.12 -10.82 -48.05
N GLY C 405 -7.58 -11.56 -49.02
CA GLY C 405 -6.20 -11.99 -48.92
C GLY C 405 -5.98 -13.19 -48.03
N ASP C 406 -7.04 -13.79 -47.49
CA ASP C 406 -6.94 -15.02 -46.69
C ASP C 406 -7.35 -16.23 -47.50
N LYS C 407 -6.83 -17.38 -47.08
CA LYS C 407 -7.34 -18.67 -47.50
C LYS C 407 -8.09 -19.29 -46.32
N TYR C 408 -9.21 -19.93 -46.63
CA TYR C 408 -10.06 -20.55 -45.61
C TYR C 408 -10.54 -21.91 -46.09
N VAL C 409 -10.92 -22.73 -45.11
CA VAL C 409 -11.52 -24.04 -45.36
C VAL C 409 -12.89 -24.04 -44.73
N ARG C 410 -13.89 -24.56 -45.45
CA ARG C 410 -15.21 -24.76 -44.87
C ARG C 410 -15.34 -26.22 -44.42
N ASN C 411 -15.81 -26.40 -43.20
CA ASN C 411 -15.97 -27.71 -42.61
C ASN C 411 -17.39 -28.22 -42.81
N ASP C 412 -17.56 -29.51 -42.54
CA ASP C 412 -18.84 -30.17 -42.76
C ASP C 412 -19.98 -29.51 -42.01
N ASP C 413 -19.70 -28.87 -40.86
CA ASP C 413 -20.75 -28.24 -40.09
C ASP C 413 -20.98 -26.78 -40.49
N GLY C 414 -20.42 -26.35 -41.63
CA GLY C 414 -20.59 -24.98 -42.08
C GLY C 414 -19.68 -23.97 -41.42
N SER C 415 -18.86 -24.38 -40.46
CA SER C 415 -17.86 -23.51 -39.87
C SER C 415 -16.67 -23.32 -40.82
N TYR C 416 -15.82 -22.35 -40.50
CA TYR C 416 -14.72 -21.94 -41.38
C TYR C 416 -13.41 -21.94 -40.60
N THR C 417 -12.37 -22.55 -41.16
CA THR C 417 -11.06 -22.62 -40.51
C THR C 417 -10.02 -21.88 -41.35
N TYR C 418 -9.33 -20.94 -40.72
CA TYR C 418 -8.27 -20.17 -41.37
C TYR C 418 -7.19 -21.08 -41.93
N ALA C 419 -6.72 -20.75 -43.13
CA ALA C 419 -5.71 -21.60 -43.76
C ALA C 419 -4.59 -20.78 -44.39
N GLY C 420 -4.34 -19.57 -43.90
CA GLY C 420 -3.18 -18.81 -44.33
C GLY C 420 -3.57 -17.62 -45.18
N ARG C 421 -2.53 -16.97 -45.70
CA ARG C 421 -2.67 -15.78 -46.54
C ARG C 421 -2.30 -16.12 -47.98
N THR C 422 -2.73 -15.26 -48.90
CA THR C 422 -2.32 -15.33 -50.29
C THR C 422 -1.18 -14.36 -50.64
N ASP C 423 -0.68 -13.55 -49.71
CA ASP C 423 0.26 -12.47 -50.11
C ASP C 423 1.61 -12.36 -49.37
N ASP C 424 1.87 -13.19 -48.36
CA ASP C 424 3.12 -13.15 -47.60
C ASP C 424 3.04 -12.24 -46.37
N MET C 425 1.94 -11.52 -46.16
CA MET C 425 1.79 -10.76 -44.92
C MET C 425 1.73 -11.69 -43.72
N LEU C 426 2.18 -11.19 -42.57
CA LEU C 426 2.07 -11.89 -41.30
C LEU C 426 1.11 -11.13 -40.39
N LYS C 427 0.41 -11.88 -39.55
CA LYS C 427 -0.34 -11.32 -38.43
C LYS C 427 0.37 -11.81 -37.16
N VAL C 428 1.10 -10.90 -36.53
CA VAL C 428 1.83 -11.17 -35.30
C VAL C 428 1.18 -10.35 -34.19
N SER C 429 0.89 -10.99 -33.06
CA SER C 429 0.11 -10.36 -32.00
C SER C 429 -1.20 -9.80 -32.51
N GLY C 430 -1.72 -10.33 -33.61
CA GLY C 430 -2.95 -9.82 -34.19
C GLY C 430 -2.81 -8.60 -35.08
N ILE C 431 -1.58 -8.19 -35.45
CA ILE C 431 -1.36 -6.97 -36.21
C ILE C 431 -0.52 -7.30 -37.45
N TYR C 432 -0.86 -6.67 -38.57
CA TYR C 432 -0.10 -6.86 -39.81
C TYR C 432 1.37 -6.51 -39.60
N VAL C 433 2.25 -7.32 -40.19
CA VAL C 433 3.66 -6.96 -40.39
C VAL C 433 4.12 -7.60 -41.68
N SER C 434 4.81 -6.82 -42.50
CA SER C 434 5.40 -7.36 -43.72
C SER C 434 6.76 -7.99 -43.42
N PRO C 435 6.97 -9.24 -43.81
CA PRO C 435 8.34 -9.80 -43.71
C PRO C 435 9.34 -9.03 -44.56
N PHE C 436 8.89 -8.41 -45.66
CA PHE C 436 9.82 -7.66 -46.50
C PHE C 436 10.34 -6.40 -45.81
N GLU C 437 9.53 -5.76 -44.98
CA GLU C 437 10.02 -4.64 -44.18
C GLU C 437 11.14 -5.09 -43.24
N ILE C 438 10.91 -6.20 -42.51
CA ILE C 438 11.92 -6.71 -41.58
C ILE C 438 13.20 -7.06 -42.31
N GLU C 439 13.07 -7.72 -43.47
CA GLU C 439 14.27 -8.06 -44.25
C GLU C 439 15.03 -6.82 -44.65
N ALA C 440 14.34 -5.79 -45.14
CA ALA C 440 15.04 -4.58 -45.59
C ALA C 440 15.75 -3.89 -44.43
N THR C 441 15.19 -3.95 -43.22
CA THR C 441 15.89 -3.42 -42.06
C THR C 441 17.17 -4.21 -41.76
N LEU C 442 17.10 -5.55 -41.80
CA LEU C 442 18.24 -6.37 -41.41
C LEU C 442 19.41 -6.18 -42.36
N VAL C 443 19.17 -6.14 -43.67
CA VAL C 443 20.27 -6.04 -44.62
CA VAL C 443 20.24 -6.03 -44.65
C VAL C 443 20.97 -4.70 -44.56
N GLN C 444 20.37 -3.70 -43.93
CA GLN C 444 21.07 -2.43 -43.73
C GLN C 444 22.13 -2.51 -42.64
N HIS C 445 22.16 -3.58 -41.85
CA HIS C 445 23.28 -3.80 -40.94
C HIS C 445 24.53 -4.15 -41.74
N PRO C 446 25.67 -3.52 -41.46
CA PRO C 446 26.88 -3.80 -42.25
C PRO C 446 27.37 -5.22 -42.16
N GLY C 447 26.99 -5.98 -41.13
CA GLY C 447 27.41 -7.36 -41.04
C GLY C 447 26.53 -8.35 -41.77
N VAL C 448 25.37 -7.90 -42.27
CA VAL C 448 24.38 -8.76 -42.90
C VAL C 448 24.50 -8.64 -44.41
N LEU C 449 24.58 -9.79 -45.08
CA LEU C 449 24.64 -9.86 -46.52
C LEU C 449 23.26 -10.09 -47.14
N GLU C 450 22.52 -11.07 -46.60
CA GLU C 450 21.18 -11.40 -47.07
C GLU C 450 20.33 -11.74 -45.85
N ALA C 451 19.02 -11.55 -46.00
CA ALA C 451 18.08 -11.89 -44.95
C ALA C 451 16.73 -12.26 -45.55
N ALA C 452 16.12 -13.29 -44.98
CA ALA C 452 14.76 -13.71 -45.31
C ALA C 452 14.01 -13.90 -44.00
N VAL C 453 12.80 -13.34 -43.92
CA VAL C 453 11.97 -13.43 -42.74
C VAL C 453 10.69 -14.18 -43.10
N VAL C 454 10.25 -15.07 -42.21
CA VAL C 454 9.05 -15.86 -42.40
C VAL C 454 8.31 -15.95 -41.07
N GLY C 455 7.06 -16.41 -41.13
CA GLY C 455 6.27 -16.62 -39.93
C GLY C 455 6.41 -18.05 -39.43
N VAL C 456 6.55 -18.19 -38.11
CA VAL C 456 6.70 -19.49 -37.46
C VAL C 456 5.78 -19.52 -36.24
N ALA C 457 5.12 -20.67 -36.03
CA ALA C 457 4.30 -20.86 -34.84
C ALA C 457 5.17 -21.01 -33.59
N ASP C 458 4.72 -20.44 -32.49
CA ASP C 458 5.42 -20.54 -31.21
C ASP C 458 4.89 -21.74 -30.44
N GLU C 459 5.09 -21.77 -29.13
CA GLU C 459 4.58 -22.91 -28.37
C GLU C 459 3.06 -23.02 -28.47
N HIS C 460 2.37 -21.89 -28.45
CA HIS C 460 0.91 -21.88 -28.45
C HIS C 460 0.29 -22.02 -29.83
N GLY C 461 1.07 -22.01 -30.90
CA GLY C 461 0.50 -21.97 -32.23
C GLY C 461 0.22 -20.58 -32.76
N LEU C 462 0.86 -19.57 -32.22
CA LEU C 462 0.72 -18.20 -32.70
C LEU C 462 1.91 -17.82 -33.57
N THR C 463 1.65 -17.08 -34.64
CA THR C 463 2.70 -16.76 -35.61
C THR C 463 3.59 -15.63 -35.09
N LYS C 464 4.90 -15.83 -35.18
CA LYS C 464 5.90 -14.81 -34.90
C LYS C 464 6.90 -14.77 -36.05
N PRO C 465 7.56 -13.64 -36.27
CA PRO C 465 8.59 -13.60 -37.31
C PRO C 465 9.80 -14.42 -36.90
N LYS C 466 10.47 -14.97 -37.90
CA LYS C 466 11.74 -15.65 -37.71
C LYS C 466 12.64 -15.25 -38.86
N ALA C 467 13.87 -14.85 -38.55
CA ALA C 467 14.80 -14.35 -39.55
C ALA C 467 15.86 -15.38 -39.86
N TYR C 468 16.14 -15.55 -41.14
CA TYR C 468 17.30 -16.29 -41.60
C TYR C 468 18.26 -15.29 -42.22
N VAL C 469 19.51 -15.30 -41.74
CA VAL C 469 20.48 -14.25 -42.05
C VAL C 469 21.77 -14.88 -42.56
N VAL C 470 22.25 -14.42 -43.71
CA VAL C 470 23.59 -14.74 -44.19
C VAL C 470 24.53 -13.63 -43.73
N PRO C 471 25.49 -13.89 -42.85
CA PRO C 471 26.41 -12.85 -42.43
C PRO C 471 27.40 -12.52 -43.54
N ARG C 472 27.97 -11.31 -43.47
CA ARG C 472 29.01 -10.97 -44.43
C ARG C 472 30.36 -11.49 -43.94
N PRO C 473 31.06 -12.26 -44.76
CA PRO C 473 32.37 -12.80 -44.36
C PRO C 473 33.35 -11.70 -43.97
N GLY C 474 34.05 -11.87 -42.85
CA GLY C 474 35.02 -10.89 -42.40
C GLY C 474 34.51 -9.91 -41.37
N GLN C 475 33.21 -9.91 -41.08
CA GLN C 475 32.65 -9.12 -39.99
C GLN C 475 32.26 -10.02 -38.84
N THR C 476 32.35 -9.47 -37.63
CA THR C 476 31.86 -10.14 -36.43
C THR C 476 30.39 -9.75 -36.23
N LEU C 477 29.53 -10.76 -36.12
CA LEU C 477 28.10 -10.54 -35.99
C LEU C 477 27.53 -11.52 -34.98
N SER C 478 26.91 -10.99 -33.94
CA SER C 478 26.28 -11.76 -32.86
C SER C 478 24.76 -11.71 -32.98
N GLU C 479 24.10 -12.58 -32.21
CA GLU C 479 22.66 -12.40 -32.03
C GLU C 479 22.37 -11.11 -31.29
N THR C 480 23.20 -10.77 -30.30
CA THR C 480 22.96 -9.57 -29.50
C THR C 480 23.15 -8.31 -30.33
N GLU C 481 24.27 -8.23 -31.07
CA GLU C 481 24.52 -7.06 -31.92
C GLU C 481 23.33 -6.79 -32.84
N LEU C 482 22.79 -7.86 -33.44
CA LEU C 482 21.64 -7.70 -34.33
C LEU C 482 20.40 -7.27 -33.55
N LYS C 483 20.20 -7.84 -32.35
CA LYS C 483 19.06 -7.46 -31.52
C LYS C 483 19.15 -6.00 -31.11
N THR C 484 20.35 -5.54 -30.73
CA THR C 484 20.54 -4.12 -30.45
C THR C 484 20.21 -3.27 -31.67
N PHE C 485 20.68 -3.70 -32.84
CA PHE C 485 20.51 -2.91 -34.05
C PHE C 485 19.03 -2.63 -34.35
N ILE C 486 18.15 -3.63 -34.19
CA ILE C 486 16.75 -3.46 -34.57
C ILE C 486 15.88 -2.86 -33.47
N LYS C 487 16.40 -2.74 -32.24
CA LYS C 487 15.59 -2.31 -31.10
C LYS C 487 14.83 -1.02 -31.40
N ASP C 488 15.54 0.01 -31.85
CA ASP C 488 14.91 1.31 -32.11
C ASP C 488 14.55 1.50 -33.58
N ARG C 489 14.65 0.44 -34.39
CA ARG C 489 14.29 0.53 -35.80
C ARG C 489 12.97 -0.14 -36.12
N LEU C 490 12.47 -1.04 -35.26
CA LEU C 490 11.20 -1.71 -35.47
C LEU C 490 10.40 -1.71 -34.17
N ALA C 491 9.07 -1.67 -34.29
CA ALA C 491 8.22 -1.89 -33.14
C ALA C 491 8.55 -3.25 -32.51
N PRO C 492 8.42 -3.38 -31.18
CA PRO C 492 8.72 -4.66 -30.53
C PRO C 492 8.00 -5.87 -31.16
N TYR C 493 6.72 -5.74 -31.52
CA TYR C 493 5.99 -6.90 -32.04
C TYR C 493 6.60 -7.43 -33.34
N LYS C 494 7.41 -6.63 -34.04
CA LYS C 494 8.05 -7.09 -35.26
C LYS C 494 9.38 -7.82 -35.00
N TYR C 495 9.87 -7.81 -33.76
CA TYR C 495 11.16 -8.44 -33.46
C TYR C 495 11.11 -9.93 -33.83
N PRO C 496 12.04 -10.44 -34.62
CA PRO C 496 12.05 -11.88 -34.89
C PRO C 496 12.21 -12.67 -33.61
N ARG C 497 11.28 -13.60 -33.37
CA ARG C 497 11.34 -14.47 -32.20
C ARG C 497 12.74 -15.03 -32.00
N SER C 498 13.35 -15.50 -33.09
CA SER C 498 14.75 -15.86 -33.08
C SER C 498 15.38 -15.42 -34.39
N THR C 499 16.71 -15.47 -34.45
CA THR C 499 17.46 -15.19 -35.66
C THR C 499 18.44 -16.34 -35.90
N VAL C 500 18.34 -16.96 -37.06
CA VAL C 500 19.16 -18.10 -37.42
C VAL C 500 20.18 -17.65 -38.45
N PHE C 501 21.46 -17.84 -38.15
CA PHE C 501 22.52 -17.47 -39.07
C PHE C 501 22.86 -18.68 -39.94
N VAL C 502 22.84 -18.47 -41.25
CA VAL C 502 23.06 -19.53 -42.22
C VAL C 502 24.15 -19.07 -43.18
N ALA C 503 24.73 -20.03 -43.89
CA ALA C 503 25.78 -19.71 -44.86
C ALA C 503 25.22 -19.36 -46.23
N GLU C 504 23.94 -19.63 -46.48
CA GLU C 504 23.36 -19.38 -47.78
C GLU C 504 21.84 -19.57 -47.69
N LEU C 505 21.11 -18.84 -48.54
CA LEU C 505 19.67 -18.98 -48.48
C LEU C 505 19.17 -19.90 -49.59
N PRO C 506 18.18 -20.74 -49.32
CA PRO C 506 17.59 -21.58 -50.38
C PRO C 506 16.96 -20.72 -51.47
N LYS C 507 17.46 -20.86 -52.69
CA LYS C 507 17.01 -20.04 -53.80
C LYS C 507 16.68 -20.92 -55.00
N THR C 508 15.77 -20.42 -55.84
CA THR C 508 15.54 -21.05 -57.13
C THR C 508 16.77 -20.84 -58.01
N ALA C 509 16.69 -21.31 -59.25
CA ALA C 509 17.74 -21.05 -60.20
C ALA C 509 17.74 -19.61 -60.69
N THR C 510 16.73 -18.82 -60.31
CA THR C 510 16.69 -17.41 -60.67
C THR C 510 17.03 -16.47 -59.52
N GLY C 511 17.44 -17.01 -58.36
CA GLY C 511 17.78 -16.18 -57.23
C GLY C 511 16.62 -15.80 -56.32
N LYS C 512 15.42 -16.31 -56.59
CA LYS C 512 14.25 -16.03 -55.76
C LYS C 512 14.32 -16.88 -54.50
N ILE C 513 14.31 -16.23 -53.34
CA ILE C 513 14.34 -16.96 -52.09
C ILE C 513 13.14 -17.90 -52.03
N GLN C 514 13.41 -19.16 -51.68
CA GLN C 514 12.35 -20.15 -51.49
C GLN C 514 11.91 -20.09 -50.03
N ARG C 515 10.98 -19.17 -49.77
CA ARG C 515 10.58 -18.91 -48.39
C ARG C 515 9.86 -20.12 -47.78
N PHE C 516 9.20 -20.92 -48.63
CA PHE C 516 8.46 -22.12 -48.15
C PHE C 516 9.44 -23.06 -47.43
N LYS C 517 10.64 -23.26 -48.01
CA LYS C 517 11.66 -24.14 -47.38
C LYS C 517 11.96 -23.64 -45.97
N LEU C 518 12.17 -22.33 -45.81
CA LEU C 518 12.44 -21.74 -44.50
C LEU C 518 11.36 -22.09 -43.49
N ARG C 519 10.09 -21.97 -43.88
CA ARG C 519 8.99 -22.36 -42.99
C ARG C 519 9.00 -23.88 -42.75
N GLU C 520 9.22 -24.67 -43.81
CA GLU C 520 9.30 -26.12 -43.65
C GLU C 520 10.48 -26.54 -42.78
N GLY C 521 11.32 -25.58 -42.37
CA GLY C 521 12.42 -25.80 -41.41
C GLY C 521 13.62 -26.57 -41.91
N VAL C 522 13.89 -26.60 -43.22
CA VAL C 522 15.07 -27.25 -43.77
C VAL C 522 16.38 -26.72 -43.15
N LEU C 523 16.31 -25.56 -42.52
CA LEU C 523 17.49 -24.93 -41.93
C LEU C 523 17.25 -24.41 -40.52
N VAL D 6 -15.22 2.42 3.90
CA VAL D 6 -15.35 1.19 4.68
C VAL D 6 -15.91 0.03 3.84
N THR D 7 -15.17 -1.07 3.75
CA THR D 7 -15.63 -2.20 2.94
C THR D 7 -16.77 -2.97 3.59
N PRO D 8 -17.80 -3.28 2.83
CA PRO D 8 -18.94 -4.03 3.38
C PRO D 8 -18.51 -5.42 3.83
N PRO D 9 -19.14 -5.98 4.85
CA PRO D 9 -18.77 -7.32 5.28
C PRO D 9 -19.11 -8.34 4.21
N PRO D 10 -18.39 -9.45 4.16
CA PRO D 10 -18.67 -10.49 3.16
C PRO D 10 -20.03 -11.12 3.41
N GLU D 11 -20.64 -11.73 2.39
CA GLU D 11 -21.96 -12.35 2.56
C GLU D 11 -21.89 -13.51 3.55
N LYS D 12 -20.82 -14.29 3.54
CA LYS D 12 -20.56 -15.27 4.59
C LYS D 12 -19.77 -14.58 5.70
N PHE D 13 -20.38 -14.44 6.88
CA PHE D 13 -19.80 -13.59 7.91
C PHE D 13 -20.35 -14.03 9.26
N ASN D 14 -19.45 -14.27 10.21
CA ASN D 14 -19.79 -14.51 11.60
C ASN D 14 -19.09 -13.44 12.43
N PHE D 15 -19.87 -12.63 13.14
CA PHE D 15 -19.28 -11.44 13.77
C PHE D 15 -18.28 -11.83 14.87
N ALA D 16 -18.57 -12.91 15.62
CA ALA D 16 -17.65 -13.35 16.66
C ALA D 16 -16.32 -13.81 16.06
N GLU D 17 -16.39 -14.63 15.02
CA GLU D 17 -15.17 -15.05 14.34
C GLU D 17 -14.41 -13.83 13.82
N HIS D 18 -15.13 -12.84 13.29
CA HIS D 18 -14.48 -11.62 12.84
C HIS D 18 -13.68 -10.96 13.98
N LEU D 19 -14.29 -10.83 15.15
CA LEU D 19 -13.60 -10.14 16.25
C LEU D 19 -12.42 -10.95 16.75
N LEU D 20 -12.56 -12.28 16.80
CA LEU D 20 -11.44 -13.12 17.20
C LEU D 20 -10.29 -12.99 16.21
N GLN D 21 -10.60 -13.05 14.91
CA GLN D 21 -9.58 -13.02 13.88
C GLN D 21 -8.82 -11.70 13.90
N THR D 22 -9.54 -10.58 14.00
CA THR D 22 -8.91 -9.27 14.13
C THR D 22 -7.78 -9.25 15.15
N ASN D 23 -7.91 -10.00 16.22
CA ASN D 23 -6.99 -9.89 17.35
C ASN D 23 -6.02 -11.07 17.45
N ARG D 24 -5.94 -11.91 16.41
CA ARG D 24 -4.93 -12.96 16.46
C ARG D 24 -3.51 -12.40 16.34
N VAL D 25 -3.35 -11.13 15.93
CA VAL D 25 -2.06 -10.47 15.95
C VAL D 25 -1.62 -10.02 17.34
N ARG D 26 -2.49 -10.07 18.35
CA ARG D 26 -2.13 -9.58 19.69
C ARG D 26 -2.62 -10.57 20.76
N PRO D 27 -2.18 -11.82 20.70
CA PRO D 27 -2.72 -12.85 21.61
C PRO D 27 -2.51 -12.55 23.09
N ASP D 28 -1.41 -11.91 23.48
CA ASP D 28 -1.07 -11.77 24.89
C ASP D 28 -1.49 -10.43 25.48
N LYS D 29 -2.03 -9.52 24.68
CA LYS D 29 -2.55 -8.27 25.21
C LYS D 29 -3.85 -8.51 25.97
N THR D 30 -4.06 -7.75 27.05
CA THR D 30 -5.28 -7.93 27.82
C THR D 30 -6.47 -7.45 27.01
N ALA D 31 -7.47 -8.32 26.87
CA ALA D 31 -8.71 -8.00 26.18
C ALA D 31 -9.72 -7.36 27.13
N PHE D 32 -9.92 -7.97 28.29
CA PHE D 32 -10.88 -7.52 29.28
C PHE D 32 -10.30 -7.76 30.66
N VAL D 33 -10.55 -6.84 31.58
CA VAL D 33 -10.16 -7.00 32.97
C VAL D 33 -11.27 -6.41 33.83
N ASP D 34 -11.56 -7.08 34.94
CA ASP D 34 -12.54 -6.59 35.91
C ASP D 34 -11.88 -6.74 37.26
N ASP D 35 -12.67 -6.64 38.33
CA ASP D 35 -12.09 -6.59 39.65
C ASP D 35 -11.37 -7.87 40.05
N ILE D 36 -11.70 -9.01 39.45
CA ILE D 36 -11.14 -10.25 39.97
C ILE D 36 -10.51 -11.10 38.87
N SER D 37 -10.41 -10.57 37.65
CA SER D 37 -9.94 -11.46 36.59
C SER D 37 -9.57 -10.64 35.35
N SER D 38 -8.77 -11.26 34.47
CA SER D 38 -8.46 -10.66 33.19
C SER D 38 -8.39 -11.77 32.15
N LEU D 39 -8.70 -11.41 30.91
CA LEU D 39 -8.55 -12.31 29.79
C LEU D 39 -7.70 -11.62 28.75
N SER D 40 -6.61 -12.26 28.34
CA SER D 40 -5.92 -11.88 27.12
C SER D 40 -6.79 -12.21 25.91
N PHE D 41 -6.44 -11.63 24.76
CA PHE D 41 -7.22 -11.97 23.57
C PHE D 41 -7.18 -13.45 23.26
N ALA D 42 -6.04 -14.13 23.50
CA ALA D 42 -5.98 -15.56 23.26
C ALA D 42 -6.84 -16.33 24.26
N GLN D 43 -6.83 -15.92 25.53
CA GLN D 43 -7.69 -16.57 26.51
C GLN D 43 -9.17 -16.31 26.22
N LEU D 44 -9.50 -15.08 25.82
CA LEU D 44 -10.87 -14.80 25.39
C LEU D 44 -11.27 -15.72 24.25
N GLU D 45 -10.40 -15.89 23.25
CA GLU D 45 -10.76 -16.71 22.09
C GLU D 45 -10.99 -18.16 22.49
N ALA D 46 -10.11 -18.71 23.31
CA ALA D 46 -10.28 -20.10 23.76
C ALA D 46 -11.61 -20.28 24.48
N GLN D 47 -11.90 -19.41 25.44
CA GLN D 47 -13.12 -19.58 26.22
C GLN D 47 -14.36 -19.37 25.36
N THR D 48 -14.34 -18.34 24.50
CA THR D 48 -15.43 -18.14 23.56
C THR D 48 -15.74 -19.43 22.81
N ARG D 49 -14.70 -20.06 22.24
CA ARG D 49 -14.95 -21.22 21.38
C ARG D 49 -15.31 -22.46 22.17
N GLN D 50 -14.82 -22.54 23.42
CA GLN D 50 -15.23 -23.61 24.32
C GLN D 50 -16.70 -23.45 24.73
N LEU D 51 -17.11 -22.23 25.13
CA LEU D 51 -18.52 -22.02 25.46
C LEU D 51 -19.41 -22.35 24.28
N ALA D 52 -19.01 -21.91 23.08
CA ALA D 52 -19.73 -22.25 21.87
C ALA D 52 -19.95 -23.75 21.78
N ALA D 53 -18.87 -24.53 21.94
CA ALA D 53 -19.03 -25.99 21.91
C ALA D 53 -19.91 -26.49 23.05
N ALA D 54 -19.77 -25.89 24.24
CA ALA D 54 -20.61 -26.29 25.37
C ALA D 54 -22.09 -26.08 25.08
N LEU D 55 -22.47 -24.93 24.50
CA LEU D 55 -23.88 -24.70 24.21
C LEU D 55 -24.40 -25.68 23.17
N ARG D 56 -23.58 -25.99 22.17
CA ARG D 56 -23.96 -27.01 21.19
C ARG D 56 -24.19 -28.35 21.86
N ALA D 57 -23.33 -28.72 22.82
CA ALA D 57 -23.39 -30.04 23.45
C ALA D 57 -24.64 -30.24 24.29
N ILE D 58 -25.26 -29.16 24.80
CA ILE D 58 -26.48 -29.33 25.58
C ILE D 58 -27.72 -29.25 24.70
N GLY D 59 -27.56 -29.15 23.38
CA GLY D 59 -28.67 -29.23 22.47
C GLY D 59 -29.11 -27.90 21.86
N VAL D 60 -28.45 -26.79 22.15
CA VAL D 60 -28.91 -25.51 21.64
C VAL D 60 -28.47 -25.38 20.18
N LYS D 61 -29.42 -25.10 19.29
CA LYS D 61 -29.17 -25.16 17.86
C LYS D 61 -29.02 -23.78 17.24
N ARG D 62 -28.44 -23.75 16.04
CA ARG D 62 -28.32 -22.51 15.29
C ARG D 62 -29.67 -21.80 15.26
N GLU D 63 -29.63 -20.49 15.51
CA GLU D 63 -30.75 -19.55 15.43
C GLU D 63 -31.67 -19.58 16.66
N GLU D 64 -31.53 -20.56 17.56
CA GLU D 64 -32.25 -20.54 18.82
C GLU D 64 -31.66 -19.46 19.73
N ARG D 65 -32.47 -18.97 20.68
CA ARG D 65 -32.04 -17.91 21.58
C ARG D 65 -31.57 -18.49 22.93
N VAL D 66 -30.61 -17.82 23.53
CA VAL D 66 -30.27 -18.00 24.94
C VAL D 66 -30.36 -16.63 25.61
N LEU D 67 -30.79 -16.60 26.87
CA LEU D 67 -30.94 -15.35 27.59
C LEU D 67 -29.63 -15.05 28.30
N LEU D 68 -29.09 -13.85 28.10
CA LEU D 68 -27.83 -13.41 28.71
C LEU D 68 -28.15 -12.35 29.77
N LEU D 69 -28.19 -12.76 31.04
CA LEU D 69 -28.55 -11.91 32.17
C LEU D 69 -27.37 -11.83 33.12
N MET D 70 -26.44 -10.91 32.87
CA MET D 70 -25.15 -10.94 33.54
C MET D 70 -24.63 -9.54 33.82
N LEU D 71 -24.11 -9.33 35.04
CA LEU D 71 -23.37 -8.13 35.37
C LEU D 71 -22.14 -8.02 34.48
N ASP D 72 -21.67 -6.77 34.28
CA ASP D 72 -20.46 -6.54 33.51
C ASP D 72 -19.29 -7.29 34.16
N GLY D 73 -18.54 -8.03 33.37
CA GLY D 73 -17.41 -8.81 33.86
C GLY D 73 -16.83 -9.63 32.72
N THR D 74 -15.68 -10.25 32.98
CA THR D 74 -15.00 -10.95 31.89
C THR D 74 -15.81 -12.12 31.33
N ASP D 75 -16.74 -12.69 32.10
CA ASP D 75 -17.58 -13.77 31.55
C ASP D 75 -18.57 -13.23 30.50
N TRP D 76 -18.94 -11.96 30.63
CA TRP D 76 -19.95 -11.33 29.73
C TRP D 76 -19.56 -11.49 28.25
N PRO D 77 -18.39 -10.98 27.85
CA PRO D 77 -18.03 -11.14 26.43
C PRO D 77 -17.87 -12.59 26.01
N VAL D 78 -17.42 -13.48 26.91
CA VAL D 78 -17.35 -14.90 26.59
C VAL D 78 -18.76 -15.42 26.26
N ALA D 79 -19.73 -15.12 27.13
CA ALA D 79 -21.09 -15.55 26.89
C ALA D 79 -21.60 -15.01 25.56
N PHE D 80 -21.49 -13.70 25.39
CA PHE D 80 -21.96 -13.04 24.19
C PHE D 80 -21.34 -13.59 22.91
N LEU D 81 -20.02 -13.59 22.85
CA LEU D 81 -19.32 -14.03 21.64
C LEU D 81 -19.42 -15.54 21.44
N GLY D 82 -19.38 -16.31 22.53
CA GLY D 82 -19.46 -17.76 22.39
C GLY D 82 -20.75 -18.22 21.75
N ALA D 83 -21.89 -17.64 22.18
CA ALA D 83 -23.16 -17.97 21.54
C ALA D 83 -23.13 -17.59 20.06
N ILE D 84 -22.67 -16.37 19.77
CA ILE D 84 -22.64 -15.90 18.38
C ILE D 84 -21.73 -16.78 17.53
N TYR D 85 -20.57 -17.17 18.08
CA TYR D 85 -19.67 -18.05 17.34
C TYR D 85 -20.39 -19.33 16.90
N ALA D 86 -21.25 -19.87 17.77
CA ALA D 86 -22.03 -21.06 17.50
C ALA D 86 -23.24 -20.82 16.61
N GLY D 87 -23.48 -19.58 16.17
CA GLY D 87 -24.72 -19.30 15.49
C GLY D 87 -25.94 -19.31 16.40
N ILE D 88 -25.73 -19.15 17.71
CA ILE D 88 -26.80 -19.07 18.70
C ILE D 88 -27.01 -17.60 19.06
N VAL D 89 -28.26 -17.18 19.21
CA VAL D 89 -28.62 -15.77 19.31
C VAL D 89 -28.71 -15.41 20.79
N PRO D 90 -27.72 -14.70 21.36
CA PRO D 90 -27.86 -14.25 22.74
C PRO D 90 -28.84 -13.08 22.81
N VAL D 91 -29.66 -13.09 23.84
CA VAL D 91 -30.57 -11.99 24.13
C VAL D 91 -30.04 -11.33 25.39
N ALA D 92 -29.39 -10.18 25.24
CA ALA D 92 -28.65 -9.51 26.32
C ALA D 92 -29.57 -8.49 26.99
N VAL D 93 -29.80 -8.66 28.29
CA VAL D 93 -30.86 -7.91 28.94
C VAL D 93 -30.38 -7.17 30.18
N ASN D 94 -31.12 -6.09 30.47
CA ASN D 94 -30.95 -5.26 31.65
C ASN D 94 -30.94 -6.12 32.91
N THR D 95 -29.99 -5.87 33.80
CA THR D 95 -29.86 -6.68 35.04
C THR D 95 -30.63 -6.06 36.22
N LEU D 96 -31.44 -5.02 35.99
CA LEU D 96 -32.15 -4.35 37.07
CA LEU D 96 -32.16 -4.40 37.10
C LEU D 96 -33.67 -4.49 36.94
N LEU D 97 -34.15 -5.55 36.29
CA LEU D 97 -35.59 -5.73 36.10
C LEU D 97 -36.18 -6.68 37.14
N THR D 98 -37.50 -6.82 37.11
CA THR D 98 -38.21 -7.70 38.03
C THR D 98 -38.40 -9.09 37.44
N ALA D 99 -38.86 -10.02 38.30
CA ALA D 99 -39.13 -11.39 37.87
C ALA D 99 -40.17 -11.44 36.77
N ASP D 100 -41.20 -10.60 36.85
CA ASP D 100 -42.22 -10.56 35.81
C ASP D 100 -41.65 -10.14 34.47
N ASP D 101 -40.81 -9.10 34.46
CA ASP D 101 -40.10 -8.68 33.24
C ASP D 101 -39.38 -9.87 32.60
N TYR D 102 -38.56 -10.57 33.38
CA TYR D 102 -37.78 -11.67 32.83
C TYR D 102 -38.66 -12.85 32.43
N ALA D 103 -39.74 -13.08 33.19
CA ALA D 103 -40.70 -14.10 32.80
C ALA D 103 -41.18 -13.87 31.38
N TYR D 104 -41.58 -12.62 31.08
CA TYR D 104 -42.02 -12.30 29.72
C TYR D 104 -40.91 -12.56 28.72
N MET D 105 -39.70 -12.06 29.02
CA MET D 105 -38.58 -12.21 28.07
C MET D 105 -38.28 -13.67 27.81
N LEU D 106 -38.35 -14.52 28.84
CA LEU D 106 -38.10 -15.94 28.63
C LEU D 106 -39.11 -16.55 27.67
N GLU D 107 -40.39 -16.22 27.83
CA GLU D 107 -41.42 -16.76 26.93
C GLU D 107 -41.31 -16.15 25.54
N HIS D 108 -41.12 -14.83 25.47
CA HIS D 108 -41.15 -14.18 24.17
C HIS D 108 -39.94 -14.57 23.32
N SER D 109 -38.77 -14.70 23.96
CA SER D 109 -37.58 -15.13 23.23
C SER D 109 -37.54 -16.63 22.98
N ARG D 110 -38.35 -17.41 23.71
CA ARG D 110 -38.22 -18.86 23.70
C ARG D 110 -36.78 -19.27 24.02
N ALA D 111 -36.18 -18.59 25.00
CA ALA D 111 -34.80 -18.89 25.37
C ALA D 111 -34.65 -20.36 25.72
N GLN D 112 -33.64 -21.00 25.15
CA GLN D 112 -33.36 -22.42 25.37
C GLN D 112 -32.41 -22.65 26.54
N ALA D 113 -31.69 -21.62 26.96
CA ALA D 113 -30.76 -21.70 28.08
C ALA D 113 -30.59 -20.30 28.62
N VAL D 114 -30.07 -20.19 29.84
CA VAL D 114 -29.87 -18.91 30.48
C VAL D 114 -28.44 -18.84 31.02
N LEU D 115 -27.75 -17.76 30.69
CA LEU D 115 -26.45 -17.45 31.26
C LEU D 115 -26.65 -16.29 32.23
N VAL D 116 -26.45 -16.55 33.52
CA VAL D 116 -26.90 -15.63 34.56
C VAL D 116 -25.78 -15.43 35.59
N SER D 117 -25.61 -14.19 36.03
CA SER D 117 -24.72 -13.92 37.16
C SER D 117 -25.32 -14.46 38.45
N GLY D 118 -24.45 -14.96 39.34
CA GLY D 118 -24.94 -15.48 40.62
C GLY D 118 -25.77 -14.48 41.40
N ALA D 119 -25.36 -13.20 41.39
CA ALA D 119 -26.14 -12.21 42.12
C ALA D 119 -27.54 -12.02 41.54
N LEU D 120 -27.79 -12.46 40.30
CA LEU D 120 -29.08 -12.34 39.66
C LEU D 120 -29.88 -13.64 39.68
N HIS D 121 -29.36 -14.68 40.34
CA HIS D 121 -30.07 -15.95 40.38
C HIS D 121 -31.42 -15.87 41.10
N PRO D 122 -31.58 -15.13 42.21
CA PRO D 122 -32.92 -15.08 42.83
C PRO D 122 -34.00 -14.57 41.90
N VAL D 123 -33.79 -13.43 41.25
CA VAL D 123 -34.82 -12.91 40.37
C VAL D 123 -35.06 -13.84 39.19
N LEU D 124 -33.99 -14.44 38.63
CA LEU D 124 -34.21 -15.39 37.56
C LEU D 124 -34.98 -16.61 38.04
N LYS D 125 -34.70 -17.10 39.24
CA LYS D 125 -35.41 -18.25 39.77
C LYS D 125 -36.91 -17.98 39.86
N ALA D 126 -37.28 -16.78 40.32
CA ALA D 126 -38.70 -16.44 40.42
C ALA D 126 -39.34 -16.37 39.04
N ALA D 127 -38.61 -15.83 38.06
CA ALA D 127 -39.13 -15.77 36.70
C ALA D 127 -39.31 -17.17 36.11
N LEU D 128 -38.33 -18.05 36.32
CA LEU D 128 -38.48 -19.43 35.85
C LEU D 128 -39.67 -20.11 36.50
N THR D 129 -39.84 -19.92 37.82
CA THR D 129 -40.94 -20.57 38.50
C THR D 129 -42.31 -20.14 37.93
N LYS D 130 -42.45 -18.89 37.51
CA LYS D 130 -43.77 -18.38 37.19
C LYS D 130 -44.12 -18.40 35.71
N SER D 131 -43.17 -18.74 34.83
CA SER D 131 -43.39 -18.57 33.40
C SER D 131 -43.51 -19.91 32.68
N ASP D 132 -44.08 -19.85 31.47
CA ASP D 132 -44.10 -21.01 30.58
C ASP D 132 -42.87 -20.97 29.68
N HIS D 133 -41.72 -21.08 30.33
CA HIS D 133 -40.46 -20.95 29.63
C HIS D 133 -40.08 -22.27 28.96
N GLU D 134 -39.03 -22.24 28.15
CA GLU D 134 -38.49 -23.45 27.54
C GLU D 134 -37.02 -23.63 27.87
N VAL D 135 -36.59 -23.19 29.04
CA VAL D 135 -35.17 -23.21 29.41
C VAL D 135 -34.77 -24.64 29.76
N GLN D 136 -33.73 -25.15 29.08
CA GLN D 136 -33.22 -26.50 29.32
C GLN D 136 -32.09 -26.53 30.32
N ARG D 137 -31.31 -25.47 30.41
CA ARG D 137 -30.13 -25.44 31.25
C ARG D 137 -29.91 -24.02 31.74
N VAL D 138 -29.52 -23.89 33.01
CA VAL D 138 -29.16 -22.60 33.59
C VAL D 138 -27.68 -22.66 33.94
N ILE D 139 -26.93 -21.69 33.43
CA ILE D 139 -25.48 -21.63 33.57
C ILE D 139 -25.17 -20.41 34.42
N VAL D 140 -24.58 -20.62 35.59
CA VAL D 140 -24.42 -19.59 36.61
C VAL D 140 -22.96 -19.13 36.66
N SER D 141 -22.73 -17.87 36.32
CA SER D 141 -21.41 -17.25 36.40
C SER D 141 -21.24 -16.63 37.79
N ARG D 142 -20.24 -17.11 38.53
CA ARG D 142 -19.95 -16.62 39.89
C ARG D 142 -21.15 -16.87 40.81
N PRO D 143 -21.46 -18.12 41.11
CA PRO D 143 -22.59 -18.39 41.99
C PRO D 143 -22.39 -17.73 43.34
N ALA D 144 -23.49 -17.22 43.91
CA ALA D 144 -23.50 -16.60 45.22
C ALA D 144 -24.39 -17.38 46.17
N ALA D 145 -24.74 -18.59 45.78
CA ALA D 145 -25.56 -19.52 46.54
C ALA D 145 -25.42 -20.88 45.88
N PRO D 146 -25.77 -21.95 46.60
CA PRO D 146 -25.63 -23.30 46.04
C PRO D 146 -26.43 -23.47 44.74
N LEU D 147 -25.82 -24.16 43.78
CA LEU D 147 -26.53 -24.50 42.55
C LEU D 147 -27.66 -25.47 42.82
N GLU D 148 -28.73 -25.39 41.98
CA GLU D 148 -29.80 -26.36 41.91
C GLU D 148 -29.51 -27.42 40.84
N PRO D 149 -30.23 -28.54 40.86
CA PRO D 149 -30.03 -29.54 39.81
C PRO D 149 -30.38 -28.96 38.46
N GLY D 150 -29.60 -29.39 37.47
CA GLY D 150 -29.74 -28.95 36.10
C GLY D 150 -28.76 -27.83 35.83
N GLU D 151 -28.53 -26.99 36.83
CA GLU D 151 -27.65 -25.85 36.70
C GLU D 151 -26.18 -26.27 36.77
N VAL D 152 -25.32 -25.45 36.20
CA VAL D 152 -23.89 -25.69 36.17
C VAL D 152 -23.16 -24.36 36.29
N ASP D 153 -22.01 -24.39 36.96
CA ASP D 153 -21.18 -23.22 37.08
C ASP D 153 -20.55 -22.87 35.73
N PHE D 154 -20.51 -21.56 35.43
CA PHE D 154 -20.04 -21.08 34.13
C PHE D 154 -18.61 -21.57 33.84
N ALA D 155 -17.70 -21.41 34.80
CA ALA D 155 -16.31 -21.79 34.56
C ALA D 155 -16.19 -23.29 34.29
N GLU D 156 -16.98 -24.11 35.01
CA GLU D 156 -16.93 -25.55 34.80
C GLU D 156 -17.54 -25.93 33.46
N PHE D 157 -18.68 -25.33 33.13
CA PHE D 157 -19.31 -25.52 31.82
C PHE D 157 -18.32 -25.24 30.69
N VAL D 158 -17.66 -24.07 30.72
CA VAL D 158 -16.69 -23.72 29.69
C VAL D 158 -15.48 -24.66 29.77
N GLY D 159 -15.05 -25.02 30.98
CA GLY D 159 -13.89 -25.86 31.12
C GLY D 159 -14.09 -27.29 30.65
N ALA D 160 -15.33 -27.78 30.64
CA ALA D 160 -15.61 -29.17 30.32
C ALA D 160 -15.73 -29.45 28.82
N HIS D 161 -15.40 -28.49 27.97
CA HIS D 161 -15.57 -28.69 26.54
C HIS D 161 -14.38 -28.15 25.78
N ALA D 162 -13.95 -28.92 24.78
CA ALA D 162 -12.89 -28.46 23.88
C ALA D 162 -13.44 -27.38 22.96
N PRO D 163 -12.57 -26.50 22.46
CA PRO D 163 -13.04 -25.39 21.61
C PRO D 163 -13.67 -25.88 20.31
N LEU D 164 -14.81 -25.28 19.96
CA LEU D 164 -15.43 -25.51 18.67
C LEU D 164 -14.44 -25.17 17.55
N GLU D 165 -14.36 -26.05 16.55
CA GLU D 165 -13.29 -25.92 15.55
C GLU D 165 -13.56 -24.77 14.58
N LYS D 166 -14.80 -24.59 14.13
CA LYS D 166 -15.17 -23.53 13.21
C LYS D 166 -16.45 -22.85 13.68
N PRO D 167 -16.61 -21.56 13.39
CA PRO D 167 -17.88 -20.90 13.65
C PRO D 167 -18.99 -21.46 12.77
N ALA D 168 -20.23 -21.34 13.25
CA ALA D 168 -21.36 -21.62 12.38
C ALA D 168 -21.26 -20.79 11.11
N ALA D 169 -21.73 -21.38 10.01
CA ALA D 169 -21.68 -20.74 8.69
C ALA D 169 -22.82 -19.73 8.58
N THR D 170 -22.69 -18.65 9.34
CA THR D 170 -23.68 -17.59 9.33
C THR D 170 -23.46 -16.65 8.14
N GLN D 171 -24.54 -16.00 7.73
CA GLN D 171 -24.49 -14.93 6.73
C GLN D 171 -24.47 -13.58 7.43
N ALA D 172 -23.93 -12.58 6.72
CA ALA D 172 -23.83 -11.23 7.28
C ALA D 172 -25.20 -10.68 7.69
N ASP D 173 -26.27 -11.11 7.03
CA ASP D 173 -27.60 -10.57 7.30
C ASP D 173 -28.45 -11.50 8.15
N ASP D 174 -27.87 -12.59 8.64
CA ASP D 174 -28.56 -13.44 9.61
C ASP D 174 -28.64 -12.74 10.97
N PRO D 175 -29.69 -13.00 11.74
CA PRO D 175 -29.76 -12.46 13.11
C PRO D 175 -28.57 -12.92 13.94
N ALA D 176 -28.02 -12.02 14.73
CA ALA D 176 -26.89 -12.38 15.58
C ALA D 176 -27.17 -12.25 17.06
N PHE D 177 -27.99 -11.25 17.43
CA PHE D 177 -28.32 -11.06 18.86
C PHE D 177 -29.53 -10.13 18.97
N TRP D 178 -30.14 -10.15 20.16
CA TRP D 178 -31.31 -9.30 20.45
C TRP D 178 -31.03 -8.41 21.66
N LEU D 179 -31.54 -7.18 21.60
CA LEU D 179 -31.64 -6.31 22.76
C LEU D 179 -33.11 -5.96 22.95
N TYR D 180 -33.50 -5.67 24.18
CA TYR D 180 -34.87 -5.23 24.44
C TYR D 180 -34.91 -3.73 24.67
N SER D 181 -35.96 -3.11 24.14
CA SER D 181 -36.22 -1.68 24.25
C SER D 181 -37.69 -1.48 24.57
N SER D 182 -37.99 -0.54 25.46
CA SER D 182 -39.38 -0.31 25.85
C SER D 182 -39.93 0.99 25.29
N GLY D 183 -41.19 0.92 24.83
CA GLY D 183 -41.96 2.10 24.49
C GLY D 183 -42.80 2.56 25.66
N SER D 184 -43.66 3.55 25.40
CA SER D 184 -44.42 4.17 26.48
C SER D 184 -45.53 3.27 27.00
N THR D 185 -46.01 2.33 26.17
CA THR D 185 -46.89 1.25 26.63
C THR D 185 -46.45 -0.05 25.97
N GLY D 186 -47.05 -1.15 26.44
CA GLY D 186 -46.78 -2.44 25.85
C GLY D 186 -45.51 -3.09 26.39
N ARG D 187 -45.26 -4.30 25.91
CA ARG D 187 -44.12 -5.07 26.38
C ARG D 187 -42.81 -4.52 25.83
N PRO D 188 -41.68 -4.90 26.43
CA PRO D 188 -40.38 -4.62 25.80
C PRO D 188 -40.31 -5.25 24.42
N LYS D 189 -39.70 -4.53 23.48
CA LYS D 189 -39.64 -4.95 22.09
C LYS D 189 -38.29 -5.61 21.84
N GLY D 190 -38.32 -6.82 21.29
CA GLY D 190 -37.09 -7.55 20.99
C GLY D 190 -36.46 -7.05 19.70
N VAL D 191 -35.37 -6.29 19.80
CA VAL D 191 -34.76 -5.66 18.63
C VAL D 191 -33.73 -6.63 18.07
N VAL D 192 -33.96 -7.12 16.84
CA VAL D 192 -33.10 -8.13 16.22
C VAL D 192 -32.00 -7.44 15.43
N HIS D 193 -30.74 -7.71 15.79
CA HIS D 193 -29.59 -7.19 15.05
C HIS D 193 -28.84 -8.33 14.34
N THR D 194 -28.27 -7.99 13.18
CA THR D 194 -27.56 -8.95 12.34
C THR D 194 -26.08 -9.00 12.66
N HIS D 195 -25.39 -10.01 12.13
CA HIS D 195 -23.93 -10.07 12.23
C HIS D 195 -23.27 -8.81 11.65
N ALA D 196 -23.84 -8.26 10.57
CA ALA D 196 -23.23 -7.09 9.96
C ALA D 196 -23.35 -5.83 10.83
N ASN D 197 -24.43 -5.70 11.59
CA ASN D 197 -24.71 -4.43 12.24
C ASN D 197 -23.60 -3.96 13.18
N PRO D 198 -23.07 -4.76 14.11
CA PRO D 198 -21.98 -4.26 14.96
C PRO D 198 -20.67 -4.09 14.21
N TYR D 199 -20.49 -4.76 13.08
CA TYR D 199 -19.35 -4.43 12.22
C TYR D 199 -19.46 -2.98 11.76
N TRP D 200 -20.62 -2.58 11.23
CA TRP D 200 -20.78 -1.21 10.73
C TRP D 200 -20.63 -0.16 11.84
N THR D 201 -21.31 -0.35 12.98
CA THR D 201 -21.17 0.66 14.02
C THR D 201 -19.73 0.76 14.48
N SER D 202 -19.04 -0.37 14.61
CA SER D 202 -17.68 -0.33 15.12
C SER D 202 -16.73 0.30 14.11
N GLU D 203 -17.02 0.19 12.81
CA GLU D 203 -16.16 0.82 11.82
C GLU D 203 -16.54 2.29 11.65
N LEU D 204 -17.83 2.58 11.48
CA LEU D 204 -18.23 3.95 11.16
C LEU D 204 -18.12 4.87 12.37
N TYR D 205 -18.45 4.39 13.57
CA TYR D 205 -18.36 5.25 14.75
C TYR D 205 -17.11 4.98 15.57
N GLY D 206 -16.95 3.74 16.07
CA GLY D 206 -15.82 3.44 16.94
C GLY D 206 -14.48 3.79 16.31
N ARG D 207 -14.22 3.30 15.09
CA ARG D 207 -12.94 3.59 14.47
C ARG D 207 -12.92 4.97 13.79
N ASN D 208 -13.85 5.22 12.87
CA ASN D 208 -13.74 6.37 11.97
C ASN D 208 -14.20 7.68 12.58
N THR D 209 -15.01 7.66 13.64
CA THR D 209 -15.43 8.91 14.28
C THR D 209 -14.73 9.17 15.60
N LEU D 210 -14.76 8.21 16.53
CA LEU D 210 -14.08 8.34 17.80
C LEU D 210 -12.57 8.10 17.69
N HIS D 211 -12.12 7.40 16.65
CA HIS D 211 -10.69 7.10 16.48
C HIS D 211 -10.16 6.31 17.67
N LEU D 212 -10.93 5.33 18.13
CA LEU D 212 -10.40 4.40 19.12
C LEU D 212 -9.19 3.70 18.53
N ARG D 213 -8.23 3.37 19.38
CA ARG D 213 -7.01 2.76 18.88
C ARG D 213 -6.54 1.68 19.84
N GLU D 214 -5.54 0.94 19.37
CA GLU D 214 -5.09 -0.27 20.06
C GLU D 214 -4.60 0.04 21.48
N ASP D 215 -3.91 1.16 21.68
CA ASP D 215 -3.36 1.44 23.01
C ASP D 215 -4.36 2.12 23.95
N ASP D 216 -5.62 2.26 23.56
CA ASP D 216 -6.65 2.80 24.44
C ASP D 216 -7.04 1.80 25.53
N VAL D 217 -7.52 2.34 26.64
CA VAL D 217 -8.18 1.56 27.68
C VAL D 217 -9.59 2.13 27.80
N CYS D 218 -10.59 1.32 27.48
CA CYS D 218 -11.97 1.77 27.40
C CYS D 218 -12.73 1.40 28.67
N PHE D 219 -13.56 2.32 29.14
CA PHE D 219 -14.30 2.11 30.40
C PHE D 219 -15.64 2.82 30.28
N SER D 220 -16.72 2.05 30.33
CA SER D 220 -18.06 2.56 30.10
C SER D 220 -18.89 2.41 31.37
N ALA D 221 -19.42 3.54 31.86
CA ALA D 221 -20.44 3.50 32.90
C ALA D 221 -21.74 2.88 32.40
N ALA D 222 -22.00 2.96 31.09
CA ALA D 222 -23.14 2.26 30.51
C ALA D 222 -22.81 0.79 30.37
N LYS D 223 -23.66 -0.08 30.94
CA LYS D 223 -23.42 -1.51 31.00
C LYS D 223 -23.54 -2.16 29.61
N LEU D 224 -23.01 -3.39 29.53
CA LEU D 224 -22.88 -4.11 28.27
C LEU D 224 -24.23 -4.46 27.63
N PHE D 225 -25.28 -4.66 28.43
CA PHE D 225 -26.59 -4.91 27.84
C PHE D 225 -27.20 -3.66 27.18
N PHE D 226 -26.68 -2.47 27.43
CA PHE D 226 -27.16 -1.30 26.72
C PHE D 226 -26.50 -1.25 25.34
N ALA D 227 -27.28 -0.90 24.32
CA ALA D 227 -26.72 -0.78 22.98
C ALA D 227 -25.48 0.11 23.06
N TYR D 228 -25.62 1.25 23.75
CA TYR D 228 -24.48 2.21 23.92
C TYR D 228 -23.26 1.47 24.45
N GLY D 229 -23.43 0.69 25.52
CA GLY D 229 -22.34 -0.07 26.13
C GLY D 229 -21.87 -1.21 25.24
N LEU D 230 -22.79 -1.97 24.65
CA LEU D 230 -22.33 -3.08 23.79
C LEU D 230 -21.24 -2.54 22.85
N GLY D 231 -21.35 -1.28 22.44
CA GLY D 231 -20.40 -0.73 21.49
C GLY D 231 -19.15 -0.24 22.25
N ASN D 232 -19.36 0.58 23.28
CA ASN D 232 -18.27 1.19 24.06
C ASN D 232 -17.30 0.15 24.59
N ALA D 233 -17.80 -0.95 25.11
CA ALA D 233 -16.99 -1.82 25.94
C ALA D 233 -16.94 -3.24 25.40
N LEU D 234 -17.23 -3.42 24.13
CA LEU D 234 -17.14 -4.73 23.53
C LEU D 234 -16.81 -4.69 22.04
N THR D 235 -17.78 -4.30 21.22
CA THR D 235 -17.58 -4.24 19.77
C THR D 235 -16.51 -3.23 19.35
N PHE D 236 -16.60 -1.99 19.84
CA PHE D 236 -15.59 -1.00 19.49
C PHE D 236 -14.19 -1.44 19.90
N PRO D 237 -13.90 -1.70 21.18
CA PRO D 237 -12.51 -2.01 21.57
C PRO D 237 -11.95 -3.24 20.90
N MET D 238 -12.73 -4.31 20.77
CA MET D 238 -12.23 -5.50 20.10
C MET D 238 -11.97 -5.27 18.62
N THR D 239 -12.69 -4.32 18.02
CA THR D 239 -12.46 -4.02 16.61
C THR D 239 -11.09 -3.39 16.39
N VAL D 240 -10.55 -2.67 17.37
CA VAL D 240 -9.23 -2.02 17.21
C VAL D 240 -8.16 -2.61 18.12
N GLY D 241 -8.50 -3.62 18.93
CA GLY D 241 -7.52 -4.23 19.82
C GLY D 241 -7.28 -3.49 21.12
N ALA D 242 -8.15 -2.56 21.48
CA ALA D 242 -8.00 -1.85 22.75
C ALA D 242 -8.32 -2.77 23.92
N THR D 243 -7.75 -2.44 25.08
CA THR D 243 -8.07 -3.12 26.33
C THR D 243 -9.33 -2.50 26.94
N THR D 244 -10.18 -3.36 27.52
CA THR D 244 -11.45 -2.92 28.13
C THR D 244 -11.48 -3.23 29.62
N LEU D 245 -11.76 -2.21 30.42
CA LEU D 245 -12.01 -2.37 31.85
C LEU D 245 -13.51 -2.55 32.09
N LEU D 246 -13.87 -3.62 32.78
CA LEU D 246 -15.27 -3.89 33.13
C LEU D 246 -15.45 -3.77 34.64
N MET D 247 -16.68 -3.40 35.04
CA MET D 247 -17.03 -3.18 36.43
C MET D 247 -18.45 -3.67 36.67
N GLY D 248 -18.60 -4.62 37.59
CA GLY D 248 -19.92 -5.17 37.88
C GLY D 248 -20.82 -4.30 38.74
N GLU D 249 -20.25 -3.58 39.69
CA GLU D 249 -21.04 -2.83 40.66
C GLU D 249 -21.68 -1.59 40.00
N ARG D 250 -22.59 -0.94 40.75
CA ARG D 250 -23.27 0.25 40.25
C ARG D 250 -22.27 1.39 40.07
N PRO D 251 -22.32 2.11 38.97
CA PRO D 251 -21.33 3.17 38.74
C PRO D 251 -21.61 4.48 39.47
N THR D 252 -21.06 4.64 40.66
CA THR D 252 -21.07 5.92 41.37
C THR D 252 -19.82 6.71 41.04
N PRO D 253 -19.79 7.99 41.39
CA PRO D 253 -18.54 8.75 41.21
C PRO D 253 -17.33 8.09 41.87
N ASP D 254 -17.44 7.66 43.12
CA ASP D 254 -16.30 7.01 43.78
C ASP D 254 -15.89 5.73 43.06
N ALA D 255 -16.85 4.92 42.61
CA ALA D 255 -16.46 3.70 41.90
C ALA D 255 -15.79 4.05 40.57
N VAL D 256 -16.27 5.09 39.91
CA VAL D 256 -15.69 5.48 38.62
C VAL D 256 -14.30 6.06 38.84
N PHE D 257 -14.17 6.96 39.83
CA PHE D 257 -12.89 7.60 40.12
C PHE D 257 -11.84 6.55 40.47
N LYS D 258 -12.20 5.58 41.31
CA LYS D 258 -11.24 4.53 41.65
C LYS D 258 -10.67 3.89 40.38
N ARG D 259 -11.51 3.65 39.37
CA ARG D 259 -11.00 3.03 38.15
C ARG D 259 -10.22 4.02 37.29
N TRP D 260 -10.68 5.27 37.18
CA TRP D 260 -9.94 6.30 36.47
C TRP D 260 -8.52 6.43 37.00
N LEU D 261 -8.33 6.23 38.30
CA LEU D 261 -7.05 6.39 38.98
C LEU D 261 -6.17 5.15 38.86
N GLY D 262 -6.66 4.06 38.28
CA GLY D 262 -5.86 2.87 38.16
C GLY D 262 -6.00 1.90 39.31
N GLY D 263 -7.07 2.00 40.09
CA GLY D 263 -7.27 1.07 41.18
C GLY D 263 -7.60 -0.35 40.78
N VAL D 264 -7.83 -0.64 39.50
CA VAL D 264 -8.16 -2.00 39.07
C VAL D 264 -7.28 -2.41 37.90
N GLY D 265 -6.84 -3.66 37.92
CA GLY D 265 -6.18 -4.27 36.79
C GLY D 265 -4.89 -3.60 36.40
N GLY D 266 -4.39 -2.67 37.21
CA GLY D 266 -3.20 -1.93 36.86
C GLY D 266 -3.31 -1.04 35.64
N VAL D 267 -4.54 -0.65 35.26
CA VAL D 267 -4.79 0.12 34.05
C VAL D 267 -5.54 1.39 34.40
N LYS D 268 -5.24 2.45 33.65
CA LYS D 268 -5.94 3.73 33.72
C LYS D 268 -6.73 3.94 32.43
N PRO D 269 -8.06 4.05 32.49
CA PRO D 269 -8.84 4.33 31.29
C PRO D 269 -8.34 5.57 30.55
N THR D 270 -8.29 5.46 29.21
CA THR D 270 -8.06 6.60 28.34
C THR D 270 -9.34 7.10 27.68
N VAL D 271 -10.35 6.23 27.57
CA VAL D 271 -11.63 6.56 26.95
C VAL D 271 -12.73 6.23 27.95
N PHE D 272 -13.55 7.23 28.27
CA PHE D 272 -14.67 7.02 29.18
C PHE D 272 -15.98 7.30 28.47
N TYR D 273 -17.01 6.52 28.81
CA TYR D 273 -18.34 6.71 28.26
C TYR D 273 -19.35 6.76 29.40
N GLY D 274 -20.35 7.62 29.26
CA GLY D 274 -21.37 7.72 30.28
C GLY D 274 -22.51 8.60 29.82
N ALA D 275 -23.53 8.72 30.71
CA ALA D 275 -24.66 9.57 30.41
C ALA D 275 -24.46 10.95 31.02
N PRO D 276 -25.07 12.00 30.44
CA PRO D 276 -24.88 13.34 31.02
C PRO D 276 -25.18 13.40 32.51
N THR D 277 -26.18 12.65 33.00
CA THR D 277 -26.47 12.68 34.43
C THR D 277 -25.26 12.24 35.25
N GLY D 278 -24.57 11.20 34.78
CA GLY D 278 -23.38 10.72 35.47
C GLY D 278 -22.25 11.73 35.45
N TYR D 279 -22.11 12.47 34.35
CA TYR D 279 -21.07 13.50 34.29
C TYR D 279 -21.33 14.60 35.31
N ALA D 280 -22.57 15.08 35.40
CA ALA D 280 -22.90 16.07 36.43
C ALA D 280 -22.61 15.54 37.83
N GLY D 281 -23.06 14.31 38.11
CA GLY D 281 -22.81 13.72 39.41
C GLY D 281 -21.33 13.64 39.74
N MET D 282 -20.49 13.38 38.74
CA MET D 282 -19.05 13.31 39.00
C MET D 282 -18.46 14.69 39.21
N LEU D 283 -18.89 15.67 38.42
CA LEU D 283 -18.36 17.02 38.57
C LEU D 283 -18.70 17.61 39.93
N ALA D 284 -19.80 17.19 40.54
CA ALA D 284 -20.19 17.73 41.84
C ALA D 284 -19.56 16.99 43.00
N ALA D 285 -18.85 15.92 42.74
CA ALA D 285 -18.42 15.05 43.82
C ALA D 285 -17.19 15.63 44.52
N PRO D 286 -17.15 15.51 45.85
CA PRO D 286 -16.05 16.14 46.61
C PRO D 286 -14.67 15.60 46.26
N ASN D 287 -14.62 14.34 45.82
CA ASN D 287 -13.38 13.68 45.47
C ASN D 287 -13.03 13.66 43.98
N LEU D 288 -13.70 14.51 43.20
CA LEU D 288 -13.38 14.63 41.79
C LEU D 288 -11.87 14.70 41.62
N PRO D 289 -11.27 13.81 40.83
CA PRO D 289 -9.81 13.87 40.62
C PRO D 289 -9.44 15.06 39.75
N SER D 290 -8.16 15.42 39.81
CA SER D 290 -7.64 16.50 38.98
C SER D 290 -7.03 15.93 37.71
N ARG D 291 -6.92 16.80 36.71
CA ARG D 291 -6.44 16.42 35.38
C ARG D 291 -5.19 15.55 35.46
N ASP D 292 -4.24 15.88 36.34
CA ASP D 292 -2.96 15.19 36.34
C ASP D 292 -3.02 13.79 36.94
N GLN D 293 -4.15 13.40 37.54
CA GLN D 293 -4.29 12.07 38.10
C GLN D 293 -4.87 11.05 37.14
N VAL D 294 -5.41 11.49 36.00
CA VAL D 294 -6.17 10.62 35.11
C VAL D 294 -5.46 10.54 33.76
N ALA D 295 -5.72 9.44 33.05
CA ALA D 295 -5.21 9.23 31.69
C ALA D 295 -6.27 9.48 30.61
N LEU D 296 -7.43 10.02 30.99
CA LEU D 296 -8.51 10.26 30.02
C LEU D 296 -8.01 11.09 28.84
N ARG D 297 -8.30 10.62 27.63
CA ARG D 297 -8.09 11.43 26.43
C ARG D 297 -9.37 11.69 25.64
N LEU D 298 -10.44 10.95 25.94
CA LEU D 298 -11.69 11.05 25.20
C LEU D 298 -12.83 10.77 26.16
N ALA D 299 -13.85 11.63 26.13
CA ALA D 299 -15.03 11.50 26.99
C ALA D 299 -16.26 11.54 26.11
N SER D 300 -16.98 10.42 26.07
CA SER D 300 -18.18 10.24 25.26
C SER D 300 -19.42 10.29 26.14
N SER D 301 -20.52 10.86 25.62
CA SER D 301 -21.79 10.86 26.33
CA SER D 301 -21.78 10.82 26.33
C SER D 301 -22.92 10.49 25.37
N ALA D 302 -23.98 9.91 25.91
CA ALA D 302 -25.16 9.49 25.17
C ALA D 302 -26.29 9.19 26.15
N GLY D 303 -27.50 9.01 25.62
CA GLY D 303 -28.67 8.64 26.38
C GLY D 303 -29.69 9.76 26.52
N GLU D 304 -29.21 10.99 26.68
CA GLU D 304 -30.03 12.18 26.81
C GLU D 304 -29.16 13.33 26.31
N ALA D 305 -29.79 14.47 26.00
CA ALA D 305 -28.99 15.60 25.50
C ALA D 305 -28.01 16.04 26.57
N LEU D 306 -26.83 16.43 26.15
CA LEU D 306 -25.83 16.96 27.08
C LEU D 306 -26.06 18.46 27.26
N PRO D 307 -26.40 18.94 28.46
CA PRO D 307 -26.46 20.39 28.70
C PRO D 307 -25.10 21.04 28.51
N ALA D 308 -25.10 22.24 27.93
CA ALA D 308 -23.86 22.93 27.60
C ALA D 308 -23.01 23.16 28.83
N GLU D 309 -23.63 23.51 29.96
CA GLU D 309 -22.86 23.83 31.16
C GLU D 309 -22.12 22.61 31.71
N ILE D 310 -22.71 21.42 31.60
CA ILE D 310 -21.99 20.20 32.00
C ILE D 310 -20.74 20.04 31.16
N GLY D 311 -20.87 20.13 29.83
CA GLY D 311 -19.70 19.97 28.98
C GLY D 311 -18.64 21.02 29.23
N GLN D 312 -19.06 22.28 29.36
CA GLN D 312 -18.11 23.36 29.57
C GLN D 312 -17.38 23.21 30.91
N ARG D 313 -18.12 22.87 31.97
CA ARG D 313 -17.47 22.63 33.25
C ARG D 313 -16.53 21.45 33.18
N PHE D 314 -16.91 20.38 32.47
CA PHE D 314 -16.00 19.26 32.31
C PHE D 314 -14.73 19.69 31.60
N GLN D 315 -14.88 20.46 30.52
CA GLN D 315 -13.73 20.90 29.76
C GLN D 315 -12.83 21.83 30.58
N ARG D 316 -13.43 22.76 31.33
CA ARG D 316 -12.63 23.65 32.15
C ARG D 316 -11.84 22.88 33.19
N HIS D 317 -12.44 21.85 33.80
CA HIS D 317 -11.74 21.09 34.83
C HIS D 317 -10.70 20.12 34.25
N PHE D 318 -11.02 19.42 33.16
CA PHE D 318 -10.17 18.34 32.68
C PHE D 318 -9.40 18.66 31.41
N GLY D 319 -9.74 19.74 30.71
CA GLY D 319 -9.12 20.00 29.42
C GLY D 319 -9.60 19.06 28.33
N LEU D 320 -10.73 18.38 28.54
CA LEU D 320 -11.38 17.54 27.55
C LEU D 320 -12.81 18.01 27.36
N ASP D 321 -13.27 18.02 26.12
CA ASP D 321 -14.71 18.14 25.90
C ASP D 321 -15.39 16.80 26.14
N ILE D 322 -16.69 16.86 26.34
CA ILE D 322 -17.53 15.67 26.31
C ILE D 322 -18.14 15.61 24.92
N VAL D 323 -18.00 14.46 24.25
CA VAL D 323 -18.43 14.29 22.88
C VAL D 323 -19.81 13.63 22.92
N ASP D 324 -20.84 14.44 22.67
CA ASP D 324 -22.23 14.02 22.74
C ASP D 324 -22.68 13.42 21.39
N GLY D 325 -23.15 12.18 21.42
CA GLY D 325 -23.74 11.56 20.25
C GLY D 325 -25.05 10.89 20.63
N ILE D 326 -25.93 10.76 19.63
CA ILE D 326 -27.21 10.10 19.84
C ILE D 326 -27.27 8.83 19.01
N GLY D 327 -27.50 7.71 19.68
CA GLY D 327 -27.78 6.45 19.02
C GLY D 327 -29.10 5.93 19.54
N SER D 328 -29.48 4.72 19.14
CA SER D 328 -30.71 4.10 19.64
C SER D 328 -30.51 2.60 19.62
N THR D 329 -31.35 1.89 20.38
CA THR D 329 -31.28 0.44 20.34
C THR D 329 -31.47 -0.06 18.90
N GLU D 330 -32.41 0.57 18.18
CA GLU D 330 -32.72 0.14 16.82
C GLU D 330 -31.57 0.37 15.85
N MET D 331 -30.85 1.49 15.98
CA MET D 331 -29.71 1.78 15.10
C MET D 331 -28.39 1.24 15.67
N LEU D 332 -28.41 0.67 16.87
CA LEU D 332 -27.27 0.05 17.55
C LEU D 332 -26.21 1.02 18.06
N ALA D 333 -25.80 2.01 17.27
CA ALA D 333 -24.83 3.00 17.75
C ALA D 333 -25.20 4.39 17.24
N ALA D 334 -24.31 5.34 17.45
CA ALA D 334 -24.64 6.74 17.14
C ALA D 334 -24.79 6.96 15.64
N PHE D 335 -25.81 7.76 15.28
CA PHE D 335 -25.99 8.21 13.90
C PHE D 335 -25.89 9.72 13.73
N LEU D 336 -25.95 10.49 14.82
CA LEU D 336 -25.62 11.91 14.86
C LEU D 336 -24.61 12.11 15.98
N SER D 337 -23.58 12.92 15.74
CA SER D 337 -22.62 13.03 16.83
C SER D 337 -21.71 14.23 16.62
N ASN D 338 -21.37 14.90 17.73
CA ASN D 338 -20.16 15.71 17.75
C ASN D 338 -18.94 14.83 17.51
N LEU D 339 -17.82 15.48 17.21
CA LEU D 339 -16.54 14.84 16.94
C LEU D 339 -15.55 15.17 18.04
N PRO D 340 -14.52 14.35 18.23
CA PRO D 340 -13.54 14.65 19.28
C PRO D 340 -12.95 16.03 19.17
N ASP D 341 -12.76 16.55 17.95
CA ASP D 341 -12.20 17.89 17.80
C ASP D 341 -13.21 18.85 17.18
N ARG D 342 -14.49 18.51 17.21
CA ARG D 342 -15.52 19.45 16.77
C ARG D 342 -16.76 19.26 17.62
N VAL D 343 -16.92 20.14 18.61
CA VAL D 343 -17.97 20.04 19.62
C VAL D 343 -18.76 21.33 19.59
N ARG D 344 -20.07 21.23 19.40
CA ARG D 344 -20.97 22.37 19.60
C ARG D 344 -21.95 22.03 20.72
N TYR D 345 -21.70 22.55 21.91
CA TYR D 345 -22.59 22.24 23.03
C TYR D 345 -23.97 22.80 22.75
N GLY D 346 -24.99 22.09 23.22
CA GLY D 346 -26.36 22.38 22.86
C GLY D 346 -26.83 21.74 21.57
N THR D 347 -26.02 20.87 20.96
CA THR D 347 -26.42 20.12 19.78
C THR D 347 -25.84 18.73 19.88
N THR D 348 -26.38 17.83 19.05
CA THR D 348 -25.86 16.48 18.91
C THR D 348 -24.94 16.36 17.70
N GLY D 349 -24.37 17.45 17.24
CA GLY D 349 -23.36 17.33 16.19
C GLY D 349 -23.99 17.05 14.83
N TRP D 350 -23.24 16.31 14.01
CA TRP D 350 -23.51 16.14 12.61
C TRP D 350 -23.72 14.68 12.26
N PRO D 351 -24.30 14.38 11.10
CA PRO D 351 -24.46 12.98 10.68
C PRO D 351 -23.15 12.20 10.73
N VAL D 352 -23.21 11.00 11.29
CA VAL D 352 -22.07 10.09 11.19
C VAL D 352 -21.93 9.64 9.75
N PRO D 353 -20.78 9.80 9.11
CA PRO D 353 -20.63 9.36 7.71
C PRO D 353 -21.03 7.90 7.57
N GLY D 354 -21.85 7.61 6.56
CA GLY D 354 -22.48 6.31 6.39
C GLY D 354 -23.95 6.28 6.77
N TYR D 355 -24.44 7.28 7.49
CA TYR D 355 -25.84 7.38 7.89
C TYR D 355 -26.47 8.59 7.21
N GLN D 356 -27.65 8.40 6.63
CA GLN D 356 -28.42 9.50 6.08
C GLN D 356 -29.51 9.87 7.08
N ILE D 357 -29.70 11.17 7.29
CA ILE D 357 -30.66 11.70 8.24
C ILE D 357 -31.74 12.46 7.48
N GLU D 358 -33.01 12.21 7.81
CA GLU D 358 -34.13 13.02 7.30
C GLU D 358 -34.96 13.56 8.46
N LEU D 359 -35.39 14.80 8.34
CA LEU D 359 -36.39 15.40 9.21
C LEU D 359 -37.69 15.55 8.43
N ARG D 360 -38.81 15.11 9.01
CA ARG D 360 -40.07 15.08 8.28
C ARG D 360 -41.15 15.83 9.06
N GLY D 361 -41.97 16.59 8.32
CA GLY D 361 -43.07 17.33 8.90
C GLY D 361 -44.34 16.51 8.95
N ASP D 362 -45.44 17.20 9.29
CA ASP D 362 -46.69 16.51 9.64
C ASP D 362 -47.20 15.62 8.51
N GLY D 363 -46.93 15.96 7.26
CA GLY D 363 -47.41 15.17 6.16
C GLY D 363 -46.33 14.36 5.45
N GLY D 364 -45.20 14.16 6.09
CA GLY D 364 -44.13 13.34 5.54
C GLY D 364 -43.12 14.08 4.69
N GLY D 365 -43.34 15.35 4.38
CA GLY D 365 -42.46 16.09 3.51
C GLY D 365 -41.30 16.72 4.24
N PRO D 366 -40.41 17.39 3.50
CA PRO D 366 -39.25 18.03 4.13
C PRO D 366 -39.68 19.15 5.07
N VAL D 367 -38.76 19.54 5.95
CA VAL D 367 -38.97 20.67 6.86
C VAL D 367 -37.85 21.68 6.61
N ALA D 368 -38.19 22.97 6.78
CA ALA D 368 -37.21 24.02 6.57
C ALA D 368 -36.22 24.09 7.74
N ASP D 369 -34.99 24.51 7.43
CA ASP D 369 -33.95 24.60 8.44
C ASP D 369 -34.36 25.55 9.54
N GLY D 370 -34.14 25.14 10.78
CA GLY D 370 -34.62 25.86 11.94
C GLY D 370 -35.96 25.41 12.45
N GLU D 371 -36.70 24.61 11.66
CA GLU D 371 -38.00 24.11 12.12
C GLU D 371 -37.88 22.67 12.59
N PRO D 372 -38.62 22.27 13.62
CA PRO D 372 -38.53 20.90 14.11
C PRO D 372 -39.18 19.88 13.18
N GLY D 373 -38.65 18.66 13.19
CA GLY D 373 -39.22 17.59 12.39
C GLY D 373 -38.96 16.21 12.99
N ASP D 374 -39.78 15.25 12.57
CA ASP D 374 -39.59 13.86 12.98
C ASP D 374 -38.31 13.30 12.36
N LEU D 375 -37.47 12.66 13.19
CA LEU D 375 -36.17 12.18 12.75
C LEU D 375 -36.27 10.75 12.22
N TYR D 376 -35.72 10.53 11.03
CA TYR D 376 -35.64 9.22 10.40
C TYR D 376 -34.18 8.98 10.01
N ILE D 377 -33.71 7.73 10.15
CA ILE D 377 -32.33 7.39 9.87
C ILE D 377 -32.28 6.29 8.82
N HIS D 378 -31.42 6.48 7.82
CA HIS D 378 -31.06 5.41 6.90
C HIS D 378 -29.58 5.12 7.06
N GLY D 379 -29.26 3.92 7.51
CA GLY D 379 -27.89 3.51 7.71
C GLY D 379 -27.76 1.99 7.79
N PRO D 380 -26.53 1.48 7.70
CA PRO D 380 -26.35 0.03 7.53
C PRO D 380 -26.45 -0.78 8.81
N SER D 381 -26.58 -0.17 9.99
CA SER D 381 -26.63 -0.89 11.26
C SER D 381 -28.04 -1.03 11.82
N SER D 382 -29.06 -0.73 11.02
CA SER D 382 -30.43 -0.78 11.49
C SER D 382 -30.84 -2.21 11.82
N ALA D 383 -31.55 -2.37 12.94
CA ALA D 383 -32.18 -3.64 13.25
C ALA D 383 -33.18 -3.97 12.13
N THR D 384 -33.50 -5.26 12.01
CA THR D 384 -34.38 -5.70 10.93
C THR D 384 -35.86 -5.67 11.30
N MET D 385 -36.18 -5.80 12.59
CA MET D 385 -37.56 -6.00 13.04
C MET D 385 -37.58 -5.95 14.56
N TYR D 386 -38.79 -5.83 15.09
CA TYR D 386 -39.10 -6.21 16.46
C TYR D 386 -39.68 -7.62 16.42
N TRP D 387 -38.99 -8.58 17.04
CA TRP D 387 -39.42 -9.97 16.93
C TRP D 387 -40.81 -10.16 17.51
N GLY D 388 -41.69 -10.78 16.73
CA GLY D 388 -43.04 -11.04 17.17
C GLY D 388 -43.98 -9.86 17.21
N ASN D 389 -43.65 -8.74 16.56
CA ASN D 389 -44.57 -7.60 16.58
C ASN D 389 -44.53 -6.92 15.21
N ARG D 390 -45.37 -7.42 14.30
CA ARG D 390 -45.36 -6.89 12.93
C ARG D 390 -45.86 -5.46 12.90
N ALA D 391 -46.88 -5.14 13.71
CA ALA D 391 -47.43 -3.80 13.71
C ALA D 391 -46.37 -2.78 14.12
N LYS D 392 -45.71 -2.98 15.26
CA LYS D 392 -44.72 -1.99 15.64
C LYS D 392 -43.53 -2.00 14.69
N SER D 393 -43.24 -3.15 14.09
CA SER D 393 -42.17 -3.24 13.10
C SER D 393 -42.50 -2.43 11.86
N ARG D 394 -43.70 -2.60 11.31
CA ARG D 394 -44.09 -1.84 10.11
C ARG D 394 -44.12 -0.35 10.39
N ASP D 395 -44.48 0.05 11.61
CA ASP D 395 -44.49 1.46 11.97
C ASP D 395 -43.08 2.04 12.13
N THR D 396 -42.08 1.22 12.45
CA THR D 396 -40.74 1.72 12.77
C THR D 396 -39.77 1.58 11.61
N PHE D 397 -39.76 0.43 10.95
CA PHE D 397 -38.80 0.12 9.89
C PHE D 397 -39.54 0.21 8.57
N GLN D 398 -39.39 1.35 7.88
CA GLN D 398 -40.14 1.67 6.66
C GLN D 398 -39.14 1.76 5.52
N GLY D 399 -39.10 0.72 4.70
CA GLY D 399 -38.24 0.66 3.52
C GLY D 399 -36.91 1.39 3.60
N GLY D 400 -35.99 0.83 4.38
CA GLY D 400 -34.67 1.40 4.56
C GLY D 400 -34.58 2.53 5.56
N TRP D 401 -35.68 3.14 5.95
CA TRP D 401 -35.66 4.23 6.93
C TRP D 401 -36.14 3.74 8.28
N THR D 402 -35.52 4.25 9.34
CA THR D 402 -35.87 3.88 10.70
C THR D 402 -36.33 5.14 11.43
N LYS D 403 -37.54 5.08 12.00
CA LYS D 403 -38.12 6.20 12.74
C LYS D 403 -37.60 6.17 14.17
N SER D 404 -37.06 7.30 14.63
CA SER D 404 -36.47 7.36 15.96
C SER D 404 -37.45 7.69 17.07
N GLY D 405 -38.56 8.35 16.77
CA GLY D 405 -39.39 8.87 17.84
C GLY D 405 -38.87 10.14 18.47
N ASP D 406 -37.85 10.75 17.90
CA ASP D 406 -37.36 12.06 18.32
C ASP D 406 -37.78 13.11 17.30
N LYS D 407 -37.81 14.35 17.76
CA LYS D 407 -37.87 15.49 16.88
C LYS D 407 -36.56 16.24 17.00
N TYR D 408 -36.08 16.76 15.88
CA TYR D 408 -34.84 17.49 15.83
C TYR D 408 -35.00 18.72 14.93
N VAL D 409 -34.10 19.68 15.14
CA VAL D 409 -33.97 20.87 14.31
C VAL D 409 -32.57 20.87 13.73
N ARG D 410 -32.46 21.16 12.42
CA ARG D 410 -31.16 21.30 11.78
C ARG D 410 -30.79 22.77 11.72
N ASN D 411 -29.59 23.08 12.21
CA ASN D 411 -29.10 24.45 12.30
C ASN D 411 -28.30 24.82 11.07
N ASP D 412 -28.02 26.12 10.95
CA ASP D 412 -27.39 26.68 9.76
C ASP D 412 -26.01 26.08 9.48
N ASP D 413 -25.33 25.57 10.50
CA ASP D 413 -24.03 24.91 10.33
C ASP D 413 -24.14 23.41 10.09
N GLY D 414 -25.36 22.89 9.96
CA GLY D 414 -25.54 21.47 9.71
C GLY D 414 -25.62 20.60 10.94
N SER D 415 -25.42 21.17 12.13
CA SER D 415 -25.61 20.43 13.37
C SER D 415 -27.11 20.23 13.62
N TYR D 416 -27.41 19.35 14.59
CA TYR D 416 -28.79 18.99 14.92
C TYR D 416 -29.05 19.20 16.40
N THR D 417 -30.15 19.88 16.70
CA THR D 417 -30.52 20.17 18.08
C THR D 417 -31.78 19.39 18.42
N TYR D 418 -31.72 18.66 19.54
CA TYR D 418 -32.85 17.83 19.95
C TYR D 418 -34.02 18.72 20.30
N ALA D 419 -35.22 18.30 19.91
CA ALA D 419 -36.42 19.12 20.08
C ALA D 419 -37.56 18.33 20.71
N GLY D 420 -37.27 17.21 21.37
CA GLY D 420 -38.27 16.49 22.12
C GLY D 420 -38.65 15.18 21.45
N ARG D 421 -39.48 14.43 22.17
CA ARG D 421 -39.94 13.15 21.67
C ARG D 421 -41.27 13.33 20.94
N THR D 422 -41.69 12.29 20.25
CA THR D 422 -42.99 12.25 19.63
C THR D 422 -43.99 11.39 20.40
N ASP D 423 -43.58 10.81 21.56
CA ASP D 423 -44.38 9.76 22.17
C ASP D 423 -44.40 9.79 23.70
N ASP D 424 -44.13 10.92 24.35
CA ASP D 424 -44.39 10.97 25.79
C ASP D 424 -43.30 10.28 26.62
N MET D 425 -42.44 9.48 25.99
CA MET D 425 -41.33 8.84 26.71
C MET D 425 -40.41 9.87 27.32
N LEU D 426 -39.81 9.52 28.45
CA LEU D 426 -38.80 10.31 29.12
C LEU D 426 -37.47 9.59 29.06
N LYS D 427 -36.39 10.36 28.94
CA LYS D 427 -35.04 9.85 29.16
C LYS D 427 -34.53 10.47 30.46
N VAL D 428 -34.42 9.64 31.48
CA VAL D 428 -34.00 10.05 32.82
C VAL D 428 -32.71 9.31 33.15
N SER D 429 -31.67 10.05 33.50
CA SER D 429 -30.33 9.48 33.63
C SER D 429 -29.93 8.75 32.36
N GLY D 430 -30.44 9.22 31.22
CA GLY D 430 -30.18 8.64 29.92
C GLY D 430 -30.88 7.32 29.61
N ILE D 431 -31.91 6.97 30.38
CA ILE D 431 -32.57 5.66 30.29
C ILE D 431 -34.06 5.88 30.10
N TYR D 432 -34.68 5.08 29.22
CA TYR D 432 -36.11 5.21 28.97
C TYR D 432 -36.93 5.03 30.24
N VAL D 433 -37.89 5.93 30.44
CA VAL D 433 -38.90 5.81 31.49
C VAL D 433 -40.23 6.23 30.88
N SER D 434 -41.21 5.38 31.00
CA SER D 434 -42.53 5.80 30.58
C SER D 434 -43.24 6.51 31.73
N PRO D 435 -43.75 7.71 31.54
CA PRO D 435 -44.54 8.34 32.61
C PRO D 435 -45.81 7.58 32.94
N PHE D 436 -46.40 6.85 31.98
CA PHE D 436 -47.60 6.08 32.26
C PHE D 436 -47.32 4.94 33.26
N GLU D 437 -46.13 4.34 33.20
CA GLU D 437 -45.78 3.34 34.20
C GLU D 437 -45.77 3.95 35.59
N ILE D 438 -45.08 5.08 35.76
CA ILE D 438 -45.01 5.74 37.07
C ILE D 438 -46.41 6.12 37.54
N GLU D 439 -47.23 6.66 36.64
CA GLU D 439 -48.60 7.03 37.00
C GLU D 439 -49.40 5.81 37.48
N ALA D 440 -49.30 4.71 36.75
CA ALA D 440 -50.03 3.51 37.14
C ALA D 440 -49.58 2.99 38.51
N THR D 441 -48.31 3.18 38.86
CA THR D 441 -47.87 2.77 40.19
C THR D 441 -48.48 3.67 41.25
N LEU D 442 -48.57 4.98 40.97
CA LEU D 442 -49.02 5.95 41.95
C LEU D 442 -50.50 5.78 42.28
N VAL D 443 -51.34 5.52 41.27
CA VAL D 443 -52.77 5.40 41.54
CA VAL D 443 -52.77 5.39 41.50
C VAL D 443 -53.11 4.15 42.32
N GLN D 444 -52.21 3.18 42.41
CA GLN D 444 -52.43 2.01 43.25
C GLN D 444 -52.25 2.32 44.74
N HIS D 445 -51.72 3.48 45.10
CA HIS D 445 -51.68 3.85 46.51
C HIS D 445 -53.09 4.20 46.98
N PRO D 446 -53.53 3.68 48.12
CA PRO D 446 -54.93 3.89 48.53
C PRO D 446 -55.28 5.35 48.75
N GLY D 447 -54.31 6.23 48.98
CA GLY D 447 -54.57 7.64 49.15
C GLY D 447 -54.57 8.47 47.88
N VAL D 448 -54.12 7.89 46.78
CA VAL D 448 -54.06 8.64 45.53
C VAL D 448 -55.34 8.40 44.73
N LEU D 449 -55.85 9.48 44.12
CA LEU D 449 -57.03 9.43 43.29
C LEU D 449 -56.69 9.51 41.80
N GLU D 450 -55.85 10.48 41.41
CA GLU D 450 -55.36 10.60 40.05
C GLU D 450 -53.90 11.02 40.11
N ALA D 451 -53.18 10.78 39.02
CA ALA D 451 -51.78 11.14 38.96
C ALA D 451 -51.36 11.35 37.51
N ALA D 452 -50.52 12.36 37.31
CA ALA D 452 -49.91 12.66 36.03
C ALA D 452 -48.42 12.86 36.27
N VAL D 453 -47.60 12.28 35.42
CA VAL D 453 -46.16 12.44 35.49
C VAL D 453 -45.68 13.05 34.19
N VAL D 454 -44.84 14.08 34.31
CA VAL D 454 -44.23 14.75 33.17
C VAL D 454 -42.75 14.91 33.44
N GLY D 455 -42.00 15.18 32.37
CA GLY D 455 -40.58 15.48 32.49
C GLY D 455 -40.36 16.96 32.77
N VAL D 456 -39.47 17.24 33.72
CA VAL D 456 -39.12 18.60 34.11
C VAL D 456 -37.60 18.69 34.23
N ALA D 457 -37.03 19.80 33.77
CA ALA D 457 -35.58 19.99 33.84
C ALA D 457 -35.16 20.38 35.25
N ASP D 458 -34.12 19.74 35.76
CA ASP D 458 -33.55 20.05 37.08
C ASP D 458 -32.60 21.24 36.93
N GLU D 459 -31.82 21.49 37.98
CA GLU D 459 -30.84 22.61 37.99
C GLU D 459 -29.91 22.48 36.77
N HIS D 460 -29.44 21.27 36.50
CA HIS D 460 -28.53 21.03 35.34
C HIS D 460 -29.36 20.93 34.05
N GLY D 461 -30.64 20.63 34.13
CA GLY D 461 -31.42 20.52 32.87
C GLY D 461 -31.62 19.07 32.46
N LEU D 462 -31.14 18.12 33.27
CA LEU D 462 -31.30 16.67 32.99
C LEU D 462 -32.73 16.27 33.35
N THR D 463 -33.60 16.11 32.34
CA THR D 463 -34.99 15.75 32.55
C THR D 463 -35.12 14.73 33.67
N LYS D 464 -36.01 15.01 34.63
CA LYS D 464 -36.39 14.11 35.70
C LYS D 464 -37.91 14.04 35.73
N PRO D 465 -38.48 12.95 36.25
CA PRO D 465 -39.94 12.86 36.30
C PRO D 465 -40.46 13.77 37.38
N LYS D 466 -41.68 14.24 37.20
CA LYS D 466 -42.34 15.04 38.21
C LYS D 466 -43.80 14.61 38.26
N ALA D 467 -44.30 14.40 39.48
CA ALA D 467 -45.63 13.83 39.69
C ALA D 467 -46.58 14.91 40.16
N TYR D 468 -47.72 15.03 39.47
CA TYR D 468 -48.85 15.84 39.92
C TYR D 468 -49.96 14.89 40.35
N VAL D 469 -50.30 14.93 41.64
CA VAL D 469 -51.13 13.94 42.31
C VAL D 469 -52.35 14.61 42.88
N VAL D 470 -53.53 14.07 42.59
CA VAL D 470 -54.76 14.44 43.28
C VAL D 470 -54.97 13.44 44.41
N PRO D 471 -54.92 13.86 45.67
CA PRO D 471 -55.13 12.91 46.76
C PRO D 471 -56.60 12.55 46.91
N ARG D 472 -56.83 11.37 47.49
CA ARG D 472 -58.19 10.91 47.75
C ARG D 472 -58.70 11.55 49.04
N PRO D 473 -59.78 12.33 48.99
CA PRO D 473 -60.32 12.92 50.23
C PRO D 473 -60.57 11.86 51.30
N GLY D 474 -60.50 12.28 52.56
CA GLY D 474 -60.69 11.37 53.65
C GLY D 474 -59.51 10.48 53.96
N GLN D 475 -58.45 10.56 53.17
CA GLN D 475 -57.20 9.85 53.43
C GLN D 475 -56.14 10.87 53.82
N THR D 476 -55.26 10.48 54.75
CA THR D 476 -54.19 11.36 55.23
C THR D 476 -52.95 11.02 54.43
N LEU D 477 -52.81 11.68 53.28
CA LEU D 477 -51.72 11.44 52.35
C LEU D 477 -50.56 12.43 52.50
N SER D 478 -49.35 11.92 52.40
CA SER D 478 -48.16 12.74 52.56
C SER D 478 -47.04 12.23 51.67
N GLU D 479 -46.23 13.14 51.14
CA GLU D 479 -45.10 12.71 50.31
C GLU D 479 -44.22 11.72 51.06
N THR D 480 -44.10 11.90 52.38
CA THR D 480 -43.28 10.99 53.18
C THR D 480 -43.73 9.55 52.96
N GLU D 481 -45.03 9.30 53.08
CA GLU D 481 -45.54 7.95 52.84
C GLU D 481 -45.45 7.60 51.36
N LEU D 482 -45.69 8.56 50.48
CA LEU D 482 -45.65 8.27 49.04
C LEU D 482 -44.25 7.81 48.62
N LYS D 483 -43.22 8.43 49.18
CA LYS D 483 -41.85 8.04 48.83
C LYS D 483 -41.58 6.60 49.21
N THR D 484 -41.99 6.18 50.41
CA THR D 484 -41.77 4.79 50.81
C THR D 484 -42.60 3.82 49.97
N PHE D 485 -43.82 4.23 49.61
CA PHE D 485 -44.66 3.39 48.77
C PHE D 485 -43.98 3.05 47.45
N ILE D 486 -43.27 4.01 46.84
CA ILE D 486 -42.63 3.75 45.55
C ILE D 486 -41.22 3.23 45.68
N LYS D 487 -40.61 3.30 46.86
CA LYS D 487 -39.23 2.87 47.04
C LYS D 487 -38.98 1.50 46.41
N ASP D 488 -39.73 0.50 46.85
CA ASP D 488 -39.51 -0.87 46.38
C ASP D 488 -40.31 -1.21 45.12
N ARG D 489 -41.11 -0.27 44.60
CA ARG D 489 -41.94 -0.55 43.45
C ARG D 489 -41.36 -0.03 42.14
N LEU D 490 -40.40 0.89 42.20
CA LEU D 490 -39.79 1.47 41.01
C LEU D 490 -38.28 1.57 41.18
N ALA D 491 -37.55 1.34 40.09
CA ALA D 491 -36.13 1.61 40.00
C ALA D 491 -35.84 3.04 40.47
N PRO D 492 -34.72 3.26 41.17
CA PRO D 492 -34.42 4.61 41.69
C PRO D 492 -34.47 5.71 40.65
N TYR D 493 -33.97 5.48 39.43
CA TYR D 493 -33.95 6.54 38.45
C TYR D 493 -35.35 6.97 38.02
N LYS D 494 -36.36 6.14 38.31
CA LYS D 494 -37.76 6.46 38.02
C LYS D 494 -38.40 7.32 39.11
N TYR D 495 -37.77 7.48 40.26
CA TYR D 495 -38.41 8.21 41.35
C TYR D 495 -38.75 9.63 40.89
N PRO D 496 -39.99 10.08 41.10
CA PRO D 496 -40.28 11.50 40.81
C PRO D 496 -39.36 12.41 41.62
N ARG D 497 -38.74 13.38 40.96
CA ARG D 497 -37.84 14.29 41.67
C ARG D 497 -38.59 15.08 42.73
N SER D 498 -39.84 15.45 42.44
CA SER D 498 -40.70 16.05 43.44
C SER D 498 -42.13 15.65 43.12
N THR D 499 -43.00 15.81 44.11
CA THR D 499 -44.43 15.56 43.93
C THR D 499 -45.21 16.78 44.38
N VAL D 500 -46.09 17.25 43.50
CA VAL D 500 -46.95 18.41 43.78
C VAL D 500 -48.36 17.89 43.95
N PHE D 501 -48.94 18.13 45.13
CA PHE D 501 -50.30 17.73 45.40
C PHE D 501 -51.20 18.85 44.90
N VAL D 502 -52.23 18.48 44.17
CA VAL D 502 -53.14 19.46 43.57
C VAL D 502 -54.56 18.95 43.73
N ALA D 503 -55.51 19.87 43.75
CA ALA D 503 -56.90 19.49 43.96
C ALA D 503 -57.54 18.88 42.73
N GLU D 504 -56.99 19.15 41.55
CA GLU D 504 -57.53 18.58 40.32
C GLU D 504 -56.51 18.77 39.20
N LEU D 505 -56.60 17.93 38.22
CA LEU D 505 -55.67 18.05 37.11
C LEU D 505 -56.32 18.75 35.94
N PRO D 506 -55.55 19.47 35.14
CA PRO D 506 -56.11 20.10 33.94
C PRO D 506 -56.44 19.07 32.88
N LYS D 507 -57.71 19.08 32.43
CA LYS D 507 -58.20 18.14 31.39
C LYS D 507 -58.33 18.85 30.03
N THR D 508 -58.50 18.04 28.99
CA THR D 508 -58.68 18.53 27.61
C THR D 508 -60.13 18.98 27.45
N ALA D 509 -60.87 18.33 26.56
CA ALA D 509 -62.28 18.73 26.35
C ALA D 509 -63.19 17.52 26.58
N THR D 510 -62.61 16.41 27.00
CA THR D 510 -63.34 15.12 27.17
C THR D 510 -62.75 14.35 28.35
N GLY D 511 -61.77 14.95 29.04
CA GLY D 511 -61.12 14.31 30.17
C GLY D 511 -59.69 13.87 29.97
N LYS D 512 -59.07 14.19 28.85
CA LYS D 512 -57.66 13.85 28.64
C LYS D 512 -56.78 14.84 29.37
N ILE D 513 -55.78 14.33 30.09
CA ILE D 513 -54.94 15.20 30.89
C ILE D 513 -54.12 16.10 29.98
N GLN D 514 -54.09 17.39 30.31
CA GLN D 514 -53.34 18.35 29.49
C GLN D 514 -51.90 18.40 30.00
N ARG D 515 -51.16 17.35 29.61
CA ARG D 515 -49.80 17.22 30.13
C ARG D 515 -48.93 18.42 29.76
N PHE D 516 -49.23 19.07 28.65
CA PHE D 516 -48.45 20.22 28.24
C PHE D 516 -48.48 21.33 29.29
N LYS D 517 -49.64 21.56 29.88
CA LYS D 517 -49.77 22.59 30.90
C LYS D 517 -48.91 22.28 32.11
N LEU D 518 -48.86 21.01 32.52
CA LEU D 518 -48.03 20.62 33.65
C LEU D 518 -46.55 20.87 33.37
N ARG D 519 -46.08 20.47 32.19
CA ARG D 519 -44.71 20.76 31.78
C ARG D 519 -44.41 22.25 31.80
N GLU D 520 -45.37 23.06 31.35
CA GLU D 520 -45.13 24.50 31.22
C GLU D 520 -45.26 25.25 32.55
N GLY D 521 -45.67 24.56 33.62
CA GLY D 521 -45.67 25.15 34.94
C GLY D 521 -46.96 25.78 35.41
N VAL D 522 -48.07 25.54 34.70
CA VAL D 522 -49.37 26.12 35.03
C VAL D 522 -49.79 25.86 36.48
N LEU D 523 -49.16 24.90 37.15
CA LEU D 523 -49.60 24.49 38.48
C LEU D 523 -48.46 23.96 39.34
#